data_3FR2
# 
_entry.id   3FR2 
# 
_audit_conform.dict_name       mmcif_pdbx.dic 
_audit_conform.dict_version    5.387 
_audit_conform.dict_location   http://mmcif.pdb.org/dictionaries/ascii/mmcif_pdbx.dic 
# 
loop_
_database_2.database_id 
_database_2.database_code 
_database_2.pdbx_database_accession 
_database_2.pdbx_DOI 
PDB   3FR2         pdb_00003fr2 10.2210/pdb3fr2/pdb 
RCSB  RCSB050936   ?            ?                   
WWPDB D_1000050936 ?            ?                   
# 
loop_
_pdbx_audit_revision_history.ordinal 
_pdbx_audit_revision_history.data_content_type 
_pdbx_audit_revision_history.major_revision 
_pdbx_audit_revision_history.minor_revision 
_pdbx_audit_revision_history.revision_date 
1 'Structure model' 1 0 2009-03-10 
2 'Structure model' 1 1 2011-07-13 
3 'Structure model' 1 2 2018-01-24 
4 'Structure model' 1 3 2024-02-21 
# 
_pdbx_audit_revision_details.ordinal             1 
_pdbx_audit_revision_details.revision_ordinal    1 
_pdbx_audit_revision_details.data_content_type   'Structure model' 
_pdbx_audit_revision_details.provider            repository 
_pdbx_audit_revision_details.type                'Initial release' 
_pdbx_audit_revision_details.description         ? 
_pdbx_audit_revision_details.details             ? 
# 
loop_
_pdbx_audit_revision_group.ordinal 
_pdbx_audit_revision_group.revision_ordinal 
_pdbx_audit_revision_group.data_content_type 
_pdbx_audit_revision_group.group 
1 2 'Structure model' 'Version format compliance' 
2 3 'Structure model' 'Structure summary'         
3 4 'Structure model' 'Data collection'           
4 4 'Structure model' 'Database references'       
5 4 'Structure model' 'Derived calculations'      
# 
loop_
_pdbx_audit_revision_category.ordinal 
_pdbx_audit_revision_category.revision_ordinal 
_pdbx_audit_revision_category.data_content_type 
_pdbx_audit_revision_category.category 
1 3 'Structure model' audit_author   
2 4 'Structure model' chem_comp_atom 
3 4 'Structure model' chem_comp_bond 
4 4 'Structure model' database_2     
5 4 'Structure model' struct_site    
# 
loop_
_pdbx_audit_revision_item.ordinal 
_pdbx_audit_revision_item.revision_ordinal 
_pdbx_audit_revision_item.data_content_type 
_pdbx_audit_revision_item.item 
1 3 'Structure model' '_audit_author.name'                  
2 4 'Structure model' '_database_2.pdbx_DOI'                
3 4 'Structure model' '_database_2.pdbx_database_accession' 
4 4 'Structure model' '_struct_site.pdbx_auth_asym_id'      
5 4 'Structure model' '_struct_site.pdbx_auth_comp_id'      
6 4 'Structure model' '_struct_site.pdbx_auth_seq_id'       
# 
_pdbx_database_status.status_code                     REL 
_pdbx_database_status.entry_id                        3FR2 
_pdbx_database_status.recvd_initial_deposition_date   2009-01-08 
_pdbx_database_status.deposit_site                    RCSB 
_pdbx_database_status.process_site                    RCSB 
_pdbx_database_status.status_code_sf                  REL 
_pdbx_database_status.status_code_mr                  ? 
_pdbx_database_status.SG_entry                        ? 
_pdbx_database_status.pdb_format_compatible           Y 
_pdbx_database_status.status_code_cs                  ? 
_pdbx_database_status.methods_development_category    ? 
_pdbx_database_status.status_code_nmr_data            ? 
# 
loop_
_pdbx_database_related.db_name 
_pdbx_database_related.db_id 
_pdbx_database_related.details 
_pdbx_database_related.content_type 
PDB 3FR4 . unspecified 
PDB 3FR5 . unspecified 
# 
loop_
_audit_author.name 
_audit_author.pdbx_ordinal 
'Barf, T.'      1  
'Hammer, K.'    2  
'Lehmann, F.'   3  
'Haile, S.'     4  
'Axen, E.'      5  
'Medina, C.'    6  
'Rondahl, L.'   7  
'Uppenberg, J.' 8  
'Svensson, S.'  9  
'Lundb ck, T.'  10 
# 
_citation.id                        primary 
_citation.title                     
;N-Benzyl-indolo carboxylic acids: Design and synthesis of potent and selective adipocyte fatty-acid binding protein (A-FABP) inhibitors.
;
_citation.journal_abbrev            Bioorg.Med.Chem.Lett. 
_citation.journal_volume            19 
_citation.page_first                1745 
_citation.page_last                 1748 
_citation.year                      2009 
_citation.journal_id_ASTM           BMCLE8 
_citation.country                   UK 
_citation.journal_id_ISSN           0960-894X 
_citation.journal_id_CSD            1127 
_citation.book_publisher            ? 
_citation.pdbx_database_id_PubMed   19217286 
_citation.pdbx_database_id_DOI      10.1016/j.bmcl.2009.01.084 
# 
loop_
_citation_author.citation_id 
_citation_author.name 
_citation_author.ordinal 
_citation_author.identifier_ORCID 
primary 'Barf, T.'      1  ? 
primary 'Lehmann, F.'   2  ? 
primary 'Hammer, K.'    3  ? 
primary 'Haile, S.'     4  ? 
primary 'Axen, E.'      5  ? 
primary 'Medina, C.'    6  ? 
primary 'Uppenberg, J.' 7  ? 
primary 'Svensson, S.'  8  ? 
primary 'Rondahl, L.'   9  ? 
primary 'Lundback, T.'  10 ? 
# 
loop_
_entity.id 
_entity.type 
_entity.src_method 
_entity.pdbx_description 
_entity.formula_weight 
_entity.pdbx_number_of_molecules 
_entity.pdbx_ec 
_entity.pdbx_mutation 
_entity.pdbx_fragment 
_entity.details 
1 polymer     man 'Fatty acid-binding protein, adipocyte'                      14608.702 1   ? ? ? ? 
2 non-polymer syn '9-benzyl-2,3,4,9-tetrahydro-1H-carbazole-8-carboxylic acid' 305.370   1   ? ? ? ? 
3 water       nat water                                                        18.015    154 ? ? ? ? 
# 
_entity_name_com.entity_id   1 
_entity_name_com.name        'A-FABP, AFABP, Fatty acid-binding protein 4, Adipocyte lipid-binding protein, ALBP' 
# 
_entity_poly.entity_id                      1 
_entity_poly.type                           'polypeptide(L)' 
_entity_poly.nstd_linkage                   no 
_entity_poly.nstd_monomer                   no 
_entity_poly.pdbx_seq_one_letter_code       
;CDAFVGTWKLVSSENFDDYMKEVGVGFATRKVAGMAKPNMIISVNGDVITIKSESTFKNTEISFILGQEFDEVTADDRKV
KSTITLDGGVLVHVQKWDGKSTTIKRKREDDKLVVECVMKGVTSTRVYERA
;
_entity_poly.pdbx_seq_one_letter_code_can   
;CDAFVGTWKLVSSENFDDYMKEVGVGFATRKVAGMAKPNMIISVNGDVITIKSESTFKNTEISFILGQEFDEVTADDRKV
KSTITLDGGVLVHVQKWDGKSTTIKRKREDDKLVVECVMKGVTSTRVYERA
;
_entity_poly.pdbx_strand_id                 A 
_entity_poly.pdbx_target_identifier         ? 
# 
loop_
_pdbx_entity_nonpoly.entity_id 
_pdbx_entity_nonpoly.name 
_pdbx_entity_nonpoly.comp_id 
2 '9-benzyl-2,3,4,9-tetrahydro-1H-carbazole-8-carboxylic acid' 8CA 
3 water                                                        HOH 
# 
loop_
_entity_poly_seq.entity_id 
_entity_poly_seq.num 
_entity_poly_seq.mon_id 
_entity_poly_seq.hetero 
1 1   CYS n 
1 2   ASP n 
1 3   ALA n 
1 4   PHE n 
1 5   VAL n 
1 6   GLY n 
1 7   THR n 
1 8   TRP n 
1 9   LYS n 
1 10  LEU n 
1 11  VAL n 
1 12  SER n 
1 13  SER n 
1 14  GLU n 
1 15  ASN n 
1 16  PHE n 
1 17  ASP n 
1 18  ASP n 
1 19  TYR n 
1 20  MET n 
1 21  LYS n 
1 22  GLU n 
1 23  VAL n 
1 24  GLY n 
1 25  VAL n 
1 26  GLY n 
1 27  PHE n 
1 28  ALA n 
1 29  THR n 
1 30  ARG n 
1 31  LYS n 
1 32  VAL n 
1 33  ALA n 
1 34  GLY n 
1 35  MET n 
1 36  ALA n 
1 37  LYS n 
1 38  PRO n 
1 39  ASN n 
1 40  MET n 
1 41  ILE n 
1 42  ILE n 
1 43  SER n 
1 44  VAL n 
1 45  ASN n 
1 46  GLY n 
1 47  ASP n 
1 48  VAL n 
1 49  ILE n 
1 50  THR n 
1 51  ILE n 
1 52  LYS n 
1 53  SER n 
1 54  GLU n 
1 55  SER n 
1 56  THR n 
1 57  PHE n 
1 58  LYS n 
1 59  ASN n 
1 60  THR n 
1 61  GLU n 
1 62  ILE n 
1 63  SER n 
1 64  PHE n 
1 65  ILE n 
1 66  LEU n 
1 67  GLY n 
1 68  GLN n 
1 69  GLU n 
1 70  PHE n 
1 71  ASP n 
1 72  GLU n 
1 73  VAL n 
1 74  THR n 
1 75  ALA n 
1 76  ASP n 
1 77  ASP n 
1 78  ARG n 
1 79  LYS n 
1 80  VAL n 
1 81  LYS n 
1 82  SER n 
1 83  THR n 
1 84  ILE n 
1 85  THR n 
1 86  LEU n 
1 87  ASP n 
1 88  GLY n 
1 89  GLY n 
1 90  VAL n 
1 91  LEU n 
1 92  VAL n 
1 93  HIS n 
1 94  VAL n 
1 95  GLN n 
1 96  LYS n 
1 97  TRP n 
1 98  ASP n 
1 99  GLY n 
1 100 LYS n 
1 101 SER n 
1 102 THR n 
1 103 THR n 
1 104 ILE n 
1 105 LYS n 
1 106 ARG n 
1 107 LYS n 
1 108 ARG n 
1 109 GLU n 
1 110 ASP n 
1 111 ASP n 
1 112 LYS n 
1 113 LEU n 
1 114 VAL n 
1 115 VAL n 
1 116 GLU n 
1 117 CYS n 
1 118 VAL n 
1 119 MET n 
1 120 LYS n 
1 121 GLY n 
1 122 VAL n 
1 123 THR n 
1 124 SER n 
1 125 THR n 
1 126 ARG n 
1 127 VAL n 
1 128 TYR n 
1 129 GLU n 
1 130 ARG n 
1 131 ALA n 
# 
_entity_src_gen.entity_id                          1 
_entity_src_gen.pdbx_src_id                        1 
_entity_src_gen.pdbx_alt_source_flag               sample 
_entity_src_gen.pdbx_seq_type                      ? 
_entity_src_gen.pdbx_beg_seq_num                   ? 
_entity_src_gen.pdbx_end_seq_num                   ? 
_entity_src_gen.gene_src_common_name               human 
_entity_src_gen.gene_src_genus                     ? 
_entity_src_gen.pdbx_gene_src_gene                 FABP4 
_entity_src_gen.gene_src_species                   ? 
_entity_src_gen.gene_src_strain                    ? 
_entity_src_gen.gene_src_tissue                    ? 
_entity_src_gen.gene_src_tissue_fraction           ? 
_entity_src_gen.gene_src_details                   ? 
_entity_src_gen.pdbx_gene_src_fragment             ? 
_entity_src_gen.pdbx_gene_src_scientific_name      'Homo sapiens' 
_entity_src_gen.pdbx_gene_src_ncbi_taxonomy_id     9606 
_entity_src_gen.pdbx_gene_src_variant              ? 
_entity_src_gen.pdbx_gene_src_cell_line            ? 
_entity_src_gen.pdbx_gene_src_atcc                 ? 
_entity_src_gen.pdbx_gene_src_organ                ? 
_entity_src_gen.pdbx_gene_src_organelle            ? 
_entity_src_gen.pdbx_gene_src_cell                 ? 
_entity_src_gen.pdbx_gene_src_cellular_location    ? 
_entity_src_gen.host_org_common_name               ? 
_entity_src_gen.pdbx_host_org_scientific_name      'Escherichia coli' 
_entity_src_gen.pdbx_host_org_ncbi_taxonomy_id     562 
_entity_src_gen.host_org_genus                     ? 
_entity_src_gen.pdbx_host_org_gene                 ? 
_entity_src_gen.pdbx_host_org_organ                ? 
_entity_src_gen.host_org_species                   ? 
_entity_src_gen.pdbx_host_org_tissue               ? 
_entity_src_gen.pdbx_host_org_tissue_fraction      ? 
_entity_src_gen.pdbx_host_org_strain               ? 
_entity_src_gen.pdbx_host_org_variant              ? 
_entity_src_gen.pdbx_host_org_cell_line            ? 
_entity_src_gen.pdbx_host_org_atcc                 ? 
_entity_src_gen.pdbx_host_org_culture_collection   ? 
_entity_src_gen.pdbx_host_org_cell                 ? 
_entity_src_gen.pdbx_host_org_organelle            ? 
_entity_src_gen.pdbx_host_org_cellular_location    ? 
_entity_src_gen.pdbx_host_org_vector_type          ? 
_entity_src_gen.pdbx_host_org_vector               ? 
_entity_src_gen.host_org_details                   ? 
_entity_src_gen.expression_system_id               ? 
_entity_src_gen.plasmid_name                       ? 
_entity_src_gen.plasmid_details                    ? 
_entity_src_gen.pdbx_description                   ? 
# 
loop_
_chem_comp.id 
_chem_comp.type 
_chem_comp.mon_nstd_flag 
_chem_comp.name 
_chem_comp.pdbx_synonyms 
_chem_comp.formula 
_chem_comp.formula_weight 
8CA non-polymer         . '9-benzyl-2,3,4,9-tetrahydro-1H-carbazole-8-carboxylic acid' ? 'C20 H19 N O2'   305.370 
ALA 'L-peptide linking' y ALANINE                                                      ? 'C3 H7 N O2'     89.093  
ARG 'L-peptide linking' y ARGININE                                                     ? 'C6 H15 N4 O2 1' 175.209 
ASN 'L-peptide linking' y ASPARAGINE                                                   ? 'C4 H8 N2 O3'    132.118 
ASP 'L-peptide linking' y 'ASPARTIC ACID'                                              ? 'C4 H7 N O4'     133.103 
CYS 'L-peptide linking' y CYSTEINE                                                     ? 'C3 H7 N O2 S'   121.158 
GLN 'L-peptide linking' y GLUTAMINE                                                    ? 'C5 H10 N2 O3'   146.144 
GLU 'L-peptide linking' y 'GLUTAMIC ACID'                                              ? 'C5 H9 N O4'     147.129 
GLY 'peptide linking'   y GLYCINE                                                      ? 'C2 H5 N O2'     75.067  
HIS 'L-peptide linking' y HISTIDINE                                                    ? 'C6 H10 N3 O2 1' 156.162 
HOH non-polymer         . WATER                                                        ? 'H2 O'           18.015  
ILE 'L-peptide linking' y ISOLEUCINE                                                   ? 'C6 H13 N O2'    131.173 
LEU 'L-peptide linking' y LEUCINE                                                      ? 'C6 H13 N O2'    131.173 
LYS 'L-peptide linking' y LYSINE                                                       ? 'C6 H15 N2 O2 1' 147.195 
MET 'L-peptide linking' y METHIONINE                                                   ? 'C5 H11 N O2 S'  149.211 
PHE 'L-peptide linking' y PHENYLALANINE                                                ? 'C9 H11 N O2'    165.189 
PRO 'L-peptide linking' y PROLINE                                                      ? 'C5 H9 N O2'     115.130 
SER 'L-peptide linking' y SERINE                                                       ? 'C3 H7 N O3'     105.093 
THR 'L-peptide linking' y THREONINE                                                    ? 'C4 H9 N O3'     119.119 
TRP 'L-peptide linking' y TRYPTOPHAN                                                   ? 'C11 H12 N2 O2'  204.225 
TYR 'L-peptide linking' y TYROSINE                                                     ? 'C9 H11 N O3'    181.189 
VAL 'L-peptide linking' y VALINE                                                       ? 'C5 H11 N O2'    117.146 
# 
loop_
_pdbx_poly_seq_scheme.asym_id 
_pdbx_poly_seq_scheme.entity_id 
_pdbx_poly_seq_scheme.seq_id 
_pdbx_poly_seq_scheme.mon_id 
_pdbx_poly_seq_scheme.ndb_seq_num 
_pdbx_poly_seq_scheme.pdb_seq_num 
_pdbx_poly_seq_scheme.auth_seq_num 
_pdbx_poly_seq_scheme.pdb_mon_id 
_pdbx_poly_seq_scheme.auth_mon_id 
_pdbx_poly_seq_scheme.pdb_strand_id 
_pdbx_poly_seq_scheme.pdb_ins_code 
_pdbx_poly_seq_scheme.hetero 
A 1 1   CYS 1   1   1   CYS CYS A . n 
A 1 2   ASP 2   2   2   ASP ASP A . n 
A 1 3   ALA 3   3   3   ALA ALA A . n 
A 1 4   PHE 4   4   4   PHE PHE A . n 
A 1 5   VAL 5   5   5   VAL VAL A . n 
A 1 6   GLY 6   6   6   GLY GLY A . n 
A 1 7   THR 7   7   7   THR THR A . n 
A 1 8   TRP 8   8   8   TRP TRP A . n 
A 1 9   LYS 9   9   9   LYS LYS A . n 
A 1 10  LEU 10  10  10  LEU LEU A . n 
A 1 11  VAL 11  11  11  VAL VAL A . n 
A 1 12  SER 12  12  12  SER SER A . n 
A 1 13  SER 13  13  13  SER SER A . n 
A 1 14  GLU 14  14  14  GLU GLU A . n 
A 1 15  ASN 15  15  15  ASN ASN A . n 
A 1 16  PHE 16  16  16  PHE PHE A . n 
A 1 17  ASP 17  17  17  ASP ASP A . n 
A 1 18  ASP 18  18  18  ASP ASP A . n 
A 1 19  TYR 19  19  19  TYR TYR A . n 
A 1 20  MET 20  20  20  MET MET A . n 
A 1 21  LYS 21  21  21  LYS LYS A . n 
A 1 22  GLU 22  22  22  GLU GLU A . n 
A 1 23  VAL 23  23  23  VAL VAL A . n 
A 1 24  GLY 24  24  24  GLY GLY A . n 
A 1 25  VAL 25  25  25  VAL VAL A . n 
A 1 26  GLY 26  26  26  GLY GLY A . n 
A 1 27  PHE 27  27  27  PHE PHE A . n 
A 1 28  ALA 28  28  28  ALA ALA A . n 
A 1 29  THR 29  29  29  THR THR A . n 
A 1 30  ARG 30  30  30  ARG ARG A . n 
A 1 31  LYS 31  31  31  LYS LYS A . n 
A 1 32  VAL 32  32  32  VAL VAL A . n 
A 1 33  ALA 33  33  33  ALA ALA A . n 
A 1 34  GLY 34  34  34  GLY GLY A . n 
A 1 35  MET 35  35  35  MET MET A . n 
A 1 36  ALA 36  36  36  ALA ALA A . n 
A 1 37  LYS 37  37  37  LYS LYS A . n 
A 1 38  PRO 38  38  38  PRO PRO A . n 
A 1 39  ASN 39  39  39  ASN ASN A . n 
A 1 40  MET 40  40  40  MET MET A . n 
A 1 41  ILE 41  41  41  ILE ILE A . n 
A 1 42  ILE 42  42  42  ILE ILE A . n 
A 1 43  SER 43  43  43  SER SER A . n 
A 1 44  VAL 44  44  44  VAL VAL A . n 
A 1 45  ASN 45  45  45  ASN ASN A . n 
A 1 46  GLY 46  46  46  GLY GLY A . n 
A 1 47  ASP 47  47  47  ASP ASP A . n 
A 1 48  VAL 48  48  48  VAL VAL A . n 
A 1 49  ILE 49  49  49  ILE ILE A . n 
A 1 50  THR 50  50  50  THR THR A . n 
A 1 51  ILE 51  51  51  ILE ILE A . n 
A 1 52  LYS 52  52  52  LYS LYS A . n 
A 1 53  SER 53  53  53  SER SER A . n 
A 1 54  GLU 54  54  54  GLU GLU A . n 
A 1 55  SER 55  55  55  SER SER A . n 
A 1 56  THR 56  56  56  THR THR A . n 
A 1 57  PHE 57  57  57  PHE PHE A . n 
A 1 58  LYS 58  58  58  LYS LYS A . n 
A 1 59  ASN 59  59  59  ASN ASN A . n 
A 1 60  THR 60  60  60  THR THR A . n 
A 1 61  GLU 61  61  61  GLU GLU A . n 
A 1 62  ILE 62  62  62  ILE ILE A . n 
A 1 63  SER 63  63  63  SER SER A . n 
A 1 64  PHE 64  64  64  PHE PHE A . n 
A 1 65  ILE 65  65  65  ILE ILE A . n 
A 1 66  LEU 66  66  66  LEU LEU A . n 
A 1 67  GLY 67  67  67  GLY GLY A . n 
A 1 68  GLN 68  68  68  GLN GLN A . n 
A 1 69  GLU 69  69  69  GLU GLU A . n 
A 1 70  PHE 70  70  70  PHE PHE A . n 
A 1 71  ASP 71  71  71  ASP ASP A . n 
A 1 72  GLU 72  72  72  GLU GLU A . n 
A 1 73  VAL 73  73  73  VAL VAL A . n 
A 1 74  THR 74  74  74  THR THR A . n 
A 1 75  ALA 75  75  75  ALA ALA A . n 
A 1 76  ASP 76  76  76  ASP ASP A . n 
A 1 77  ASP 77  77  77  ASP ASP A . n 
A 1 78  ARG 78  78  78  ARG ARG A . n 
A 1 79  LYS 79  79  79  LYS LYS A . n 
A 1 80  VAL 80  80  80  VAL VAL A . n 
A 1 81  LYS 81  81  81  LYS LYS A . n 
A 1 82  SER 82  82  82  SER SER A . n 
A 1 83  THR 83  83  83  THR THR A . n 
A 1 84  ILE 84  84  84  ILE ILE A . n 
A 1 85  THR 85  85  85  THR THR A . n 
A 1 86  LEU 86  86  86  LEU LEU A . n 
A 1 87  ASP 87  87  87  ASP ASP A . n 
A 1 88  GLY 88  88  88  GLY GLY A . n 
A 1 89  GLY 89  89  89  GLY GLY A . n 
A 1 90  VAL 90  90  90  VAL VAL A . n 
A 1 91  LEU 91  91  91  LEU LEU A . n 
A 1 92  VAL 92  92  92  VAL VAL A . n 
A 1 93  HIS 93  93  93  HIS HIS A . n 
A 1 94  VAL 94  94  94  VAL VAL A . n 
A 1 95  GLN 95  95  95  GLN GLN A . n 
A 1 96  LYS 96  96  96  LYS LYS A . n 
A 1 97  TRP 97  97  97  TRP TRP A . n 
A 1 98  ASP 98  98  98  ASP ASP A . n 
A 1 99  GLY 99  99  99  GLY GLY A . n 
A 1 100 LYS 100 100 100 LYS LYS A . n 
A 1 101 SER 101 101 101 SER SER A . n 
A 1 102 THR 102 102 102 THR THR A . n 
A 1 103 THR 103 103 103 THR THR A . n 
A 1 104 ILE 104 104 104 ILE ILE A . n 
A 1 105 LYS 105 105 105 LYS LYS A . n 
A 1 106 ARG 106 106 106 ARG ARG A . n 
A 1 107 LYS 107 107 107 LYS LYS A . n 
A 1 108 ARG 108 108 108 ARG ARG A . n 
A 1 109 GLU 109 109 109 GLU GLU A . n 
A 1 110 ASP 110 110 110 ASP ASP A . n 
A 1 111 ASP 111 111 111 ASP ASP A . n 
A 1 112 LYS 112 112 112 LYS LYS A . n 
A 1 113 LEU 113 113 113 LEU LEU A . n 
A 1 114 VAL 114 114 114 VAL VAL A . n 
A 1 115 VAL 115 115 115 VAL VAL A . n 
A 1 116 GLU 116 116 116 GLU GLU A . n 
A 1 117 CYS 117 117 117 CYS CYS A . n 
A 1 118 VAL 118 118 118 VAL VAL A . n 
A 1 119 MET 119 119 119 MET MET A . n 
A 1 120 LYS 120 120 120 LYS LYS A . n 
A 1 121 GLY 121 121 121 GLY GLY A . n 
A 1 122 VAL 122 122 122 VAL VAL A . n 
A 1 123 THR 123 123 123 THR THR A . n 
A 1 124 SER 124 124 124 SER SER A . n 
A 1 125 THR 125 125 125 THR THR A . n 
A 1 126 ARG 126 126 126 ARG ARG A . n 
A 1 127 VAL 127 127 127 VAL VAL A . n 
A 1 128 TYR 128 128 128 TYR TYR A . n 
A 1 129 GLU 129 129 129 GLU GLU A . n 
A 1 130 ARG 130 130 130 ARG ARG A . n 
A 1 131 ALA 131 131 131 ALA ALA A . n 
# 
loop_
_pdbx_nonpoly_scheme.asym_id 
_pdbx_nonpoly_scheme.entity_id 
_pdbx_nonpoly_scheme.mon_id 
_pdbx_nonpoly_scheme.ndb_seq_num 
_pdbx_nonpoly_scheme.pdb_seq_num 
_pdbx_nonpoly_scheme.auth_seq_num 
_pdbx_nonpoly_scheme.pdb_mon_id 
_pdbx_nonpoly_scheme.auth_mon_id 
_pdbx_nonpoly_scheme.pdb_strand_id 
_pdbx_nonpoly_scheme.pdb_ins_code 
B 2 8CA 1   501 501 8CA 8CA A . 
C 3 HOH 1   132 132 HOH HOH A . 
C 3 HOH 2   133 133 HOH HOH A . 
C 3 HOH 3   134 134 HOH HOH A . 
C 3 HOH 4   135 135 HOH HOH A . 
C 3 HOH 5   136 136 HOH HOH A . 
C 3 HOH 6   137 137 HOH HOH A . 
C 3 HOH 7   138 138 HOH HOH A . 
C 3 HOH 8   139 1   HOH HOH A . 
C 3 HOH 9   140 140 HOH HOH A . 
C 3 HOH 10  141 141 HOH HOH A . 
C 3 HOH 11  142 142 HOH HOH A . 
C 3 HOH 12  143 143 HOH HOH A . 
C 3 HOH 13  144 144 HOH HOH A . 
C 3 HOH 14  145 145 HOH HOH A . 
C 3 HOH 15  146 146 HOH HOH A . 
C 3 HOH 16  147 147 HOH HOH A . 
C 3 HOH 17  148 148 HOH HOH A . 
C 3 HOH 18  149 149 HOH HOH A . 
C 3 HOH 19  150 150 HOH HOH A . 
C 3 HOH 20  151 2   HOH HOH A . 
C 3 HOH 21  152 152 HOH HOH A . 
C 3 HOH 22  153 153 HOH HOH A . 
C 3 HOH 23  154 154 HOH HOH A . 
C 3 HOH 24  155 155 HOH HOH A . 
C 3 HOH 25  156 156 HOH HOH A . 
C 3 HOH 26  157 157 HOH HOH A . 
C 3 HOH 27  158 158 HOH HOH A . 
C 3 HOH 28  159 159 HOH HOH A . 
C 3 HOH 29  160 160 HOH HOH A . 
C 3 HOH 30  161 161 HOH HOH A . 
C 3 HOH 31  162 162 HOH HOH A . 
C 3 HOH 32  163 163 HOH HOH A . 
C 3 HOH 33  164 164 HOH HOH A . 
C 3 HOH 34  165 165 HOH HOH A . 
C 3 HOH 35  166 166 HOH HOH A . 
C 3 HOH 36  167 167 HOH HOH A . 
C 3 HOH 37  168 3   HOH HOH A . 
C 3 HOH 38  169 169 HOH HOH A . 
C 3 HOH 39  170 4   HOH HOH A . 
C 3 HOH 40  171 171 HOH HOH A . 
C 3 HOH 41  172 5   HOH HOH A . 
C 3 HOH 42  173 7   HOH HOH A . 
C 3 HOH 43  174 8   HOH HOH A . 
C 3 HOH 44  175 9   HOH HOH A . 
C 3 HOH 45  176 10  HOH HOH A . 
C 3 HOH 46  177 12  HOH HOH A . 
C 3 HOH 47  178 15  HOH HOH A . 
C 3 HOH 48  179 16  HOH HOH A . 
C 3 HOH 49  180 17  HOH HOH A . 
C 3 HOH 50  181 18  HOH HOH A . 
C 3 HOH 51  182 19  HOH HOH A . 
C 3 HOH 52  183 20  HOH HOH A . 
C 3 HOH 53  184 21  HOH HOH A . 
C 3 HOH 54  185 22  HOH HOH A . 
C 3 HOH 55  186 23  HOH HOH A . 
C 3 HOH 56  187 24  HOH HOH A . 
C 3 HOH 57  188 25  HOH HOH A . 
C 3 HOH 58  189 26  HOH HOH A . 
C 3 HOH 59  190 27  HOH HOH A . 
C 3 HOH 60  191 28  HOH HOH A . 
C 3 HOH 61  192 29  HOH HOH A . 
C 3 HOH 62  193 30  HOH HOH A . 
C 3 HOH 63  194 31  HOH HOH A . 
C 3 HOH 64  195 32  HOH HOH A . 
C 3 HOH 65  196 33  HOH HOH A . 
C 3 HOH 66  197 34  HOH HOH A . 
C 3 HOH 67  198 35  HOH HOH A . 
C 3 HOH 68  199 36  HOH HOH A . 
C 3 HOH 69  200 37  HOH HOH A . 
C 3 HOH 70  201 38  HOH HOH A . 
C 3 HOH 71  202 39  HOH HOH A . 
C 3 HOH 72  203 40  HOH HOH A . 
C 3 HOH 73  204 41  HOH HOH A . 
C 3 HOH 74  205 42  HOH HOH A . 
C 3 HOH 75  206 43  HOH HOH A . 
C 3 HOH 76  207 44  HOH HOH A . 
C 3 HOH 77  208 45  HOH HOH A . 
C 3 HOH 78  209 46  HOH HOH A . 
C 3 HOH 79  210 47  HOH HOH A . 
C 3 HOH 80  211 48  HOH HOH A . 
C 3 HOH 81  212 49  HOH HOH A . 
C 3 HOH 82  213 50  HOH HOH A . 
C 3 HOH 83  214 51  HOH HOH A . 
C 3 HOH 84  215 53  HOH HOH A . 
C 3 HOH 85  216 54  HOH HOH A . 
C 3 HOH 86  217 55  HOH HOH A . 
C 3 HOH 87  218 56  HOH HOH A . 
C 3 HOH 88  219 57  HOH HOH A . 
C 3 HOH 89  220 58  HOH HOH A . 
C 3 HOH 90  221 59  HOH HOH A . 
C 3 HOH 91  222 60  HOH HOH A . 
C 3 HOH 92  223 61  HOH HOH A . 
C 3 HOH 93  224 62  HOH HOH A . 
C 3 HOH 94  225 63  HOH HOH A . 
C 3 HOH 95  226 64  HOH HOH A . 
C 3 HOH 96  227 66  HOH HOH A . 
C 3 HOH 97  228 67  HOH HOH A . 
C 3 HOH 98  229 68  HOH HOH A . 
C 3 HOH 99  230 69  HOH HOH A . 
C 3 HOH 100 231 70  HOH HOH A . 
C 3 HOH 101 232 71  HOH HOH A . 
C 3 HOH 102 233 72  HOH HOH A . 
C 3 HOH 103 234 73  HOH HOH A . 
C 3 HOH 104 235 74  HOH HOH A . 
C 3 HOH 105 236 75  HOH HOH A . 
C 3 HOH 106 237 76  HOH HOH A . 
C 3 HOH 107 238 77  HOH HOH A . 
C 3 HOH 108 239 78  HOH HOH A . 
C 3 HOH 109 240 79  HOH HOH A . 
C 3 HOH 110 241 80  HOH HOH A . 
C 3 HOH 111 242 81  HOH HOH A . 
C 3 HOH 112 243 82  HOH HOH A . 
C 3 HOH 113 244 83  HOH HOH A . 
C 3 HOH 114 245 84  HOH HOH A . 
C 3 HOH 115 246 85  HOH HOH A . 
C 3 HOH 116 247 86  HOH HOH A . 
C 3 HOH 117 248 87  HOH HOH A . 
C 3 HOH 118 249 88  HOH HOH A . 
C 3 HOH 119 250 89  HOH HOH A . 
C 3 HOH 120 251 90  HOH HOH A . 
C 3 HOH 121 252 91  HOH HOH A . 
C 3 HOH 122 253 92  HOH HOH A . 
C 3 HOH 123 254 93  HOH HOH A . 
C 3 HOH 124 255 94  HOH HOH A . 
C 3 HOH 125 256 95  HOH HOH A . 
C 3 HOH 126 257 96  HOH HOH A . 
C 3 HOH 127 258 97  HOH HOH A . 
C 3 HOH 128 259 98  HOH HOH A . 
C 3 HOH 129 260 99  HOH HOH A . 
C 3 HOH 130 261 102 HOH HOH A . 
C 3 HOH 131 262 103 HOH HOH A . 
C 3 HOH 132 263 105 HOH HOH A . 
C 3 HOH 133 264 106 HOH HOH A . 
C 3 HOH 134 265 107 HOH HOH A . 
C 3 HOH 135 266 108 HOH HOH A . 
C 3 HOH 136 267 109 HOH HOH A . 
C 3 HOH 137 268 110 HOH HOH A . 
C 3 HOH 138 269 111 HOH HOH A . 
C 3 HOH 139 270 112 HOH HOH A . 
C 3 HOH 140 271 113 HOH HOH A . 
C 3 HOH 141 272 114 HOH HOH A . 
C 3 HOH 142 273 115 HOH HOH A . 
C 3 HOH 143 274 116 HOH HOH A . 
C 3 HOH 144 275 117 HOH HOH A . 
C 3 HOH 145 276 118 HOH HOH A . 
C 3 HOH 146 277 119 HOH HOH A . 
C 3 HOH 147 278 120 HOH HOH A . 
C 3 HOH 148 279 121 HOH HOH A . 
C 3 HOH 149 280 123 HOH HOH A . 
C 3 HOH 150 281 124 HOH HOH A . 
C 3 HOH 151 282 125 HOH HOH A . 
C 3 HOH 152 283 126 HOH HOH A . 
C 3 HOH 153 284 130 HOH HOH A . 
C 3 HOH 154 285 131 HOH HOH A . 
# 
loop_
_software.name 
_software.classification 
_software.version 
_software.citation_id 
_software.pdbx_ordinal 
HKL-2000  'data collection' .   ? 1 
AMoRE     phasing           .   ? 2 
REFMAC    refinement        5.0 ? 3 
DENZO     'data reduction'  .   ? 4 
SCALEPACK 'data scaling'    .   ? 5 
# 
_cell.entry_id           3FR2 
_cell.length_a           71.960 
_cell.length_b           53.375 
_cell.length_c           32.000 
_cell.angle_alpha        90.00 
_cell.angle_beta         90.00 
_cell.angle_gamma        90.00 
_cell.Z_PDB              4 
_cell.pdbx_unique_axis   ? 
_cell.length_a_esd       ? 
_cell.length_b_esd       ? 
_cell.length_c_esd       ? 
_cell.angle_alpha_esd    ? 
_cell.angle_beta_esd     ? 
_cell.angle_gamma_esd    ? 
# 
_symmetry.entry_id                         3FR2 
_symmetry.space_group_name_H-M             'P 21 21 2' 
_symmetry.pdbx_full_space_group_name_H-M   ? 
_symmetry.cell_setting                     ? 
_symmetry.Int_Tables_number                18 
_symmetry.space_group_name_Hall            ? 
# 
_exptl.entry_id          3FR2 
_exptl.method            'X-RAY DIFFRACTION' 
_exptl.crystals_number   1 
# 
_exptl_crystal.id                    1 
_exptl_crystal.density_meas          ? 
_exptl_crystal.density_Matthews      2.10 
_exptl_crystal.density_percent_sol   41.52 
_exptl_crystal.description           ? 
_exptl_crystal.F_000                 ? 
_exptl_crystal.preparation           ? 
# 
_diffrn.id                     1 
_diffrn.ambient_temp           100 
_diffrn.ambient_temp_details   ? 
_diffrn.crystal_id             1 
# 
_diffrn_detector.diffrn_id              1 
_diffrn_detector.detector               'IMAGE PLATE' 
_diffrn_detector.type                   'RIGAKU RAXIS IV' 
_diffrn_detector.pdbx_collection_date   ? 
_diffrn_detector.details                ? 
# 
_diffrn_radiation.diffrn_id                        1 
_diffrn_radiation.wavelength_id                    1 
_diffrn_radiation.pdbx_monochromatic_or_laue_m_l   M 
_diffrn_radiation.monochromator                    'OSMIC MIRRORS' 
_diffrn_radiation.pdbx_diffrn_protocol             'SINGLE WAVELENGTH' 
_diffrn_radiation.pdbx_scattering_type             x-ray 
# 
_diffrn_radiation_wavelength.id           1 
_diffrn_radiation_wavelength.wavelength   1.5418 
_diffrn_radiation_wavelength.wt           1.0 
# 
_diffrn_source.diffrn_id                   1 
_diffrn_source.source                      'ROTATING ANODE' 
_diffrn_source.type                        RIGAKU 
_diffrn_source.pdbx_synchrotron_site       ? 
_diffrn_source.pdbx_synchrotron_beamline   ? 
_diffrn_source.pdbx_wavelength             ? 
_diffrn_source.pdbx_wavelength_list        1.5418 
# 
_reflns.entry_id                     3FR2 
_reflns.observed_criterion_sigma_I   ? 
_reflns.observed_criterion_sigma_F   ? 
_reflns.d_resolution_low             25 
_reflns.d_resolution_high            1.95 
_reflns.number_obs                   8439 
_reflns.number_all                   ? 
_reflns.percent_possible_obs         89.4 
_reflns.pdbx_Rmerge_I_obs            0.074 
_reflns.pdbx_Rsym_value              ? 
_reflns.pdbx_netI_over_sigmaI        18.7 
_reflns.B_iso_Wilson_estimate        ? 
_reflns.pdbx_redundancy              ? 
_reflns.R_free_details               ? 
_reflns.limit_h_max                  ? 
_reflns.limit_h_min                  ? 
_reflns.limit_k_max                  ? 
_reflns.limit_k_min                  ? 
_reflns.limit_l_max                  ? 
_reflns.limit_l_min                  ? 
_reflns.observed_criterion_F_max     ? 
_reflns.observed_criterion_F_min     ? 
_reflns.pdbx_chi_squared             ? 
_reflns.pdbx_scaling_rejects         ? 
_reflns.pdbx_diffrn_id               1 
_reflns.pdbx_ordinal                 1 
# 
_refine.entry_id                                 3FR2 
_refine.ls_number_reflns_obs                     5770 
_refine.ls_number_reflns_all                     ? 
_refine.pdbx_ls_sigma_I                          ? 
_refine.pdbx_ls_sigma_F                          ? 
_refine.pdbx_data_cutoff_high_absF               ? 
_refine.pdbx_data_cutoff_low_absF                ? 
_refine.pdbx_data_cutoff_high_rms_absF           ? 
_refine.ls_d_res_low                             15.00 
_refine.ls_d_res_high                            2.20 
_refine.ls_percent_reflns_obs                    91.06 
_refine.ls_R_factor_obs                          0.22425 
_refine.ls_R_factor_all                          ? 
_refine.ls_R_factor_R_work                       0.22072 
_refine.ls_R_factor_R_free                       0.29725 
_refine.ls_R_factor_R_free_error                 ? 
_refine.ls_R_factor_R_free_error_details         ? 
_refine.ls_percent_reflns_R_free                 4.6 
_refine.ls_number_reflns_R_free                  279 
_refine.ls_number_parameters                     ? 
_refine.ls_number_restraints                     ? 
_refine.occupancy_min                            ? 
_refine.occupancy_max                            ? 
_refine.correlation_coeff_Fo_to_Fc               0.911 
_refine.correlation_coeff_Fo_to_Fc_free          0.867 
_refine.B_iso_mean                               17.681 
_refine.aniso_B[1][1]                            -1.07 
_refine.aniso_B[2][2]                            -0.74 
_refine.aniso_B[3][3]                            1.81 
_refine.aniso_B[1][2]                            0.00 
_refine.aniso_B[1][3]                            0.00 
_refine.aniso_B[2][3]                            0.00 
_refine.solvent_model_details                    'BABINET MODEL WITH MASK' 
_refine.solvent_model_param_ksol                 ? 
_refine.solvent_model_param_bsol                 ? 
_refine.pdbx_solvent_vdw_probe_radii             1.40 
_refine.pdbx_solvent_ion_probe_radii             0.80 
_refine.pdbx_solvent_shrinkage_radii             0.80 
_refine.pdbx_ls_cross_valid_method               THROUGHOUT 
_refine.details                                  ? 
_refine.pdbx_starting_model                      ? 
_refine.pdbx_method_to_determine_struct          'MOLECULAR REPLACEMENT' 
_refine.pdbx_isotropic_thermal_model             ? 
_refine.pdbx_stereochemistry_target_values       'MAXIMUM LIKELIHOOD' 
_refine.pdbx_stereochem_target_val_spec_case     ? 
_refine.pdbx_R_Free_selection_details            RANDOM 
_refine.pdbx_overall_ESU_R                       0.563 
_refine.pdbx_overall_ESU_R_Free                  0.312 
_refine.overall_SU_ML                            0.212 
_refine.overall_SU_B                             8.350 
_refine.ls_redundancy_reflns_obs                 ? 
_refine.B_iso_min                                ? 
_refine.B_iso_max                                ? 
_refine.overall_SU_R_Cruickshank_DPI             ? 
_refine.overall_SU_R_free                        ? 
_refine.ls_wR_factor_R_free                      ? 
_refine.ls_wR_factor_R_work                      ? 
_refine.overall_FOM_free_R_set                   ? 
_refine.overall_FOM_work_R_set                   ? 
_refine.pdbx_overall_phase_error                 ? 
_refine.pdbx_refine_id                           'X-RAY DIFFRACTION' 
_refine.pdbx_diffrn_id                           1 
_refine.pdbx_TLS_residual_ADP_flag               ? 
_refine.pdbx_overall_SU_R_free_Cruickshank_DPI   ? 
_refine.pdbx_overall_SU_R_Blow_DPI               ? 
_refine.pdbx_overall_SU_R_free_Blow_DPI          ? 
# 
_refine_hist.pdbx_refine_id                   'X-RAY DIFFRACTION' 
_refine_hist.cycle_id                         LAST 
_refine_hist.pdbx_number_atoms_protein        1021 
_refine_hist.pdbx_number_atoms_nucleic_acid   0 
_refine_hist.pdbx_number_atoms_ligand         23 
_refine_hist.number_atoms_solvent             154 
_refine_hist.number_atoms_total               1198 
_refine_hist.d_res_high                       2.20 
_refine_hist.d_res_low                        15.00 
# 
loop_
_refine_ls_restr.type 
_refine_ls_restr.dev_ideal 
_refine_ls_restr.dev_ideal_target 
_refine_ls_restr.weight 
_refine_ls_restr.number 
_refine_ls_restr.pdbx_refine_id 
_refine_ls_restr.pdbx_restraint_function 
r_bond_refined_d             0.020  0.022  ? 1060 'X-RAY DIFFRACTION' ? 
r_bond_other_d               ?      ?      ? ?    'X-RAY DIFFRACTION' ? 
r_angle_refined_deg          1.861  1.973  ? 1427 'X-RAY DIFFRACTION' ? 
r_angle_other_deg            ?      ?      ? ?    'X-RAY DIFFRACTION' ? 
r_dihedral_angle_1_deg       4.662  3.000  ? 130  'X-RAY DIFFRACTION' ? 
r_dihedral_angle_2_deg       ?      ?      ? ?    'X-RAY DIFFRACTION' ? 
r_dihedral_angle_3_deg       18.552 15.000 ? 201  'X-RAY DIFFRACTION' ? 
r_dihedral_angle_4_deg       ?      ?      ? ?    'X-RAY DIFFRACTION' ? 
r_chiral_restr               0.112  0.200  ? 166  'X-RAY DIFFRACTION' ? 
r_gen_planes_refined         0.007  0.020  ? 766  'X-RAY DIFFRACTION' ? 
r_gen_planes_other           ?      ?      ? ?    'X-RAY DIFFRACTION' ? 
r_nbd_refined                0.244  0.300  ? 504  'X-RAY DIFFRACTION' ? 
r_nbd_other                  ?      ?      ? ?    'X-RAY DIFFRACTION' ? 
r_nbtor_refined              ?      ?      ? ?    'X-RAY DIFFRACTION' ? 
r_nbtor_other                ?      ?      ? ?    'X-RAY DIFFRACTION' ? 
r_xyhbond_nbd_refined        0.282  0.500  ? 182  'X-RAY DIFFRACTION' ? 
r_xyhbond_nbd_other          ?      ?      ? ?    'X-RAY DIFFRACTION' ? 
r_metal_ion_refined          ?      ?      ? ?    'X-RAY DIFFRACTION' ? 
r_metal_ion_other            ?      ?      ? ?    'X-RAY DIFFRACTION' ? 
r_symmetry_vdw_refined       0.409  0.300  ? 32   'X-RAY DIFFRACTION' ? 
r_symmetry_vdw_other         ?      ?      ? ?    'X-RAY DIFFRACTION' ? 
r_symmetry_hbond_refined     0.263  0.500  ? 15   'X-RAY DIFFRACTION' ? 
r_symmetry_hbond_other       ?      ?      ? ?    'X-RAY DIFFRACTION' ? 
r_symmetry_metal_ion_refined ?      ?      ? ?    'X-RAY DIFFRACTION' ? 
r_symmetry_metal_ion_other   ?      ?      ? ?    'X-RAY DIFFRACTION' ? 
r_mcbond_it                  0.994  1.500  ? 645  'X-RAY DIFFRACTION' ? 
r_mcbond_other               ?      ?      ? ?    'X-RAY DIFFRACTION' ? 
r_mcangle_it                 1.724  2.000  ? 1049 'X-RAY DIFFRACTION' ? 
r_scbond_it                  2.773  3.000  ? 415  'X-RAY DIFFRACTION' ? 
r_scangle_it                 4.323  4.500  ? 378  'X-RAY DIFFRACTION' ? 
r_rigid_bond_restr           ?      ?      ? ?    'X-RAY DIFFRACTION' ? 
r_sphericity_free            ?      ?      ? ?    'X-RAY DIFFRACTION' ? 
r_sphericity_bonded          ?      ?      ? ?    'X-RAY DIFFRACTION' ? 
# 
_refine_ls_shell.pdbx_total_number_of_bins_used   20 
_refine_ls_shell.d_res_high                       2.200 
_refine_ls_shell.d_res_low                        2.256 
_refine_ls_shell.number_reflns_R_work             260 
_refine_ls_shell.R_factor_R_work                  0.339 
_refine_ls_shell.percent_reflns_obs               ? 
_refine_ls_shell.R_factor_R_free                  0.557 
_refine_ls_shell.R_factor_R_free_error            ? 
_refine_ls_shell.percent_reflns_R_free            ? 
_refine_ls_shell.number_reflns_R_free             7 
_refine_ls_shell.number_reflns_all                ? 
_refine_ls_shell.R_factor_all                     ? 
_refine_ls_shell.number_reflns_obs                ? 
_refine_ls_shell.redundancy_reflns_obs            ? 
_refine_ls_shell.pdbx_refine_id                   'X-RAY DIFFRACTION' 
# 
_struct.entry_id                  3FR2 
_struct.title                     
;N-Benzyl-indolo carboxylic acids: Design and synthesis of potent and selective adipocyte Fatty-Acid Binding Protein (A-FABP) inhibitors
;
_struct.pdbx_model_details        ? 
_struct.pdbx_CASP_flag            ? 
_struct.pdbx_model_type_details   ? 
# 
_struct_keywords.entry_id        3FR2 
_struct_keywords.pdbx_keywords   'LIPID BINDING PROTEIN' 
_struct_keywords.text            
;selective adipocyte Fatty-Acid Binding Protein (A-FABP) inhibitors, Cytoplasm, Lipid-binding, Nucleus, Phosphoprotein, Polymorphism, Transport, LIPID BINDING PROTEIN
;
# 
loop_
_struct_asym.id 
_struct_asym.pdbx_blank_PDB_chainid_flag 
_struct_asym.pdbx_modified 
_struct_asym.entity_id 
_struct_asym.details 
A N N 1 ? 
B N N 2 ? 
C N N 3 ? 
# 
_struct_ref.id                         1 
_struct_ref.db_name                    UNP 
_struct_ref.db_code                    FABP4_HUMAN 
_struct_ref.pdbx_db_accession          P15090 
_struct_ref.entity_id                  1 
_struct_ref.pdbx_seq_one_letter_code   
;CDAFVGTWKLVSSENFDDYMKEVGVGFATRKVAGMAKPNMIISVNGDVITIKSESTFKNTEISFILGQEFDEVTADDRKV
KSTITLDGGVLVHVQKWDGKSTTIKRKREDDKLVVECVMKGVTSTRVYERA
;
_struct_ref.pdbx_align_begin           2 
_struct_ref.pdbx_db_isoform            ? 
# 
_struct_ref_seq.align_id                      1 
_struct_ref_seq.ref_id                        1 
_struct_ref_seq.pdbx_PDB_id_code              3FR2 
_struct_ref_seq.pdbx_strand_id                A 
_struct_ref_seq.seq_align_beg                 1 
_struct_ref_seq.pdbx_seq_align_beg_ins_code   ? 
_struct_ref_seq.seq_align_end                 131 
_struct_ref_seq.pdbx_seq_align_end_ins_code   ? 
_struct_ref_seq.pdbx_db_accession             P15090 
_struct_ref_seq.db_align_beg                  2 
_struct_ref_seq.pdbx_db_align_beg_ins_code    ? 
_struct_ref_seq.db_align_end                  132 
_struct_ref_seq.pdbx_db_align_end_ins_code    ? 
_struct_ref_seq.pdbx_auth_seq_align_beg       1 
_struct_ref_seq.pdbx_auth_seq_align_end       131 
# 
_pdbx_struct_assembly.id                   1 
_pdbx_struct_assembly.details              author_and_software_defined_assembly 
_pdbx_struct_assembly.method_details       PISA 
_pdbx_struct_assembly.oligomeric_details   monomeric 
_pdbx_struct_assembly.oligomeric_count     1 
# 
_pdbx_struct_assembly_gen.assembly_id       1 
_pdbx_struct_assembly_gen.oper_expression   1 
_pdbx_struct_assembly_gen.asym_id_list      A,B,C 
# 
_pdbx_struct_oper_list.id                   1 
_pdbx_struct_oper_list.type                 'identity operation' 
_pdbx_struct_oper_list.name                 1_555 
_pdbx_struct_oper_list.symmetry_operation   x,y,z 
_pdbx_struct_oper_list.matrix[1][1]         1.0000000000 
_pdbx_struct_oper_list.matrix[1][2]         0.0000000000 
_pdbx_struct_oper_list.matrix[1][3]         0.0000000000 
_pdbx_struct_oper_list.vector[1]            0.0000000000 
_pdbx_struct_oper_list.matrix[2][1]         0.0000000000 
_pdbx_struct_oper_list.matrix[2][2]         1.0000000000 
_pdbx_struct_oper_list.matrix[2][3]         0.0000000000 
_pdbx_struct_oper_list.vector[2]            0.0000000000 
_pdbx_struct_oper_list.matrix[3][1]         0.0000000000 
_pdbx_struct_oper_list.matrix[3][2]         0.0000000000 
_pdbx_struct_oper_list.matrix[3][3]         1.0000000000 
_pdbx_struct_oper_list.vector[3]            0.0000000000 
# 
_struct_biol.id        1 
_struct_biol.details   ? 
# 
loop_
_struct_conf.conf_type_id 
_struct_conf.id 
_struct_conf.pdbx_PDB_helix_id 
_struct_conf.beg_label_comp_id 
_struct_conf.beg_label_asym_id 
_struct_conf.beg_label_seq_id 
_struct_conf.pdbx_beg_PDB_ins_code 
_struct_conf.end_label_comp_id 
_struct_conf.end_label_asym_id 
_struct_conf.end_label_seq_id 
_struct_conf.pdbx_end_PDB_ins_code 
_struct_conf.beg_auth_comp_id 
_struct_conf.beg_auth_asym_id 
_struct_conf.beg_auth_seq_id 
_struct_conf.end_auth_comp_id 
_struct_conf.end_auth_asym_id 
_struct_conf.end_auth_seq_id 
_struct_conf.pdbx_PDB_helix_class 
_struct_conf.details 
_struct_conf.pdbx_PDB_helix_length 
HELX_P HELX_P1 1 ASN A 15 ? GLY A 24 ? ASN A 15 GLY A 24 1 ? 10 
HELX_P HELX_P2 2 GLY A 26 ? ALA A 36 ? GLY A 26 ALA A 36 1 ? 11 
# 
_struct_conf_type.id          HELX_P 
_struct_conf_type.criteria    ? 
_struct_conf_type.reference   ? 
# 
_struct_sheet.id               A 
_struct_sheet.type             ? 
_struct_sheet.number_strands   10 
_struct_sheet.details          ? 
# 
loop_
_struct_sheet_order.sheet_id 
_struct_sheet_order.range_id_1 
_struct_sheet_order.range_id_2 
_struct_sheet_order.offset 
_struct_sheet_order.sense 
A 1 2  ? anti-parallel 
A 2 3  ? anti-parallel 
A 3 4  ? anti-parallel 
A 4 5  ? anti-parallel 
A 5 6  ? anti-parallel 
A 6 7  ? anti-parallel 
A 7 8  ? anti-parallel 
A 8 9  ? anti-parallel 
A 9 10 ? anti-parallel 
# 
loop_
_struct_sheet_range.sheet_id 
_struct_sheet_range.id 
_struct_sheet_range.beg_label_comp_id 
_struct_sheet_range.beg_label_asym_id 
_struct_sheet_range.beg_label_seq_id 
_struct_sheet_range.pdbx_beg_PDB_ins_code 
_struct_sheet_range.end_label_comp_id 
_struct_sheet_range.end_label_asym_id 
_struct_sheet_range.end_label_seq_id 
_struct_sheet_range.pdbx_end_PDB_ins_code 
_struct_sheet_range.beg_auth_comp_id 
_struct_sheet_range.beg_auth_asym_id 
_struct_sheet_range.beg_auth_seq_id 
_struct_sheet_range.end_auth_comp_id 
_struct_sheet_range.end_auth_asym_id 
_struct_sheet_range.end_auth_seq_id 
A 1  THR A 60  ? ILE A 65  ? THR A 60  ILE A 65  
A 2  VAL A 48  ? GLU A 54  ? VAL A 48  GLU A 54  
A 3  ASN A 39  ? ASN A 45  ? ASN A 39  ASN A 45  
A 4  GLY A 6   ? GLU A 14  ? GLY A 6   GLU A 14  
A 5  VAL A 122 ? ARG A 130 ? VAL A 122 ARG A 130 
A 6  LYS A 112 ? MET A 119 ? LYS A 112 MET A 119 
A 7  LYS A 100 ? GLU A 109 ? LYS A 100 GLU A 109 
A 8  VAL A 90  ? TRP A 97  ? VAL A 90  TRP A 97  
A 9  LYS A 79  ? ASP A 87  ? LYS A 79  ASP A 87  
A 10 PHE A 70  ? VAL A 73  ? PHE A 70  VAL A 73  
# 
loop_
_pdbx_struct_sheet_hbond.sheet_id 
_pdbx_struct_sheet_hbond.range_id_1 
_pdbx_struct_sheet_hbond.range_id_2 
_pdbx_struct_sheet_hbond.range_1_label_atom_id 
_pdbx_struct_sheet_hbond.range_1_label_comp_id 
_pdbx_struct_sheet_hbond.range_1_label_asym_id 
_pdbx_struct_sheet_hbond.range_1_label_seq_id 
_pdbx_struct_sheet_hbond.range_1_PDB_ins_code 
_pdbx_struct_sheet_hbond.range_1_auth_atom_id 
_pdbx_struct_sheet_hbond.range_1_auth_comp_id 
_pdbx_struct_sheet_hbond.range_1_auth_asym_id 
_pdbx_struct_sheet_hbond.range_1_auth_seq_id 
_pdbx_struct_sheet_hbond.range_2_label_atom_id 
_pdbx_struct_sheet_hbond.range_2_label_comp_id 
_pdbx_struct_sheet_hbond.range_2_label_asym_id 
_pdbx_struct_sheet_hbond.range_2_label_seq_id 
_pdbx_struct_sheet_hbond.range_2_PDB_ins_code 
_pdbx_struct_sheet_hbond.range_2_auth_atom_id 
_pdbx_struct_sheet_hbond.range_2_auth_comp_id 
_pdbx_struct_sheet_hbond.range_2_auth_asym_id 
_pdbx_struct_sheet_hbond.range_2_auth_seq_id 
A 1 2  O THR A 60  ? O THR A 60  N SER A 53  ? N SER A 53  
A 2 3  O LYS A 52  ? O LYS A 52  N ILE A 41  ? N ILE A 41  
A 3 4  O MET A 40  ? O MET A 40  N TRP A 8   ? N TRP A 8   
A 4 5  N VAL A 11  ? N VAL A 11  O VAL A 127 ? O VAL A 127 
A 5 6  O SER A 124 ? O SER A 124 N CYS A 117 ? N CYS A 117 
A 6 7  O VAL A 114 ? O VAL A 114 N LYS A 107 ? N LYS A 107 
A 7 8  O ILE A 104 ? O ILE A 104 N HIS A 93  ? N HIS A 93  
A 8 9  O LYS A 96  ? O LYS A 96  N LYS A 81  ? N LYS A 81  
A 9 10 O SER A 82  ? O SER A 82  N PHE A 70  ? N PHE A 70  
# 
_struct_site.id                   AC1 
_struct_site.pdbx_evidence_code   Software 
_struct_site.pdbx_auth_asym_id    A 
_struct_site.pdbx_auth_comp_id    8CA 
_struct_site.pdbx_auth_seq_id     501 
_struct_site.pdbx_auth_ins_code   ? 
_struct_site.pdbx_num_residues    12 
_struct_site.details              'BINDING SITE FOR RESIDUE 8CA A 501' 
# 
loop_
_struct_site_gen.id 
_struct_site_gen.site_id 
_struct_site_gen.pdbx_num_res 
_struct_site_gen.label_comp_id 
_struct_site_gen.label_asym_id 
_struct_site_gen.label_seq_id 
_struct_site_gen.pdbx_auth_ins_code 
_struct_site_gen.auth_comp_id 
_struct_site_gen.auth_asym_id 
_struct_site_gen.auth_seq_id 
_struct_site_gen.label_atom_id 
_struct_site_gen.label_alt_id 
_struct_site_gen.symmetry 
_struct_site_gen.details 
1  AC1 12 PHE A 16  ? PHE A 16  . ? 1_555 ? 
2  AC1 12 PRO A 38  ? PRO A 38  . ? 1_555 ? 
3  AC1 12 SER A 55  ? SER A 55  . ? 1_555 ? 
4  AC1 12 LYS A 58  ? LYS A 58  . ? 1_555 ? 
5  AC1 12 ASP A 76  ? ASP A 76  . ? 1_555 ? 
6  AC1 12 ARG A 78  ? ARG A 78  . ? 1_555 ? 
7  AC1 12 CYS A 117 ? CYS A 117 . ? 1_555 ? 
8  AC1 12 ARG A 126 ? ARG A 126 . ? 1_555 ? 
9  AC1 12 TYR A 128 ? TYR A 128 . ? 1_555 ? 
10 AC1 12 HOH C .   ? HOH A 244 . ? 1_555 ? 
11 AC1 12 HOH C .   ? HOH A 263 . ? 1_555 ? 
12 AC1 12 HOH C .   ? HOH A 264 . ? 1_555 ? 
# 
loop_
_pdbx_validate_close_contact.id 
_pdbx_validate_close_contact.PDB_model_num 
_pdbx_validate_close_contact.auth_atom_id_1 
_pdbx_validate_close_contact.auth_asym_id_1 
_pdbx_validate_close_contact.auth_comp_id_1 
_pdbx_validate_close_contact.auth_seq_id_1 
_pdbx_validate_close_contact.PDB_ins_code_1 
_pdbx_validate_close_contact.label_alt_id_1 
_pdbx_validate_close_contact.auth_atom_id_2 
_pdbx_validate_close_contact.auth_asym_id_2 
_pdbx_validate_close_contact.auth_comp_id_2 
_pdbx_validate_close_contact.auth_seq_id_2 
_pdbx_validate_close_contact.PDB_ins_code_2 
_pdbx_validate_close_contact.label_alt_id_2 
_pdbx_validate_close_contact.dist 
1  1 N   A CYS 1   ? ? O A HOH 188 ? ? 1.49 
2  1 OE1 A GLU 129 ? ? O A HOH 191 ? ? 1.88 
3  1 NH2 A ARG 106 ? ? O A HOH 253 ? ? 1.89 
4  1 O   A LEU 86  ? ? O A HOH 214 ? ? 1.90 
5  1 O   A ALA 131 ? ? O A HOH 180 ? ? 1.91 
6  1 OE1 A GLU 54  ? ? O A HOH 223 ? ? 1.93 
7  1 O   A HOH 152 ? ? O A HOH 163 ? ? 1.95 
8  1 O   A HOH 207 ? ? O A HOH 208 ? ? 2.03 
9  1 O   A HOH 202 ? ? O A HOH 212 ? ? 2.03 
10 1 NZ  A LYS 21  ? ? O A HOH 167 ? ? 2.15 
11 1 O   A HOH 264 ? ? O A HOH 273 ? ? 2.15 
12 1 OE2 A GLU 72  ? ? O A HOH 269 ? ? 2.16 
13 1 OE1 A GLU 69  ? ? O A HOH 275 ? ? 2.17 
14 1 OD1 A ASP 18  ? ? O A HOH 153 ? ? 2.17 
15 1 O   A HOH 149 ? ? O A HOH 157 ? ? 2.18 
16 1 O   A HOH 250 ? ? O A HOH 260 ? ? 2.19 
# 
loop_
_pdbx_validate_rmsd_angle.id 
_pdbx_validate_rmsd_angle.PDB_model_num 
_pdbx_validate_rmsd_angle.auth_atom_id_1 
_pdbx_validate_rmsd_angle.auth_asym_id_1 
_pdbx_validate_rmsd_angle.auth_comp_id_1 
_pdbx_validate_rmsd_angle.auth_seq_id_1 
_pdbx_validate_rmsd_angle.PDB_ins_code_1 
_pdbx_validate_rmsd_angle.label_alt_id_1 
_pdbx_validate_rmsd_angle.auth_atom_id_2 
_pdbx_validate_rmsd_angle.auth_asym_id_2 
_pdbx_validate_rmsd_angle.auth_comp_id_2 
_pdbx_validate_rmsd_angle.auth_seq_id_2 
_pdbx_validate_rmsd_angle.PDB_ins_code_2 
_pdbx_validate_rmsd_angle.label_alt_id_2 
_pdbx_validate_rmsd_angle.auth_atom_id_3 
_pdbx_validate_rmsd_angle.auth_asym_id_3 
_pdbx_validate_rmsd_angle.auth_comp_id_3 
_pdbx_validate_rmsd_angle.auth_seq_id_3 
_pdbx_validate_rmsd_angle.PDB_ins_code_3 
_pdbx_validate_rmsd_angle.label_alt_id_3 
_pdbx_validate_rmsd_angle.angle_value 
_pdbx_validate_rmsd_angle.angle_target_value 
_pdbx_validate_rmsd_angle.angle_deviation 
_pdbx_validate_rmsd_angle.angle_standard_deviation 
_pdbx_validate_rmsd_angle.linker_flag 
1 1 CB A ASP 17 ? ? CG A ASP 17 ? ? OD2 A ASP 17 ? ? 125.58 118.30 7.28 0.90 N 
2 1 CB A ASP 47 ? ? CG A ASP 47 ? ? OD2 A ASP 47 ? ? 124.24 118.30 5.94 0.90 N 
3 1 CB A ASP 77 ? ? CG A ASP 77 ? ? OD2 A ASP 77 ? ? 124.92 118.30 6.62 0.90 N 
4 1 CB A ASP 98 ? ? CG A ASP 98 ? ? OD2 A ASP 98 ? ? 124.63 118.30 6.33 0.90 N 
# 
loop_
_pdbx_validate_torsion.id 
_pdbx_validate_torsion.PDB_model_num 
_pdbx_validate_torsion.auth_comp_id 
_pdbx_validate_torsion.auth_asym_id 
_pdbx_validate_torsion.auth_seq_id 
_pdbx_validate_torsion.PDB_ins_code 
_pdbx_validate_torsion.label_alt_id 
_pdbx_validate_torsion.phi 
_pdbx_validate_torsion.psi 
1 1 ASP A 2   ? ? -140.58 -19.55  
2 1 ALA A 3   ? ? -59.34  -8.90   
3 1 LYS A 37  ? ? -119.72 76.35   
4 1 ASP A 110 ? ? 51.72   -112.88 
5 1 LYS A 120 ? ? 57.03   -121.00 
# 
loop_
_chem_comp_atom.comp_id 
_chem_comp_atom.atom_id 
_chem_comp_atom.type_symbol 
_chem_comp_atom.pdbx_aromatic_flag 
_chem_comp_atom.pdbx_stereo_config 
_chem_comp_atom.pdbx_ordinal 
8CA O1   O N N 1   
8CA C7   C N N 2   
8CA O2   O N N 3   
8CA C1   C Y N 4   
8CA C2   C Y N 5   
8CA C3   C Y N 6   
8CA C4   C Y N 7   
8CA C5   C Y N 8   
8CA C8   C Y N 9   
8CA C13  C N N 10  
8CA C12  C N N 11  
8CA C11  C N N 12  
8CA C10  C N N 13  
8CA C9   C Y N 14  
8CA N1   N Y N 15  
8CA C6   C Y N 16  
8CA C20  C N N 17  
8CA C19  C Y N 18  
8CA C18  C Y N 19  
8CA C17  C Y N 20  
8CA C16  C Y N 21  
8CA C15  C Y N 22  
8CA C14  C Y N 23  
8CA HO2  H N N 24  
8CA H2   H N N 25  
8CA H3   H N N 26  
8CA H4   H N N 27  
8CA H13  H N N 28  
8CA H13A H N N 29  
8CA H12  H N N 30  
8CA H12A H N N 31  
8CA H11  H N N 32  
8CA H11A H N N 33  
8CA H10  H N N 34  
8CA H10A H N N 35  
8CA H20  H N N 36  
8CA H20A H N N 37  
8CA H18  H N N 38  
8CA H17  H N N 39  
8CA H16  H N N 40  
8CA H15  H N N 41  
8CA H14  H N N 42  
ALA N    N N N 43  
ALA CA   C N S 44  
ALA C    C N N 45  
ALA O    O N N 46  
ALA CB   C N N 47  
ALA OXT  O N N 48  
ALA H    H N N 49  
ALA H2   H N N 50  
ALA HA   H N N 51  
ALA HB1  H N N 52  
ALA HB2  H N N 53  
ALA HB3  H N N 54  
ALA HXT  H N N 55  
ARG N    N N N 56  
ARG CA   C N S 57  
ARG C    C N N 58  
ARG O    O N N 59  
ARG CB   C N N 60  
ARG CG   C N N 61  
ARG CD   C N N 62  
ARG NE   N N N 63  
ARG CZ   C N N 64  
ARG NH1  N N N 65  
ARG NH2  N N N 66  
ARG OXT  O N N 67  
ARG H    H N N 68  
ARG H2   H N N 69  
ARG HA   H N N 70  
ARG HB2  H N N 71  
ARG HB3  H N N 72  
ARG HG2  H N N 73  
ARG HG3  H N N 74  
ARG HD2  H N N 75  
ARG HD3  H N N 76  
ARG HE   H N N 77  
ARG HH11 H N N 78  
ARG HH12 H N N 79  
ARG HH21 H N N 80  
ARG HH22 H N N 81  
ARG HXT  H N N 82  
ASN N    N N N 83  
ASN CA   C N S 84  
ASN C    C N N 85  
ASN O    O N N 86  
ASN CB   C N N 87  
ASN CG   C N N 88  
ASN OD1  O N N 89  
ASN ND2  N N N 90  
ASN OXT  O N N 91  
ASN H    H N N 92  
ASN H2   H N N 93  
ASN HA   H N N 94  
ASN HB2  H N N 95  
ASN HB3  H N N 96  
ASN HD21 H N N 97  
ASN HD22 H N N 98  
ASN HXT  H N N 99  
ASP N    N N N 100 
ASP CA   C N S 101 
ASP C    C N N 102 
ASP O    O N N 103 
ASP CB   C N N 104 
ASP CG   C N N 105 
ASP OD1  O N N 106 
ASP OD2  O N N 107 
ASP OXT  O N N 108 
ASP H    H N N 109 
ASP H2   H N N 110 
ASP HA   H N N 111 
ASP HB2  H N N 112 
ASP HB3  H N N 113 
ASP HD2  H N N 114 
ASP HXT  H N N 115 
CYS N    N N N 116 
CYS CA   C N R 117 
CYS C    C N N 118 
CYS O    O N N 119 
CYS CB   C N N 120 
CYS SG   S N N 121 
CYS OXT  O N N 122 
CYS H    H N N 123 
CYS H2   H N N 124 
CYS HA   H N N 125 
CYS HB2  H N N 126 
CYS HB3  H N N 127 
CYS HG   H N N 128 
CYS HXT  H N N 129 
GLN N    N N N 130 
GLN CA   C N S 131 
GLN C    C N N 132 
GLN O    O N N 133 
GLN CB   C N N 134 
GLN CG   C N N 135 
GLN CD   C N N 136 
GLN OE1  O N N 137 
GLN NE2  N N N 138 
GLN OXT  O N N 139 
GLN H    H N N 140 
GLN H2   H N N 141 
GLN HA   H N N 142 
GLN HB2  H N N 143 
GLN HB3  H N N 144 
GLN HG2  H N N 145 
GLN HG3  H N N 146 
GLN HE21 H N N 147 
GLN HE22 H N N 148 
GLN HXT  H N N 149 
GLU N    N N N 150 
GLU CA   C N S 151 
GLU C    C N N 152 
GLU O    O N N 153 
GLU CB   C N N 154 
GLU CG   C N N 155 
GLU CD   C N N 156 
GLU OE1  O N N 157 
GLU OE2  O N N 158 
GLU OXT  O N N 159 
GLU H    H N N 160 
GLU H2   H N N 161 
GLU HA   H N N 162 
GLU HB2  H N N 163 
GLU HB3  H N N 164 
GLU HG2  H N N 165 
GLU HG3  H N N 166 
GLU HE2  H N N 167 
GLU HXT  H N N 168 
GLY N    N N N 169 
GLY CA   C N N 170 
GLY C    C N N 171 
GLY O    O N N 172 
GLY OXT  O N N 173 
GLY H    H N N 174 
GLY H2   H N N 175 
GLY HA2  H N N 176 
GLY HA3  H N N 177 
GLY HXT  H N N 178 
HIS N    N N N 179 
HIS CA   C N S 180 
HIS C    C N N 181 
HIS O    O N N 182 
HIS CB   C N N 183 
HIS CG   C Y N 184 
HIS ND1  N Y N 185 
HIS CD2  C Y N 186 
HIS CE1  C Y N 187 
HIS NE2  N Y N 188 
HIS OXT  O N N 189 
HIS H    H N N 190 
HIS H2   H N N 191 
HIS HA   H N N 192 
HIS HB2  H N N 193 
HIS HB3  H N N 194 
HIS HD1  H N N 195 
HIS HD2  H N N 196 
HIS HE1  H N N 197 
HIS HE2  H N N 198 
HIS HXT  H N N 199 
HOH O    O N N 200 
HOH H1   H N N 201 
HOH H2   H N N 202 
ILE N    N N N 203 
ILE CA   C N S 204 
ILE C    C N N 205 
ILE O    O N N 206 
ILE CB   C N S 207 
ILE CG1  C N N 208 
ILE CG2  C N N 209 
ILE CD1  C N N 210 
ILE OXT  O N N 211 
ILE H    H N N 212 
ILE H2   H N N 213 
ILE HA   H N N 214 
ILE HB   H N N 215 
ILE HG12 H N N 216 
ILE HG13 H N N 217 
ILE HG21 H N N 218 
ILE HG22 H N N 219 
ILE HG23 H N N 220 
ILE HD11 H N N 221 
ILE HD12 H N N 222 
ILE HD13 H N N 223 
ILE HXT  H N N 224 
LEU N    N N N 225 
LEU CA   C N S 226 
LEU C    C N N 227 
LEU O    O N N 228 
LEU CB   C N N 229 
LEU CG   C N N 230 
LEU CD1  C N N 231 
LEU CD2  C N N 232 
LEU OXT  O N N 233 
LEU H    H N N 234 
LEU H2   H N N 235 
LEU HA   H N N 236 
LEU HB2  H N N 237 
LEU HB3  H N N 238 
LEU HG   H N N 239 
LEU HD11 H N N 240 
LEU HD12 H N N 241 
LEU HD13 H N N 242 
LEU HD21 H N N 243 
LEU HD22 H N N 244 
LEU HD23 H N N 245 
LEU HXT  H N N 246 
LYS N    N N N 247 
LYS CA   C N S 248 
LYS C    C N N 249 
LYS O    O N N 250 
LYS CB   C N N 251 
LYS CG   C N N 252 
LYS CD   C N N 253 
LYS CE   C N N 254 
LYS NZ   N N N 255 
LYS OXT  O N N 256 
LYS H    H N N 257 
LYS H2   H N N 258 
LYS HA   H N N 259 
LYS HB2  H N N 260 
LYS HB3  H N N 261 
LYS HG2  H N N 262 
LYS HG3  H N N 263 
LYS HD2  H N N 264 
LYS HD3  H N N 265 
LYS HE2  H N N 266 
LYS HE3  H N N 267 
LYS HZ1  H N N 268 
LYS HZ2  H N N 269 
LYS HZ3  H N N 270 
LYS HXT  H N N 271 
MET N    N N N 272 
MET CA   C N S 273 
MET C    C N N 274 
MET O    O N N 275 
MET CB   C N N 276 
MET CG   C N N 277 
MET SD   S N N 278 
MET CE   C N N 279 
MET OXT  O N N 280 
MET H    H N N 281 
MET H2   H N N 282 
MET HA   H N N 283 
MET HB2  H N N 284 
MET HB3  H N N 285 
MET HG2  H N N 286 
MET HG3  H N N 287 
MET HE1  H N N 288 
MET HE2  H N N 289 
MET HE3  H N N 290 
MET HXT  H N N 291 
PHE N    N N N 292 
PHE CA   C N S 293 
PHE C    C N N 294 
PHE O    O N N 295 
PHE CB   C N N 296 
PHE CG   C Y N 297 
PHE CD1  C Y N 298 
PHE CD2  C Y N 299 
PHE CE1  C Y N 300 
PHE CE2  C Y N 301 
PHE CZ   C Y N 302 
PHE OXT  O N N 303 
PHE H    H N N 304 
PHE H2   H N N 305 
PHE HA   H N N 306 
PHE HB2  H N N 307 
PHE HB3  H N N 308 
PHE HD1  H N N 309 
PHE HD2  H N N 310 
PHE HE1  H N N 311 
PHE HE2  H N N 312 
PHE HZ   H N N 313 
PHE HXT  H N N 314 
PRO N    N N N 315 
PRO CA   C N S 316 
PRO C    C N N 317 
PRO O    O N N 318 
PRO CB   C N N 319 
PRO CG   C N N 320 
PRO CD   C N N 321 
PRO OXT  O N N 322 
PRO H    H N N 323 
PRO HA   H N N 324 
PRO HB2  H N N 325 
PRO HB3  H N N 326 
PRO HG2  H N N 327 
PRO HG3  H N N 328 
PRO HD2  H N N 329 
PRO HD3  H N N 330 
PRO HXT  H N N 331 
SER N    N N N 332 
SER CA   C N S 333 
SER C    C N N 334 
SER O    O N N 335 
SER CB   C N N 336 
SER OG   O N N 337 
SER OXT  O N N 338 
SER H    H N N 339 
SER H2   H N N 340 
SER HA   H N N 341 
SER HB2  H N N 342 
SER HB3  H N N 343 
SER HG   H N N 344 
SER HXT  H N N 345 
THR N    N N N 346 
THR CA   C N S 347 
THR C    C N N 348 
THR O    O N N 349 
THR CB   C N R 350 
THR OG1  O N N 351 
THR CG2  C N N 352 
THR OXT  O N N 353 
THR H    H N N 354 
THR H2   H N N 355 
THR HA   H N N 356 
THR HB   H N N 357 
THR HG1  H N N 358 
THR HG21 H N N 359 
THR HG22 H N N 360 
THR HG23 H N N 361 
THR HXT  H N N 362 
TRP N    N N N 363 
TRP CA   C N S 364 
TRP C    C N N 365 
TRP O    O N N 366 
TRP CB   C N N 367 
TRP CG   C Y N 368 
TRP CD1  C Y N 369 
TRP CD2  C Y N 370 
TRP NE1  N Y N 371 
TRP CE2  C Y N 372 
TRP CE3  C Y N 373 
TRP CZ2  C Y N 374 
TRP CZ3  C Y N 375 
TRP CH2  C Y N 376 
TRP OXT  O N N 377 
TRP H    H N N 378 
TRP H2   H N N 379 
TRP HA   H N N 380 
TRP HB2  H N N 381 
TRP HB3  H N N 382 
TRP HD1  H N N 383 
TRP HE1  H N N 384 
TRP HE3  H N N 385 
TRP HZ2  H N N 386 
TRP HZ3  H N N 387 
TRP HH2  H N N 388 
TRP HXT  H N N 389 
TYR N    N N N 390 
TYR CA   C N S 391 
TYR C    C N N 392 
TYR O    O N N 393 
TYR CB   C N N 394 
TYR CG   C Y N 395 
TYR CD1  C Y N 396 
TYR CD2  C Y N 397 
TYR CE1  C Y N 398 
TYR CE2  C Y N 399 
TYR CZ   C Y N 400 
TYR OH   O N N 401 
TYR OXT  O N N 402 
TYR H    H N N 403 
TYR H2   H N N 404 
TYR HA   H N N 405 
TYR HB2  H N N 406 
TYR HB3  H N N 407 
TYR HD1  H N N 408 
TYR HD2  H N N 409 
TYR HE1  H N N 410 
TYR HE2  H N N 411 
TYR HH   H N N 412 
TYR HXT  H N N 413 
VAL N    N N N 414 
VAL CA   C N S 415 
VAL C    C N N 416 
VAL O    O N N 417 
VAL CB   C N N 418 
VAL CG1  C N N 419 
VAL CG2  C N N 420 
VAL OXT  O N N 421 
VAL H    H N N 422 
VAL H2   H N N 423 
VAL HA   H N N 424 
VAL HB   H N N 425 
VAL HG11 H N N 426 
VAL HG12 H N N 427 
VAL HG13 H N N 428 
VAL HG21 H N N 429 
VAL HG22 H N N 430 
VAL HG23 H N N 431 
VAL HXT  H N N 432 
# 
loop_
_chem_comp_bond.comp_id 
_chem_comp_bond.atom_id_1 
_chem_comp_bond.atom_id_2 
_chem_comp_bond.value_order 
_chem_comp_bond.pdbx_aromatic_flag 
_chem_comp_bond.pdbx_stereo_config 
_chem_comp_bond.pdbx_ordinal 
8CA O1  C7   doub N N 1   
8CA O2  C7   sing N N 2   
8CA C7  C1   sing N N 3   
8CA O2  HO2  sing N N 4   
8CA C6  C1   doub Y N 5   
8CA C1  C2   sing Y N 6   
8CA C2  C3   doub Y N 7   
8CA C2  H2   sing N N 8   
8CA C4  C3   sing Y N 9   
8CA C3  H3   sing N N 10  
8CA C5  C4   doub Y N 11  
8CA C4  H4   sing N N 12  
8CA C6  C5   sing Y N 13  
8CA C8  C5   sing Y N 14  
8CA C9  C8   doub Y N 15  
8CA C8  C13  sing N N 16  
8CA C12 C13  sing N N 17  
8CA C13 H13  sing N N 18  
8CA C13 H13A sing N N 19  
8CA C11 C12  sing N N 20  
8CA C12 H12  sing N N 21  
8CA C12 H12A sing N N 22  
8CA C10 C11  sing N N 23  
8CA C11 H11  sing N N 24  
8CA C11 H11A sing N N 25  
8CA C10 C9   sing N N 26  
8CA C10 H10  sing N N 27  
8CA C10 H10A sing N N 28  
8CA N1  C9   sing Y N 29  
8CA C20 N1   sing N N 30  
8CA N1  C6   sing Y N 31  
8CA C19 C20  sing N N 32  
8CA C20 H20  sing N N 33  
8CA C20 H20A sing N N 34  
8CA C14 C19  doub Y N 35  
8CA C19 C18  sing Y N 36  
8CA C17 C18  doub Y N 37  
8CA C18 H18  sing N N 38  
8CA C16 C17  sing Y N 39  
8CA C17 H17  sing N N 40  
8CA C15 C16  doub Y N 41  
8CA C16 H16  sing N N 42  
8CA C15 C14  sing Y N 43  
8CA C15 H15  sing N N 44  
8CA C14 H14  sing N N 45  
ALA N   CA   sing N N 46  
ALA N   H    sing N N 47  
ALA N   H2   sing N N 48  
ALA CA  C    sing N N 49  
ALA CA  CB   sing N N 50  
ALA CA  HA   sing N N 51  
ALA C   O    doub N N 52  
ALA C   OXT  sing N N 53  
ALA CB  HB1  sing N N 54  
ALA CB  HB2  sing N N 55  
ALA CB  HB3  sing N N 56  
ALA OXT HXT  sing N N 57  
ARG N   CA   sing N N 58  
ARG N   H    sing N N 59  
ARG N   H2   sing N N 60  
ARG CA  C    sing N N 61  
ARG CA  CB   sing N N 62  
ARG CA  HA   sing N N 63  
ARG C   O    doub N N 64  
ARG C   OXT  sing N N 65  
ARG CB  CG   sing N N 66  
ARG CB  HB2  sing N N 67  
ARG CB  HB3  sing N N 68  
ARG CG  CD   sing N N 69  
ARG CG  HG2  sing N N 70  
ARG CG  HG3  sing N N 71  
ARG CD  NE   sing N N 72  
ARG CD  HD2  sing N N 73  
ARG CD  HD3  sing N N 74  
ARG NE  CZ   sing N N 75  
ARG NE  HE   sing N N 76  
ARG CZ  NH1  sing N N 77  
ARG CZ  NH2  doub N N 78  
ARG NH1 HH11 sing N N 79  
ARG NH1 HH12 sing N N 80  
ARG NH2 HH21 sing N N 81  
ARG NH2 HH22 sing N N 82  
ARG OXT HXT  sing N N 83  
ASN N   CA   sing N N 84  
ASN N   H    sing N N 85  
ASN N   H2   sing N N 86  
ASN CA  C    sing N N 87  
ASN CA  CB   sing N N 88  
ASN CA  HA   sing N N 89  
ASN C   O    doub N N 90  
ASN C   OXT  sing N N 91  
ASN CB  CG   sing N N 92  
ASN CB  HB2  sing N N 93  
ASN CB  HB3  sing N N 94  
ASN CG  OD1  doub N N 95  
ASN CG  ND2  sing N N 96  
ASN ND2 HD21 sing N N 97  
ASN ND2 HD22 sing N N 98  
ASN OXT HXT  sing N N 99  
ASP N   CA   sing N N 100 
ASP N   H    sing N N 101 
ASP N   H2   sing N N 102 
ASP CA  C    sing N N 103 
ASP CA  CB   sing N N 104 
ASP CA  HA   sing N N 105 
ASP C   O    doub N N 106 
ASP C   OXT  sing N N 107 
ASP CB  CG   sing N N 108 
ASP CB  HB2  sing N N 109 
ASP CB  HB3  sing N N 110 
ASP CG  OD1  doub N N 111 
ASP CG  OD2  sing N N 112 
ASP OD2 HD2  sing N N 113 
ASP OXT HXT  sing N N 114 
CYS N   CA   sing N N 115 
CYS N   H    sing N N 116 
CYS N   H2   sing N N 117 
CYS CA  C    sing N N 118 
CYS CA  CB   sing N N 119 
CYS CA  HA   sing N N 120 
CYS C   O    doub N N 121 
CYS C   OXT  sing N N 122 
CYS CB  SG   sing N N 123 
CYS CB  HB2  sing N N 124 
CYS CB  HB3  sing N N 125 
CYS SG  HG   sing N N 126 
CYS OXT HXT  sing N N 127 
GLN N   CA   sing N N 128 
GLN N   H    sing N N 129 
GLN N   H2   sing N N 130 
GLN CA  C    sing N N 131 
GLN CA  CB   sing N N 132 
GLN CA  HA   sing N N 133 
GLN C   O    doub N N 134 
GLN C   OXT  sing N N 135 
GLN CB  CG   sing N N 136 
GLN CB  HB2  sing N N 137 
GLN CB  HB3  sing N N 138 
GLN CG  CD   sing N N 139 
GLN CG  HG2  sing N N 140 
GLN CG  HG3  sing N N 141 
GLN CD  OE1  doub N N 142 
GLN CD  NE2  sing N N 143 
GLN NE2 HE21 sing N N 144 
GLN NE2 HE22 sing N N 145 
GLN OXT HXT  sing N N 146 
GLU N   CA   sing N N 147 
GLU N   H    sing N N 148 
GLU N   H2   sing N N 149 
GLU CA  C    sing N N 150 
GLU CA  CB   sing N N 151 
GLU CA  HA   sing N N 152 
GLU C   O    doub N N 153 
GLU C   OXT  sing N N 154 
GLU CB  CG   sing N N 155 
GLU CB  HB2  sing N N 156 
GLU CB  HB3  sing N N 157 
GLU CG  CD   sing N N 158 
GLU CG  HG2  sing N N 159 
GLU CG  HG3  sing N N 160 
GLU CD  OE1  doub N N 161 
GLU CD  OE2  sing N N 162 
GLU OE2 HE2  sing N N 163 
GLU OXT HXT  sing N N 164 
GLY N   CA   sing N N 165 
GLY N   H    sing N N 166 
GLY N   H2   sing N N 167 
GLY CA  C    sing N N 168 
GLY CA  HA2  sing N N 169 
GLY CA  HA3  sing N N 170 
GLY C   O    doub N N 171 
GLY C   OXT  sing N N 172 
GLY OXT HXT  sing N N 173 
HIS N   CA   sing N N 174 
HIS N   H    sing N N 175 
HIS N   H2   sing N N 176 
HIS CA  C    sing N N 177 
HIS CA  CB   sing N N 178 
HIS CA  HA   sing N N 179 
HIS C   O    doub N N 180 
HIS C   OXT  sing N N 181 
HIS CB  CG   sing N N 182 
HIS CB  HB2  sing N N 183 
HIS CB  HB3  sing N N 184 
HIS CG  ND1  sing Y N 185 
HIS CG  CD2  doub Y N 186 
HIS ND1 CE1  doub Y N 187 
HIS ND1 HD1  sing N N 188 
HIS CD2 NE2  sing Y N 189 
HIS CD2 HD2  sing N N 190 
HIS CE1 NE2  sing Y N 191 
HIS CE1 HE1  sing N N 192 
HIS NE2 HE2  sing N N 193 
HIS OXT HXT  sing N N 194 
HOH O   H1   sing N N 195 
HOH O   H2   sing N N 196 
ILE N   CA   sing N N 197 
ILE N   H    sing N N 198 
ILE N   H2   sing N N 199 
ILE CA  C    sing N N 200 
ILE CA  CB   sing N N 201 
ILE CA  HA   sing N N 202 
ILE C   O    doub N N 203 
ILE C   OXT  sing N N 204 
ILE CB  CG1  sing N N 205 
ILE CB  CG2  sing N N 206 
ILE CB  HB   sing N N 207 
ILE CG1 CD1  sing N N 208 
ILE CG1 HG12 sing N N 209 
ILE CG1 HG13 sing N N 210 
ILE CG2 HG21 sing N N 211 
ILE CG2 HG22 sing N N 212 
ILE CG2 HG23 sing N N 213 
ILE CD1 HD11 sing N N 214 
ILE CD1 HD12 sing N N 215 
ILE CD1 HD13 sing N N 216 
ILE OXT HXT  sing N N 217 
LEU N   CA   sing N N 218 
LEU N   H    sing N N 219 
LEU N   H2   sing N N 220 
LEU CA  C    sing N N 221 
LEU CA  CB   sing N N 222 
LEU CA  HA   sing N N 223 
LEU C   O    doub N N 224 
LEU C   OXT  sing N N 225 
LEU CB  CG   sing N N 226 
LEU CB  HB2  sing N N 227 
LEU CB  HB3  sing N N 228 
LEU CG  CD1  sing N N 229 
LEU CG  CD2  sing N N 230 
LEU CG  HG   sing N N 231 
LEU CD1 HD11 sing N N 232 
LEU CD1 HD12 sing N N 233 
LEU CD1 HD13 sing N N 234 
LEU CD2 HD21 sing N N 235 
LEU CD2 HD22 sing N N 236 
LEU CD2 HD23 sing N N 237 
LEU OXT HXT  sing N N 238 
LYS N   CA   sing N N 239 
LYS N   H    sing N N 240 
LYS N   H2   sing N N 241 
LYS CA  C    sing N N 242 
LYS CA  CB   sing N N 243 
LYS CA  HA   sing N N 244 
LYS C   O    doub N N 245 
LYS C   OXT  sing N N 246 
LYS CB  CG   sing N N 247 
LYS CB  HB2  sing N N 248 
LYS CB  HB3  sing N N 249 
LYS CG  CD   sing N N 250 
LYS CG  HG2  sing N N 251 
LYS CG  HG3  sing N N 252 
LYS CD  CE   sing N N 253 
LYS CD  HD2  sing N N 254 
LYS CD  HD3  sing N N 255 
LYS CE  NZ   sing N N 256 
LYS CE  HE2  sing N N 257 
LYS CE  HE3  sing N N 258 
LYS NZ  HZ1  sing N N 259 
LYS NZ  HZ2  sing N N 260 
LYS NZ  HZ3  sing N N 261 
LYS OXT HXT  sing N N 262 
MET N   CA   sing N N 263 
MET N   H    sing N N 264 
MET N   H2   sing N N 265 
MET CA  C    sing N N 266 
MET CA  CB   sing N N 267 
MET CA  HA   sing N N 268 
MET C   O    doub N N 269 
MET C   OXT  sing N N 270 
MET CB  CG   sing N N 271 
MET CB  HB2  sing N N 272 
MET CB  HB3  sing N N 273 
MET CG  SD   sing N N 274 
MET CG  HG2  sing N N 275 
MET CG  HG3  sing N N 276 
MET SD  CE   sing N N 277 
MET CE  HE1  sing N N 278 
MET CE  HE2  sing N N 279 
MET CE  HE3  sing N N 280 
MET OXT HXT  sing N N 281 
PHE N   CA   sing N N 282 
PHE N   H    sing N N 283 
PHE N   H2   sing N N 284 
PHE CA  C    sing N N 285 
PHE CA  CB   sing N N 286 
PHE CA  HA   sing N N 287 
PHE C   O    doub N N 288 
PHE C   OXT  sing N N 289 
PHE CB  CG   sing N N 290 
PHE CB  HB2  sing N N 291 
PHE CB  HB3  sing N N 292 
PHE CG  CD1  doub Y N 293 
PHE CG  CD2  sing Y N 294 
PHE CD1 CE1  sing Y N 295 
PHE CD1 HD1  sing N N 296 
PHE CD2 CE2  doub Y N 297 
PHE CD2 HD2  sing N N 298 
PHE CE1 CZ   doub Y N 299 
PHE CE1 HE1  sing N N 300 
PHE CE2 CZ   sing Y N 301 
PHE CE2 HE2  sing N N 302 
PHE CZ  HZ   sing N N 303 
PHE OXT HXT  sing N N 304 
PRO N   CA   sing N N 305 
PRO N   CD   sing N N 306 
PRO N   H    sing N N 307 
PRO CA  C    sing N N 308 
PRO CA  CB   sing N N 309 
PRO CA  HA   sing N N 310 
PRO C   O    doub N N 311 
PRO C   OXT  sing N N 312 
PRO CB  CG   sing N N 313 
PRO CB  HB2  sing N N 314 
PRO CB  HB3  sing N N 315 
PRO CG  CD   sing N N 316 
PRO CG  HG2  sing N N 317 
PRO CG  HG3  sing N N 318 
PRO CD  HD2  sing N N 319 
PRO CD  HD3  sing N N 320 
PRO OXT HXT  sing N N 321 
SER N   CA   sing N N 322 
SER N   H    sing N N 323 
SER N   H2   sing N N 324 
SER CA  C    sing N N 325 
SER CA  CB   sing N N 326 
SER CA  HA   sing N N 327 
SER C   O    doub N N 328 
SER C   OXT  sing N N 329 
SER CB  OG   sing N N 330 
SER CB  HB2  sing N N 331 
SER CB  HB3  sing N N 332 
SER OG  HG   sing N N 333 
SER OXT HXT  sing N N 334 
THR N   CA   sing N N 335 
THR N   H    sing N N 336 
THR N   H2   sing N N 337 
THR CA  C    sing N N 338 
THR CA  CB   sing N N 339 
THR CA  HA   sing N N 340 
THR C   O    doub N N 341 
THR C   OXT  sing N N 342 
THR CB  OG1  sing N N 343 
THR CB  CG2  sing N N 344 
THR CB  HB   sing N N 345 
THR OG1 HG1  sing N N 346 
THR CG2 HG21 sing N N 347 
THR CG2 HG22 sing N N 348 
THR CG2 HG23 sing N N 349 
THR OXT HXT  sing N N 350 
TRP N   CA   sing N N 351 
TRP N   H    sing N N 352 
TRP N   H2   sing N N 353 
TRP CA  C    sing N N 354 
TRP CA  CB   sing N N 355 
TRP CA  HA   sing N N 356 
TRP C   O    doub N N 357 
TRP C   OXT  sing N N 358 
TRP CB  CG   sing N N 359 
TRP CB  HB2  sing N N 360 
TRP CB  HB3  sing N N 361 
TRP CG  CD1  doub Y N 362 
TRP CG  CD2  sing Y N 363 
TRP CD1 NE1  sing Y N 364 
TRP CD1 HD1  sing N N 365 
TRP CD2 CE2  doub Y N 366 
TRP CD2 CE3  sing Y N 367 
TRP NE1 CE2  sing Y N 368 
TRP NE1 HE1  sing N N 369 
TRP CE2 CZ2  sing Y N 370 
TRP CE3 CZ3  doub Y N 371 
TRP CE3 HE3  sing N N 372 
TRP CZ2 CH2  doub Y N 373 
TRP CZ2 HZ2  sing N N 374 
TRP CZ3 CH2  sing Y N 375 
TRP CZ3 HZ3  sing N N 376 
TRP CH2 HH2  sing N N 377 
TRP OXT HXT  sing N N 378 
TYR N   CA   sing N N 379 
TYR N   H    sing N N 380 
TYR N   H2   sing N N 381 
TYR CA  C    sing N N 382 
TYR CA  CB   sing N N 383 
TYR CA  HA   sing N N 384 
TYR C   O    doub N N 385 
TYR C   OXT  sing N N 386 
TYR CB  CG   sing N N 387 
TYR CB  HB2  sing N N 388 
TYR CB  HB3  sing N N 389 
TYR CG  CD1  doub Y N 390 
TYR CG  CD2  sing Y N 391 
TYR CD1 CE1  sing Y N 392 
TYR CD1 HD1  sing N N 393 
TYR CD2 CE2  doub Y N 394 
TYR CD2 HD2  sing N N 395 
TYR CE1 CZ   doub Y N 396 
TYR CE1 HE1  sing N N 397 
TYR CE2 CZ   sing Y N 398 
TYR CE2 HE2  sing N N 399 
TYR CZ  OH   sing N N 400 
TYR OH  HH   sing N N 401 
TYR OXT HXT  sing N N 402 
VAL N   CA   sing N N 403 
VAL N   H    sing N N 404 
VAL N   H2   sing N N 405 
VAL CA  C    sing N N 406 
VAL CA  CB   sing N N 407 
VAL CA  HA   sing N N 408 
VAL C   O    doub N N 409 
VAL C   OXT  sing N N 410 
VAL CB  CG1  sing N N 411 
VAL CB  CG2  sing N N 412 
VAL CB  HB   sing N N 413 
VAL CG1 HG11 sing N N 414 
VAL CG1 HG12 sing N N 415 
VAL CG1 HG13 sing N N 416 
VAL CG2 HG21 sing N N 417 
VAL CG2 HG22 sing N N 418 
VAL CG2 HG23 sing N N 419 
VAL OXT HXT  sing N N 420 
# 
_atom_sites.entry_id                    3FR2 
_atom_sites.fract_transf_matrix[1][1]   0.01334291 
_atom_sites.fract_transf_matrix[1][2]   0.00131751 
_atom_sites.fract_transf_matrix[1][3]   0.00365478 
_atom_sites.fract_transf_matrix[2][1]   0.00265333 
_atom_sites.fract_transf_matrix[2][2]   0.01210533 
_atom_sites.fract_transf_matrix[2][3]   -0.01405066 
_atom_sites.fract_transf_matrix[3][1]   -0.00753214 
_atom_sites.fract_transf_matrix[3][2]   0.02366602 
_atom_sites.fract_transf_matrix[3][3]   0.01896705 
_atom_sites.fract_transf_vector[1]      0.242327 
_atom_sites.fract_transf_vector[2]      0.070004 
_atom_sites.fract_transf_vector[3]      0.176581 
# 
loop_
_atom_type.symbol 
C 
N 
O 
S 
# 
loop_
_atom_site.group_PDB 
_atom_site.id 
_atom_site.type_symbol 
_atom_site.label_atom_id 
_atom_site.label_alt_id 
_atom_site.label_comp_id 
_atom_site.label_asym_id 
_atom_site.label_entity_id 
_atom_site.label_seq_id 
_atom_site.pdbx_PDB_ins_code 
_atom_site.Cartn_x 
_atom_site.Cartn_y 
_atom_site.Cartn_z 
_atom_site.occupancy 
_atom_site.B_iso_or_equiv 
_atom_site.pdbx_formal_charge 
_atom_site.auth_seq_id 
_atom_site.auth_comp_id 
_atom_site.auth_asym_id 
_atom_site.auth_atom_id 
_atom_site.pdbx_PDB_model_num 
ATOM   1    N N   . CYS A 1 1   ? -15.303 0.897   5.052   1.00 43.34 ? 1   CYS A N   1 
ATOM   2    C CA  . CYS A 1 1   ? -15.066 1.200   3.603   1.00 43.48 ? 1   CYS A CA  1 
ATOM   3    C C   . CYS A 1 1   ? -15.221 -0.076  2.777   1.00 41.36 ? 1   CYS A C   1 
ATOM   4    O O   . CYS A 1 1   ? -14.656 -1.124  3.141   1.00 41.69 ? 1   CYS A O   1 
ATOM   5    C CB  . CYS A 1 1   ? -13.651 1.743   3.397   1.00 44.40 ? 1   CYS A CB  1 
ATOM   6    S SG  . CYS A 1 1   ? -12.587 0.562   2.500   1.00 50.35 ? 1   CYS A SG  1 
ATOM   7    N N   . ASP A 1 2   ? -15.949 0.011   1.661   1.00 38.61 ? 2   ASP A N   1 
ATOM   8    C CA  . ASP A 1 2   ? -16.220 -1.168  0.842   1.00 36.04 ? 2   ASP A CA  1 
ATOM   9    C C   . ASP A 1 2   ? -16.167 -0.915  -0.704  1.00 33.89 ? 2   ASP A C   1 
ATOM   10   O O   . ASP A 1 2   ? -16.016 -1.864  -1.513  1.00 33.60 ? 2   ASP A O   1 
ATOM   11   C CB  . ASP A 1 2   ? -17.552 -1.818  1.287   1.00 36.66 ? 2   ASP A CB  1 
ATOM   12   C CG  . ASP A 1 2   ? -18.140 -1.228  2.620   1.00 38.11 ? 2   ASP A CG  1 
ATOM   13   O OD1 . ASP A 1 2   ? -17.572 -1.444  3.725   1.00 38.77 ? 2   ASP A OD1 1 
ATOM   14   O OD2 . ASP A 1 2   ? -19.213 -0.567  2.657   1.00 38.16 ? 2   ASP A OD2 1 
ATOM   15   N N   . ALA A 1 3   ? -16.292 0.364   -1.090  1.00 30.50 ? 3   ALA A N   1 
ATOM   16   C CA  . ALA A 1 3   ? -16.209 0.803   -2.476  1.00 25.90 ? 3   ALA A CA  1 
ATOM   17   C C   . ALA A 1 3   ? -14.835 0.392   -2.986  1.00 23.05 ? 3   ALA A C   1 
ATOM   18   O O   . ALA A 1 3   ? -14.538 0.456   -4.178  1.00 20.76 ? 3   ALA A O   1 
ATOM   19   C CB  . ALA A 1 3   ? -16.348 2.300   -2.541  1.00 27.47 ? 3   ALA A CB  1 
ATOM   20   N N   . PHE A 1 4   ? -14.027 -0.063  -2.042  1.00 19.36 ? 4   PHE A N   1 
ATOM   21   C CA  . PHE A 1 4   ? -12.660 -0.491  -2.293  1.00 16.85 ? 4   PHE A CA  1 
ATOM   22   C C   . PHE A 1 4   ? -12.590 -1.959  -2.538  1.00 15.63 ? 4   PHE A C   1 
ATOM   23   O O   . PHE A 1 4   ? -11.566 -2.465  -2.929  1.00 12.99 ? 4   PHE A O   1 
ATOM   24   C CB  . PHE A 1 4   ? -11.824 -0.209  -1.067  1.00 16.73 ? 4   PHE A CB  1 
ATOM   25   C CG  . PHE A 1 4   ? -11.448 1.201   -0.932  1.00 14.88 ? 4   PHE A CG  1 
ATOM   26   C CD1 . PHE A 1 4   ? -10.323 1.686   -1.578  1.00 15.38 ? 4   PHE A CD1 1 
ATOM   27   C CD2 . PHE A 1 4   ? -12.233 2.056   -0.190  1.00 12.04 ? 4   PHE A CD2 1 
ATOM   28   C CE1 . PHE A 1 4   ? -9.957  3.030   -1.442  1.00 17.51 ? 4   PHE A CE1 1 
ATOM   29   C CE2 . PHE A 1 4   ? -11.887 3.386   -0.054  1.00 17.03 ? 4   PHE A CE2 1 
ATOM   30   C CZ  . PHE A 1 4   ? -10.737 3.885   -0.681  1.00 17.58 ? 4   PHE A CZ  1 
ATOM   31   N N   . VAL A 1 5   ? -13.712 -2.624  -2.266  1.00 15.52 ? 5   VAL A N   1 
ATOM   32   C CA  . VAL A 1 5   ? -13.815 -4.064  -2.352  1.00 14.65 ? 5   VAL A CA  1 
ATOM   33   C C   . VAL A 1 5   ? -13.661 -4.576  -3.794  1.00 14.47 ? 5   VAL A C   1 
ATOM   34   O O   . VAL A 1 5   ? -14.164 -4.000  -4.751  1.00 14.72 ? 5   VAL A O   1 
ATOM   35   C CB  . VAL A 1 5   ? -15.135 -4.586  -1.720  1.00 15.83 ? 5   VAL A CB  1 
ATOM   36   C CG1 . VAL A 1 5   ? -15.240 -6.096  -1.872  1.00 13.82 ? 5   VAL A CG1 1 
ATOM   37   C CG2 . VAL A 1 5   ? -15.232 -4.207  -0.228  1.00 14.48 ? 5   VAL A CG2 1 
ATOM   38   N N   . GLY A 1 6   ? -12.918 -5.641  -3.943  1.00 13.82 ? 6   GLY A N   1 
ATOM   39   C CA  . GLY A 1 6   ? -12.765 -6.202  -5.275  1.00 13.49 ? 6   GLY A CA  1 
ATOM   40   C C   . GLY A 1 6   ? -11.332 -6.591  -5.566  1.00 13.65 ? 6   GLY A C   1 
ATOM   41   O O   . GLY A 1 6   ? -10.496 -6.632  -4.663  1.00 12.31 ? 6   GLY A O   1 
ATOM   42   N N   . THR A 1 7   ? -11.037 -6.935  -6.811  1.00 12.66 ? 7   THR A N   1 
ATOM   43   C CA  . THR A 1 7   ? -9.674  -7.354  -7.162  1.00 13.01 ? 7   THR A CA  1 
ATOM   44   C C   . THR A 1 7   ? -9.043  -6.342  -8.136  1.00 12.67 ? 7   THR A C   1 
ATOM   45   O O   . THR A 1 7   ? -9.620  -6.010  -9.178  1.00 13.91 ? 7   THR A O   1 
ATOM   46   C CB  . THR A 1 7   ? -9.662  -8.820  -7.750  1.00 13.68 ? 7   THR A CB  1 
ATOM   47   O OG1 . THR A 1 7   ? -9.717  -9.767  -6.682  1.00 14.20 ? 7   THR A OG1 1 
ATOM   48   C CG2 . THR A 1 7   ? -8.323  -9.133  -8.449  1.00 10.87 ? 7   THR A CG2 1 
ATOM   49   N N   . TRP A 1 8   ? -7.854  -5.881  -7.811  1.00 12.12 ? 8   TRP A N   1 
ATOM   50   C CA  . TRP A 1 8   ? -7.226  -4.765  -8.540  1.00 12.23 ? 8   TRP A CA  1 
ATOM   51   C C   . TRP A 1 8   ? -5.822  -5.057  -9.116  1.00 12.83 ? 8   TRP A C   1 
ATOM   52   O O   . TRP A 1 8   ? -4.961  -5.590  -8.428  1.00 11.84 ? 8   TRP A O   1 
ATOM   53   C CB  . TRP A 1 8   ? -7.120  -3.552  -7.593  1.00 11.47 ? 8   TRP A CB  1 
ATOM   54   C CG  . TRP A 1 8   ? -8.458  -3.112  -6.982  1.00 12.29 ? 8   TRP A CG  1 
ATOM   55   C CD1 . TRP A 1 8   ? -9.004  -3.498  -5.773  1.00 12.88 ? 8   TRP A CD1 1 
ATOM   56   C CD2 . TRP A 1 8   ? -9.415  -2.225  -7.567  1.00 13.79 ? 8   TRP A CD2 1 
ATOM   57   N NE1 . TRP A 1 8   ? -10.224 -2.890  -5.577  1.00 9.53  ? 8   TRP A NE1 1 
ATOM   58   C CE2 . TRP A 1 8   ? -10.498 -2.098  -6.658  1.00 13.77 ? 8   TRP A CE2 1 
ATOM   59   C CE3 . TRP A 1 8   ? -9.472  -1.517  -8.772  1.00 15.54 ? 8   TRP A CE3 1 
ATOM   60   C CZ2 . TRP A 1 8   ? -11.625 -1.320  -6.928  1.00 15.24 ? 8   TRP A CZ2 1 
ATOM   61   C CZ3 . TRP A 1 8   ? -10.586 -0.740  -9.037  1.00 18.92 ? 8   TRP A CZ3 1 
ATOM   62   C CH2 . TRP A 1 8   ? -11.654 -0.641  -8.105  1.00 16.57 ? 8   TRP A CH2 1 
ATOM   63   N N   . LYS A 1 9   ? -5.586  -4.653  -10.363 1.00 13.12 ? 9   LYS A N   1 
ATOM   64   C CA  . LYS A 1 9   ? -4.328  -4.931  -11.022 1.00 13.79 ? 9   LYS A CA  1 
ATOM   65   C C   . LYS A 1 9   ? -3.555  -3.642  -11.336 1.00 13.07 ? 9   LYS A C   1 
ATOM   66   O O   . LYS A 1 9   ? -4.106  -2.676  -11.830 1.00 12.56 ? 9   LYS A O   1 
ATOM   67   C CB  . LYS A 1 9   ? -4.582  -5.786  -12.251 1.00 13.85 ? 9   LYS A CB  1 
ATOM   68   C CG  . LYS A 1 9   ? -3.587  -5.661  -13.338 1.00 19.12 ? 9   LYS A CG  1 
ATOM   69   C CD  . LYS A 1 9   ? -3.364  -6.993  -14.018 1.00 23.46 ? 9   LYS A CD  1 
ATOM   70   C CE  . LYS A 1 9   ? -1.837  -7.347  -14.045 1.00 27.80 ? 9   LYS A CE  1 
ATOM   71   N NZ  . LYS A 1 9   ? -1.405  -8.312  -15.183 1.00 30.51 ? 9   LYS A NZ  1 
ATOM   72   N N   . LEU A 1 10  ? -2.286  -3.629  -10.972 1.00 12.74 ? 10  LEU A N   1 
ATOM   73   C CA  . LEU A 1 10  ? -1.455  -2.481  -11.192 1.00 13.18 ? 10  LEU A CA  1 
ATOM   74   C C   . LEU A 1 10  ? -1.323  -2.245  -12.682 1.00 12.69 ? 10  LEU A C   1 
ATOM   75   O O   . LEU A 1 10  ? -0.908  -3.144  -13.406 1.00 10.75 ? 10  LEU A O   1 
ATOM   76   C CB  . LEU A 1 10  ? -0.072  -2.767  -10.637 1.00 14.57 ? 10  LEU A CB  1 
ATOM   77   C CG  . LEU A 1 10  ? 0.938   -1.696  -11.031 1.00 14.24 ? 10  LEU A CG  1 
ATOM   78   C CD1 . LEU A 1 10  ? 0.858   -0.664  -9.930  1.00 14.20 ? 10  LEU A CD1 1 
ATOM   79   C CD2 . LEU A 1 10  ? 2.290   -2.302  -11.125 1.00 13.63 ? 10  LEU A CD2 1 
ATOM   80   N N   . VAL A 1 11  ? -1.677  -1.037  -13.123 1.00 13.25 ? 11  VAL A N   1 
ATOM   81   C CA  . VAL A 1 11  ? -1.587  -0.697  -14.547 1.00 14.11 ? 11  VAL A CA  1 
ATOM   82   C C   . VAL A 1 11  ? -0.542  0.362   -14.819 1.00 13.30 ? 11  VAL A C   1 
ATOM   83   O O   . VAL A 1 11  ? 0.056   0.360   -15.871 1.00 14.33 ? 11  VAL A O   1 
ATOM   84   C CB  . VAL A 1 11  ? -2.977  -0.315  -15.231 1.00 12.93 ? 11  VAL A CB  1 
ATOM   85   C CG1 . VAL A 1 11  ? -3.881  -1.492  -15.359 1.00 11.62 ? 11  VAL A CG1 1 
ATOM   86   C CG2 . VAL A 1 11  ? -3.636  0.783   -14.516 1.00 15.13 ? 11  VAL A CG2 1 
ATOM   87   N N   . SER A 1 12  ? -0.301  1.270   -13.888 1.00 13.40 ? 12  SER A N   1 
ATOM   88   C CA  . SER A 1 12  ? 0.787   2.244   -14.113 1.00 12.23 ? 12  SER A CA  1 
ATOM   89   C C   . SER A 1 12  ? 1.462   2.674   -12.807 1.00 12.02 ? 12  SER A C   1 
ATOM   90   O O   . SER A 1 12  ? 0.857   2.571   -11.734 1.00 10.07 ? 12  SER A O   1 
ATOM   91   C CB  . SER A 1 12  ? 0.313   3.495   -14.834 1.00 12.13 ? 12  SER A CB  1 
ATOM   92   O OG  . SER A 1 12  ? -0.434  4.307   -13.967 1.00 11.59 ? 12  SER A OG  1 
ATOM   93   N N   . SER A 1 13  ? 2.688   3.184   -12.930 1.00 10.89 ? 13  SER A N   1 
ATOM   94   C CA  . SER A 1 13  ? 3.467   3.526   -11.775 1.00 11.70 ? 13  SER A CA  1 
ATOM   95   C C   . SER A 1 13  ? 4.527   4.595   -12.059 1.00 11.86 ? 13  SER A C   1 
ATOM   96   O O   . SER A 1 13  ? 5.349   4.464   -12.976 1.00 11.31 ? 13  SER A O   1 
ATOM   97   C CB  . SER A 1 13  ? 4.118   2.262   -11.210 1.00 10.15 ? 13  SER A CB  1 
ATOM   98   O OG  . SER A 1 13  ? 4.750   2.551   -9.980  1.00 13.82 ? 13  SER A OG  1 
ATOM   99   N N   . GLU A 1 14  ? 4.474   5.672   -11.281 1.00 12.24 ? 14  GLU A N   1 
ATOM   100  C CA  . GLU A 1 14  ? 5.500   6.724   -11.371 1.00 13.28 ? 14  GLU A CA  1 
ATOM   101  C C   . GLU A 1 14  ? 6.295   6.957   -10.067 1.00 12.74 ? 14  GLU A C   1 
ATOM   102  O O   . GLU A 1 14  ? 5.734   7.027   -8.952  1.00 12.10 ? 14  GLU A O   1 
ATOM   103  C CB  . GLU A 1 14  ? 4.863   8.056   -11.766 1.00 14.06 ? 14  GLU A CB  1 
ATOM   104  C CG  . GLU A 1 14  ? 4.170   8.093   -13.135 1.00 19.04 ? 14  GLU A CG  1 
ATOM   105  C CD  . GLU A 1 14  ? 2.648   8.265   -13.048 1.00 22.32 ? 14  GLU A CD  1 
ATOM   106  O OE1 . GLU A 1 14  ? 1.916   7.607   -13.828 1.00 26.26 ? 14  GLU A OE1 1 
ATOM   107  O OE2 . GLU A 1 14  ? 2.171   9.040   -12.210 1.00 24.24 ? 14  GLU A OE2 1 
ATOM   108  N N   . ASN A 1 15  ? 7.595   7.104   -10.216 1.00 11.85 ? 15  ASN A N   1 
ATOM   109  C CA  . ASN A 1 15  ? 8.462   7.465   -9.102  1.00 12.46 ? 15  ASN A CA  1 
ATOM   110  C C   . ASN A 1 15  ? 8.562   6.455   -7.955  1.00 11.35 ? 15  ASN A C   1 
ATOM   111  O O   . ASN A 1 15  ? 9.012   6.796   -6.892  1.00 10.79 ? 15  ASN A O   1 
ATOM   112  C CB  . ASN A 1 15  ? 8.034   8.820   -8.516  1.00 12.75 ? 15  ASN A CB  1 
ATOM   113  C CG  . ASN A 1 15  ? 7.978   9.919   -9.552  1.00 13.99 ? 15  ASN A CG  1 
ATOM   114  O OD1 . ASN A 1 15  ? 8.745   9.936   -10.517 1.00 17.53 ? 15  ASN A OD1 1 
ATOM   115  N ND2 . ASN A 1 15  ? 7.064   10.870  -9.345  1.00 18.58 ? 15  ASN A ND2 1 
ATOM   116  N N   . PHE A 1 16  ? 8.126   5.229   -8.188  1.00 11.88 ? 16  PHE A N   1 
ATOM   117  C CA  . PHE A 1 16  ? 8.126   4.203   -7.155  1.00 12.05 ? 16  PHE A CA  1 
ATOM   118  C C   . PHE A 1 16  ? 9.531   3.852   -6.715  1.00 11.59 ? 16  PHE A C   1 
ATOM   119  O O   . PHE A 1 16  ? 9.826   3.758   -5.501  1.00 11.09 ? 16  PHE A O   1 
ATOM   120  C CB  . PHE A 1 16  ? 7.372   2.949   -7.607  1.00 12.09 ? 16  PHE A CB  1 
ATOM   121  C CG  . PHE A 1 16  ? 7.019   2.028   -6.479  1.00 14.63 ? 16  PHE A CG  1 
ATOM   122  C CD1 . PHE A 1 16  ? 6.346   2.517   -5.374  1.00 14.68 ? 16  PHE A CD1 1 
ATOM   123  C CD2 . PHE A 1 16  ? 7.451   0.711   -6.468  1.00 14.52 ? 16  PHE A CD2 1 
ATOM   124  C CE1 . PHE A 1 16  ? 6.005   1.718   -4.334  1.00 17.62 ? 16  PHE A CE1 1 
ATOM   125  C CE2 . PHE A 1 16  ? 7.102   -0.116  -5.414  1.00 15.89 ? 16  PHE A CE2 1 
ATOM   126  C CZ  . PHE A 1 16  ? 6.386   0.393   -4.340  1.00 18.81 ? 16  PHE A CZ  1 
ATOM   127  N N   . ASP A 1 17  ? 10.411  3.683   -7.686  1.00 10.71 ? 17  ASP A N   1 
ATOM   128  C CA  . ASP A 1 17  ? 11.818  3.447   -7.329  1.00 11.82 ? 17  ASP A CA  1 
ATOM   129  C C   . ASP A 1 17  ? 12.373  4.531   -6.365  1.00 11.52 ? 17  ASP A C   1 
ATOM   130  O O   . ASP A 1 17  ? 13.056  4.227   -5.342  1.00 10.08 ? 17  ASP A O   1 
ATOM   131  C CB  . ASP A 1 17  ? 12.718  3.325   -8.572  1.00 11.76 ? 17  ASP A CB  1 
ATOM   132  C CG  . ASP A 1 17  ? 14.151  2.974   -8.209  1.00 13.69 ? 17  ASP A CG  1 
ATOM   133  O OD1 . ASP A 1 17  ? 14.327  1.863   -7.684  1.00 18.98 ? 17  ASP A OD1 1 
ATOM   134  O OD2 . ASP A 1 17  ? 15.157  3.731   -8.362  1.00 17.50 ? 17  ASP A OD2 1 
ATOM   135  N N   . ASP A 1 18  ? 12.128  5.798   -6.711  1.00 11.72 ? 18  ASP A N   1 
ATOM   136  C CA  . ASP A 1 18  ? 12.601  6.890   -5.828  1.00 13.10 ? 18  ASP A CA  1 
ATOM   137  C C   . ASP A 1 18  ? 11.930  6.743   -4.489  1.00 12.50 ? 18  ASP A C   1 
ATOM   138  O O   . ASP A 1 18  ? 12.546  7.009   -3.466  1.00 12.13 ? 18  ASP A O   1 
ATOM   139  C CB  . ASP A 1 18  ? 12.329  8.327   -6.384  1.00 12.91 ? 18  ASP A CB  1 
ATOM   140  C CG  . ASP A 1 18  ? 13.036  8.583   -7.715  1.00 15.05 ? 18  ASP A CG  1 
ATOM   141  O OD1 . ASP A 1 18  ? 14.100  7.937   -7.973  1.00 14.31 ? 18  ASP A OD1 1 
ATOM   142  O OD2 . ASP A 1 18  ? 12.585  9.390   -8.563  1.00 15.74 ? 18  ASP A OD2 1 
ATOM   143  N N   . TYR A 1 19  ? 10.651  6.347   -4.500  1.00 12.32 ? 19  TYR A N   1 
ATOM   144  C CA  . TYR A 1 19  ? 9.928   6.164   -3.230  1.00 11.40 ? 19  TYR A CA  1 
ATOM   145  C C   . TYR A 1 19  ? 10.637  5.102   -2.408  1.00 10.46 ? 19  TYR A C   1 
ATOM   146  O O   . TYR A 1 19  ? 10.992  5.339   -1.283  1.00 9.75  ? 19  TYR A O   1 
ATOM   147  C CB  . TYR A 1 19  ? 8.442   5.835   -3.413  1.00 9.67  ? 19  TYR A CB  1 
ATOM   148  C CG  . TYR A 1 19  ? 7.738   5.399   -2.135  1.00 13.11 ? 19  TYR A CG  1 
ATOM   149  C CD1 . TYR A 1 19  ? 7.390   6.310   -1.148  1.00 12.70 ? 19  TYR A CD1 1 
ATOM   150  C CD2 . TYR A 1 19  ? 7.463   4.063   -1.895  1.00 13.94 ? 19  TYR A CD2 1 
ATOM   151  C CE1 . TYR A 1 19  ? 6.779   5.886   0.011   1.00 13.85 ? 19  TYR A CE1 1 
ATOM   152  C CE2 . TYR A 1 19  ? 6.860   3.644   -0.767  1.00 10.96 ? 19  TYR A CE2 1 
ATOM   153  C CZ  . TYR A 1 19  ? 6.517   4.521   0.182   1.00 14.59 ? 19  TYR A CZ  1 
ATOM   154  O OH  . TYR A 1 19  ? 5.907   4.036   1.324   1.00 13.98 ? 19  TYR A OH  1 
ATOM   155  N N   . MET A 1 20  ? 10.829  3.922   -2.968  1.00 12.11 ? 20  MET A N   1 
ATOM   156  C CA  . MET A 1 20  ? 11.487  2.830   -2.241  1.00 11.79 ? 20  MET A CA  1 
ATOM   157  C C   . MET A 1 20  ? 12.858  3.291   -1.745  1.00 12.95 ? 20  MET A C   1 
ATOM   158  O O   . MET A 1 20  ? 13.239  3.043   -0.592  1.00 12.44 ? 20  MET A O   1 
ATOM   159  C CB  . MET A 1 20  ? 11.628  1.570   -3.115  1.00 11.32 ? 20  MET A CB  1 
ATOM   160  C CG  . MET A 1 20  ? 10.339  0.703   -3.317  1.00 11.40 ? 20  MET A CG  1 
ATOM   161  S SD  . MET A 1 20  ? 10.503  -0.821  -4.236  1.00 15.15 ? 20  MET A SD  1 
ATOM   162  C CE  . MET A 1 20  ? 10.651  -0.269  -5.896  1.00 14.63 ? 20  MET A CE  1 
ATOM   163  N N   . LYS A 1 21  ? 13.611  3.960   -2.614  1.00 12.61 ? 21  LYS A N   1 
ATOM   164  C CA  . LYS A 1 21  ? 14.935  4.405   -2.217  1.00 14.14 ? 21  LYS A CA  1 
ATOM   165  C C   . LYS A 1 21  ? 14.871  5.266   -0.951  1.00 14.60 ? 21  LYS A C   1 
ATOM   166  O O   . LYS A 1 21  ? 15.534  4.953   0.042   1.00 12.83 ? 21  LYS A O   1 
ATOM   167  C CB  . LYS A 1 21  ? 15.652  5.165   -3.331  1.00 14.53 ? 21  LYS A CB  1 
ATOM   168  C CG  . LYS A 1 21  ? 17.049  5.511   -2.993  1.00 17.64 ? 21  LYS A CG  1 
ATOM   169  C CD  . LYS A 1 21  ? 17.846  5.843   -4.256  1.00 25.74 ? 21  LYS A CD  1 
ATOM   170  C CE  . LYS A 1 21  ? 19.204  6.429   -3.891  1.00 30.87 ? 21  LYS A CE  1 
ATOM   171  N NZ  . LYS A 1 21  ? 19.885  7.056   -5.071  1.00 34.29 ? 21  LYS A NZ  1 
ATOM   172  N N   . GLU A 1 22  ? 14.078  6.343   -1.013  1.00 13.78 ? 22  GLU A N   1 
ATOM   173  C CA  . GLU A 1 22  ? 13.836  7.211   0.140   1.00 14.45 ? 22  GLU A CA  1 
ATOM   174  C C   . GLU A 1 22  ? 13.381  6.483   1.394   1.00 14.37 ? 22  GLU A C   1 
ATOM   175  O O   . GLU A 1 22  ? 13.726  6.893   2.474   1.00 13.50 ? 22  GLU A O   1 
ATOM   176  C CB  . GLU A 1 22  ? 12.750  8.227   -0.200  1.00 14.76 ? 22  GLU A CB  1 
ATOM   177  C CG  . GLU A 1 22  ? 12.921  9.516   0.540   1.00 17.42 ? 22  GLU A CG  1 
ATOM   178  C CD  . GLU A 1 22  ? 14.085  10.321  0.016   1.00 17.47 ? 22  GLU A CD  1 
ATOM   179  O OE1 . GLU A 1 22  ? 14.491  10.131  -1.148  1.00 16.47 ? 22  GLU A OE1 1 
ATOM   180  O OE2 . GLU A 1 22  ? 14.587  11.121  0.788   1.00 14.60 ? 22  GLU A OE2 1 
ATOM   181  N N   . VAL A 1 23  ? 12.580  5.423   1.255   1.00 14.09 ? 23  VAL A N   1 
ATOM   182  C CA  . VAL A 1 23  ? 12.131  4.687   2.437   1.00 14.66 ? 23  VAL A CA  1 
ATOM   183  C C   . VAL A 1 23  ? 13.292  3.905   3.018   1.00 16.32 ? 23  VAL A C   1 
ATOM   184  O O   . VAL A 1 23  ? 13.392  3.685   4.232   1.00 17.90 ? 23  VAL A O   1 
ATOM   185  C CB  . VAL A 1 23  ? 10.970  3.724   2.117   1.00 15.37 ? 23  VAL A CB  1 
ATOM   186  C CG1 . VAL A 1 23  ? 10.813  2.668   3.216   1.00 12.43 ? 23  VAL A CG1 1 
ATOM   187  C CG2 . VAL A 1 23  ? 9.658   4.515   1.844   1.00 11.94 ? 23  VAL A CG2 1 
ATOM   188  N N   . GLY A 1 24  ? 14.173  3.453   2.147   1.00 15.90 ? 24  GLY A N   1 
ATOM   189  C CA  . GLY A 1 24  ? 15.394  2.844   2.603   1.00 14.86 ? 24  GLY A CA  1 
ATOM   190  C C   . GLY A 1 24  ? 15.545  1.467   2.051   1.00 14.24 ? 24  GLY A C   1 
ATOM   191  O O   . GLY A 1 24  ? 16.363  0.754   2.522   1.00 14.87 ? 24  GLY A O   1 
ATOM   192  N N   . VAL A 1 25  ? 14.708  1.078   1.100   1.00 13.92 ? 25  VAL A N   1 
ATOM   193  C CA  . VAL A 1 25  ? 14.820  -0.241  0.501   1.00 14.38 ? 25  VAL A CA  1 
ATOM   194  C C   . VAL A 1 25  ? 16.112  -0.424  -0.306  1.00 13.97 ? 25  VAL A C   1 
ATOM   195  O O   . VAL A 1 25  ? 16.436  0.404   -1.157  1.00 13.22 ? 25  VAL A O   1 
ATOM   196  C CB  . VAL A 1 25  ? 13.644  -0.490  -0.422  1.00 14.51 ? 25  VAL A CB  1 
ATOM   197  C CG1 . VAL A 1 25  ? 13.716  -1.903  -0.953  1.00 13.86 ? 25  VAL A CG1 1 
ATOM   198  C CG2 . VAL A 1 25  ? 12.362  -0.207  0.329   1.00 13.68 ? 25  VAL A CG2 1 
ATOM   199  N N   . GLY A 1 26  ? 16.816  -1.530  -0.054  1.00 15.72 ? 26  GLY A N   1 
ATOM   200  C CA  . GLY A 1 26  ? 18.102  -1.840  -0.697  1.00 14.92 ? 26  GLY A CA  1 
ATOM   201  C C   . GLY A 1 26  ? 17.884  -2.136  -2.177  1.00 16.13 ? 26  GLY A C   1 
ATOM   202  O O   . GLY A 1 26  ? 16.765  -2.505  -2.583  1.00 13.73 ? 26  GLY A O   1 
ATOM   203  N N   . PHE A 1 27  ? 18.946  -1.972  -2.974  1.00 15.80 ? 27  PHE A N   1 
ATOM   204  C CA  . PHE A 1 27  ? 18.816  -2.056  -4.411  1.00 17.50 ? 27  PHE A CA  1 
ATOM   205  C C   . PHE A 1 27  ? 18.213  -3.372  -4.917  1.00 17.48 ? 27  PHE A C   1 
ATOM   206  O O   . PHE A 1 27  ? 17.375  -3.361  -5.818  1.00 17.50 ? 27  PHE A O   1 
ATOM   207  C CB  . PHE A 1 27  ? 20.134  -1.717  -5.148  1.00 18.78 ? 27  PHE A CB  1 
ATOM   208  C CG  . PHE A 1 27  ? 20.023  -1.796  -6.672  1.00 20.25 ? 27  PHE A CG  1 
ATOM   209  C CD1 . PHE A 1 27  ? 19.766  -0.667  -7.427  1.00 21.53 ? 27  PHE A CD1 1 
ATOM   210  C CD2 . PHE A 1 27  ? 20.213  -3.004  -7.338  1.00 22.62 ? 27  PHE A CD2 1 
ATOM   211  C CE1 . PHE A 1 27  ? 19.684  -0.735  -8.825  1.00 21.57 ? 27  PHE A CE1 1 
ATOM   212  C CE2 . PHE A 1 27  ? 20.134  -3.091  -8.738  1.00 21.32 ? 27  PHE A CE2 1 
ATOM   213  C CZ  . PHE A 1 27  ? 19.875  -1.956  -9.478  1.00 23.61 ? 27  PHE A CZ  1 
ATOM   214  N N   . ALA A 1 28  ? 18.605  -4.482  -4.313  1.00 16.90 ? 28  ALA A N   1 
ATOM   215  C CA  . ALA A 1 28  ? 18.073  -5.764  -4.737  1.00 17.55 ? 28  ALA A CA  1 
ATOM   216  C C   . ALA A 1 28  ? 16.589  -5.834  -4.565  1.00 16.47 ? 28  ALA A C   1 
ATOM   217  O O   . ALA A 1 28  ? 15.862  -6.273  -5.448  1.00 17.01 ? 28  ALA A O   1 
ATOM   218  C CB  . ALA A 1 28  ? 18.763  -6.980  -3.979  1.00 17.64 ? 28  ALA A CB  1 
ATOM   219  N N   . THR A 1 29  ? 16.106  -5.421  -3.417  1.00 15.85 ? 29  THR A N   1 
ATOM   220  C CA  . THR A 1 29  ? 14.678  -5.486  -3.278  1.00 15.29 ? 29  THR A CA  1 
ATOM   221  C C   . THR A 1 29  ? 14.037  -4.476  -4.237  1.00 14.81 ? 29  THR A C   1 
ATOM   222  O O   . THR A 1 29  ? 13.001  -4.744  -4.806  1.00 13.64 ? 29  THR A O   1 
ATOM   223  C CB  . THR A 1 29  ? 14.297  -5.300  -1.853  1.00 15.21 ? 29  THR A CB  1 
ATOM   224  O OG1 . THR A 1 29  ? 14.824  -6.417  -1.127  1.00 13.98 ? 29  THR A OG1 1 
ATOM   225  C CG2 . THR A 1 29  ? 12.799  -5.411  -1.662  1.00 12.46 ? 29  THR A CG2 1 
ATOM   226  N N   . ARG A 1 30  ? 14.702  -3.353  -4.472  1.00 15.50 ? 30  ARG A N   1 
ATOM   227  C CA  . ARG A 1 30  ? 14.140  -2.347  -5.388  1.00 15.80 ? 30  ARG A CA  1 
ATOM   228  C C   . ARG A 1 30  ? 13.941  -2.890  -6.784  1.00 15.82 ? 30  ARG A C   1 
ATOM   229  O O   . ARG A 1 30  ? 12.894  -2.723  -7.388  1.00 14.78 ? 30  ARG A O   1 
ATOM   230  C CB  . ARG A 1 30  ? 15.009  -1.109  -5.442  1.00 16.84 ? 30  ARG A CB  1 
ATOM   231  C CG  . ARG A 1 30  ? 15.029  -0.318  -4.154  1.00 16.75 ? 30  ARG A CG  1 
ATOM   232  C CD  . ARG A 1 30  ? 15.039  1.162   -4.392  1.00 23.21 ? 30  ARG A CD  1 
ATOM   233  N NE  . ARG A 1 30  ? 16.071  1.498   -5.370  1.00 23.50 ? 30  ARG A NE  1 
ATOM   234  C CZ  . ARG A 1 30  ? 17.367  1.593   -5.114  1.00 24.73 ? 30  ARG A CZ  1 
ATOM   235  N NH1 . ARG A 1 30  ? 17.828  1.390   -3.887  1.00 20.89 ? 30  ARG A NH1 1 
ATOM   236  N NH2 . ARG A 1 30  ? 18.195  1.903   -6.106  1.00 27.38 ? 30  ARG A NH2 1 
ATOM   237  N N   . LYS A 1 31  ? 14.923  -3.658  -7.257  1.00 18.10 ? 31  LYS A N   1 
ATOM   238  C CA  . LYS A 1 31  ? 14.868  -4.164  -8.608  1.00 18.19 ? 31  LYS A CA  1 
ATOM   239  C C   . LYS A 1 31  ? 13.674  -5.075  -8.775  1.00 17.99 ? 31  LYS A C   1 
ATOM   240  O O   . LYS A 1 31  ? 12.827  -4.856  -9.653  1.00 17.78 ? 31  LYS A O   1 
ATOM   241  C CB  . LYS A 1 31  ? 16.187  -4.858  -8.998  1.00 19.57 ? 31  LYS A CB  1 
ATOM   242  C CG  . LYS A 1 31  ? 16.008  -5.932  -10.052 1.00 21.83 ? 31  LYS A CG  1 
ATOM   243  C CD  . LYS A 1 31  ? 17.185  -5.988  -11.017 1.00 28.52 ? 31  LYS A CD  1 
ATOM   244  C CE  . LYS A 1 31  ? 16.693  -6.159  -12.457 1.00 27.30 ? 31  LYS A CE  1 
ATOM   245  N NZ  . LYS A 1 31  ? 17.809  -5.976  -13.435 1.00 28.55 ? 31  LYS A NZ  1 
ATOM   246  N N   . VAL A 1 32  ? 13.570  -6.081  -7.926  1.00 17.15 ? 32  VAL A N   1 
ATOM   247  C CA  . VAL A 1 32  ? 12.464  -7.016  -8.110  1.00 17.80 ? 32  VAL A CA  1 
ATOM   248  C C   . VAL A 1 32  ? 11.109  -6.433  -7.736  1.00 18.07 ? 32  VAL A C   1 
ATOM   249  O O   . VAL A 1 32  ? 10.111  -6.798  -8.346  1.00 19.13 ? 32  VAL A O   1 
ATOM   250  C CB  . VAL A 1 32  ? 12.770  -8.371  -7.465  1.00 17.60 ? 32  VAL A CB  1 
ATOM   251  C CG1 . VAL A 1 32  ? 11.661  -9.397  -7.704  1.00 18.39 ? 32  VAL A CG1 1 
ATOM   252  C CG2 . VAL A 1 32  ? 14.055  -8.877  -8.031  1.00 17.34 ? 32  VAL A CG2 1 
ATOM   253  N N   . ALA A 1 33  ? 11.050  -5.508  -6.781  1.00 18.67 ? 33  ALA A N   1 
ATOM   254  C CA  . ALA A 1 33  ? 9.742   -4.885  -6.432  1.00 19.46 ? 33  ALA A CA  1 
ATOM   255  C C   . ALA A 1 33  ? 9.256   -3.855  -7.454  1.00 19.69 ? 33  ALA A C   1 
ATOM   256  O O   . ALA A 1 33  ? 8.036   -3.760  -7.736  1.00 19.15 ? 33  ALA A O   1 
ATOM   257  C CB  . ALA A 1 33  ? 9.751   -4.272  -5.045  1.00 19.64 ? 33  ALA A CB  1 
ATOM   258  N N   . GLY A 1 34  ? 10.198  -3.095  -8.016  1.00 19.98 ? 34  GLY A N   1 
ATOM   259  C CA  . GLY A 1 34  ? 9.874   -2.108  -9.028  1.00 19.61 ? 34  GLY A CA  1 
ATOM   260  C C   . GLY A 1 34  ? 9.310   -2.788  -10.276 1.00 21.05 ? 34  GLY A C   1 
ATOM   261  O O   . GLY A 1 34  ? 8.412   -2.261  -10.920 1.00 21.20 ? 34  GLY A O   1 
ATOM   262  N N   . MET A 1 35  ? 9.792   -3.983  -10.611 1.00 21.11 ? 35  MET A N   1 
ATOM   263  C CA  . MET A 1 35  ? 9.285   -4.661  -11.830 1.00 21.09 ? 35  MET A CA  1 
ATOM   264  C C   . MET A 1 35  ? 7.965   -5.445  -11.609 1.00 20.02 ? 35  MET A C   1 
ATOM   265  O O   . MET A 1 35  ? 7.247   -5.811  -12.557 1.00 19.17 ? 35  MET A O   1 
ATOM   266  C CB  . MET A 1 35  ? 10.331  -5.632  -12.349 1.00 22.60 ? 35  MET A CB  1 
ATOM   267  C CG  . MET A 1 35  ? 11.473  -5.094  -13.110 1.00 25.82 ? 35  MET A CG  1 
ATOM   268  S SD  . MET A 1 35  ? 12.295  -6.554  -13.786 1.00 39.88 ? 35  MET A SD  1 
ATOM   269  C CE  . MET A 1 35  ? 13.085  -7.320  -12.274 1.00 36.87 ? 35  MET A CE  1 
ATOM   270  N N   . ALA A 1 36  ? 7.656   -5.710  -10.349 1.00 18.89 ? 36  ALA A N   1 
ATOM   271  C CA  . ALA A 1 36  ? 6.405   -6.366  -9.994  1.00 17.85 ? 36  ALA A CA  1 
ATOM   272  C C   . ALA A 1 36  ? 5.123   -5.656  -10.414 1.00 17.53 ? 36  ALA A C   1 
ATOM   273  O O   . ALA A 1 36  ? 4.960   -4.434  -10.246 1.00 16.69 ? 36  ALA A O   1 
ATOM   274  C CB  . ALA A 1 36  ? 6.365   -6.668  -8.506  1.00 16.58 ? 36  ALA A CB  1 
ATOM   275  N N   . LYS A 1 37  ? 4.198   -6.447  -10.929 1.00 17.91 ? 37  LYS A N   1 
ATOM   276  C CA  . LYS A 1 37  ? 2.870   -5.934  -11.294 1.00 20.54 ? 37  LYS A CA  1 
ATOM   277  C C   . LYS A 1 37  ? 1.820   -6.687  -10.474 1.00 19.85 ? 37  LYS A C   1 
ATOM   278  O O   . LYS A 1 37  ? 1.091   -7.545  -10.977 1.00 20.49 ? 37  LYS A O   1 
ATOM   279  C CB  . LYS A 1 37  ? 2.579   -6.050  -12.797 1.00 21.39 ? 37  LYS A CB  1 
ATOM   280  C CG  . LYS A 1 37  ? 3.482   -5.189  -13.694 1.00 25.32 ? 37  LYS A CG  1 
ATOM   281  C CD  . LYS A 1 37  ? 3.374   -5.622  -15.159 1.00 31.77 ? 37  LYS A CD  1 
ATOM   282  C CE  . LYS A 1 37  ? 3.290   -4.402  -16.166 1.00 37.09 ? 37  LYS A CE  1 
ATOM   283  N NZ  . LYS A 1 37  ? 3.245   -4.769  -17.661 1.00 37.30 ? 37  LYS A NZ  1 
ATOM   284  N N   . PRO A 1 38  ? 1.721   -6.309  -9.214  1.00 19.30 ? 38  PRO A N   1 
ATOM   285  C CA  . PRO A 1 38  ? 0.889   -7.040  -8.254  1.00 19.56 ? 38  PRO A CA  1 
ATOM   286  C C   . PRO A 1 38  ? -0.605  -6.843  -8.376  1.00 18.70 ? 38  PRO A C   1 
ATOM   287  O O   . PRO A 1 38  ? -1.106  -5.844  -8.884  1.00 19.03 ? 38  PRO A O   1 
ATOM   288  C CB  . PRO A 1 38  ? 1.356   -6.488  -6.904  1.00 18.97 ? 38  PRO A CB  1 
ATOM   289  C CG  . PRO A 1 38  ? 1.852   -5.127  -7.202  1.00 19.46 ? 38  PRO A CG  1 
ATOM   290  C CD  . PRO A 1 38  ? 2.357   -5.120  -8.616  1.00 19.17 ? 38  PRO A CD  1 
ATOM   291  N N   . ASN A 1 39  ? -1.319  -7.845  -7.911  1.00 18.59 ? 39  ASN A N   1 
ATOM   292  C CA  . ASN A 1 39  ? -2.754  -7.730  -7.781  1.00 18.75 ? 39  ASN A CA  1 
ATOM   293  C C   . ASN A 1 39  ? -3.019  -7.257  -6.363  1.00 18.16 ? 39  ASN A C   1 
ATOM   294  O O   . ASN A 1 39  ? -2.319  -7.635  -5.440  1.00 19.24 ? 39  ASN A O   1 
ATOM   295  C CB  . ASN A 1 39  ? -3.422  -9.073  -8.086  1.00 18.72 ? 39  ASN A CB  1 
ATOM   296  C CG  . ASN A 1 39  ? -3.375  -9.422  -9.600  1.00 20.01 ? 39  ASN A CG  1 
ATOM   297  O OD1 . ASN A 1 39  ? -3.712  -8.604  -10.478 1.00 20.64 ? 39  ASN A OD1 1 
ATOM   298  N ND2 . ASN A 1 39  ? -2.949  -10.609 -9.894  1.00 18.85 ? 39  ASN A ND2 1 
ATOM   299  N N   . MET A 1 40  ? -3.955  -6.353  -6.181  1.00 18.59 ? 40  MET A N   1 
ATOM   300  C CA  . MET A 1 40  ? -4.329  -5.958  -4.831  1.00 18.44 ? 40  MET A CA  1 
ATOM   301  C C   . MET A 1 40  ? -5.736  -6.492  -4.670  1.00 18.44 ? 40  MET A C   1 
ATOM   302  O O   . MET A 1 40  ? -6.601  -6.168  -5.479  1.00 18.79 ? 40  MET A O   1 
ATOM   303  C CB  . MET A 1 40  ? -4.321  -4.440  -4.636  1.00 19.15 ? 40  MET A CB  1 
ATOM   304  C CG  . MET A 1 40  ? -4.210  -4.021  -3.154  1.00 18.82 ? 40  MET A CG  1 
ATOM   305  S SD  . MET A 1 40  ? -4.170  -2.233  -2.816  1.00 23.78 ? 40  MET A SD  1 
ATOM   306  C CE  . MET A 1 40  ? -2.367  -1.938  -3.068  1.00 25.32 ? 40  MET A CE  1 
ATOM   307  N N   . ILE A 1 41  ? -5.955  -7.336  -3.663  1.00 17.40 ? 41  ILE A N   1 
ATOM   308  C CA  . ILE A 1 41  ? -7.269  -7.912  -3.395  1.00 16.33 ? 41  ILE A CA  1 
ATOM   309  C C   . ILE A 1 41  ? -7.791  -7.447  -2.039  1.00 15.09 ? 41  ILE A C   1 
ATOM   310  O O   . ILE A 1 41  ? -7.229  -7.778  -0.991  1.00 14.41 ? 41  ILE A O   1 
ATOM   311  C CB  . ILE A 1 41  ? -7.190  -9.437  -3.377  1.00 17.75 ? 41  ILE A CB  1 
ATOM   312  C CG1 . ILE A 1 41  ? -6.628  -10.002 -4.710  1.00 18.48 ? 41  ILE A CG1 1 
ATOM   313  C CG2 . ILE A 1 41  ? -8.558  -10.033 -3.059  1.00 16.97 ? 41  ILE A CG2 1 
ATOM   314  C CD1 . ILE A 1 41  ? -6.493  -11.518 -4.727  1.00 23.34 ? 41  ILE A CD1 1 
ATOM   315  N N   . ILE A 1 42  ? -8.869  -6.681  -2.072  1.00 13.17 ? 42  ILE A N   1 
ATOM   316  C CA  . ILE A 1 42  ? -9.416  -6.032  -0.902  1.00 13.10 ? 42  ILE A CA  1 
ATOM   317  C C   . ILE A 1 42  ? -10.786 -6.564  -0.539  1.00 11.94 ? 42  ILE A C   1 
ATOM   318  O O   . ILE A 1 42  ? -11.682 -6.597  -1.371  1.00 12.53 ? 42  ILE A O   1 
ATOM   319  C CB  . ILE A 1 42  ? -9.537  -4.573  -1.165  1.00 13.05 ? 42  ILE A CB  1 
ATOM   320  C CG1 . ILE A 1 42  ? -8.266  -4.037  -1.842  1.00 16.17 ? 42  ILE A CG1 1 
ATOM   321  C CG2 . ILE A 1 42  ? -9.887  -3.864  0.135   1.00 12.23 ? 42  ILE A CG2 1 
ATOM   322  C CD1 . ILE A 1 42  ? -8.158  -2.479  -1.711  1.00 15.75 ? 42  ILE A CD1 1 
ATOM   323  N N   . SER A 1 43  ? -10.943 -6.964  0.704   1.00 11.58 ? 43  SER A N   1 
ATOM   324  C CA  . SER A 1 43  ? -12.184 -7.574  1.176   1.00 13.21 ? 43  SER A CA  1 
ATOM   325  C C   . SER A 1 43  ? -12.558 -7.001  2.526   1.00 14.69 ? 43  SER A C   1 
ATOM   326  O O   . SER A 1 43  ? -11.695 -6.476  3.217   1.00 16.14 ? 43  SER A O   1 
ATOM   327  C CB  . SER A 1 43  ? -12.038 -9.112  1.256   1.00 12.76 ? 43  SER A CB  1 
ATOM   328  O OG  . SER A 1 43  ? -11.001 -9.550  2.137   1.00 11.59 ? 43  SER A OG  1 
ATOM   329  N N   . VAL A 1 44  ? -13.829 -7.101  2.916   1.00 14.93 ? 44  VAL A N   1 
ATOM   330  C CA  . VAL A 1 44  ? -14.223 -6.612  4.204   1.00 14.87 ? 44  VAL A CA  1 
ATOM   331  C C   . VAL A 1 44  ? -15.187 -7.592  4.881   1.00 15.37 ? 44  VAL A C   1 
ATOM   332  O O   . VAL A 1 44  ? -16.106 -8.107  4.249   1.00 13.88 ? 44  VAL A O   1 
ATOM   333  C CB  . VAL A 1 44  ? -14.972 -5.299  4.064   1.00 15.15 ? 44  VAL A CB  1 
ATOM   334  C CG1 . VAL A 1 44  ? -15.318 -4.755  5.424   1.00 15.27 ? 44  VAL A CG1 1 
ATOM   335  C CG2 . VAL A 1 44  ? -14.151 -4.308  3.315   1.00 16.62 ? 44  VAL A CG2 1 
ATOM   336  N N   . ASN A 1 45  ? -14.965 -7.831  6.165   1.00 15.78 ? 45  ASN A N   1 
ATOM   337  C CA  . ASN A 1 45  ? -15.866 -8.611  7.010   1.00 17.20 ? 45  ASN A CA  1 
ATOM   338  C C   . ASN A 1 45  ? -16.161 -7.831  8.313   1.00 17.47 ? 45  ASN A C   1 
ATOM   339  O O   . ASN A 1 45  ? -15.431 -7.895  9.299   1.00 16.93 ? 45  ASN A O   1 
ATOM   340  C CB  . ASN A 1 45  ? -15.280 -10.016 7.332   1.00 17.52 ? 45  ASN A CB  1 
ATOM   341  C CG  . ASN A 1 45  ? -14.947 -10.839 6.055   1.00 19.02 ? 45  ASN A CG  1 
ATOM   342  O OD1 . ASN A 1 45  ? -15.822 -11.465 5.441   1.00 22.35 ? 45  ASN A OD1 1 
ATOM   343  N ND2 . ASN A 1 45  ? -13.688 -10.808 5.646   1.00 19.86 ? 45  ASN A ND2 1 
ATOM   344  N N   . GLY A 1 46  ? -17.251 -7.090  8.310   1.00 18.87 ? 46  GLY A N   1 
ATOM   345  C CA  . GLY A 1 46  ? -17.636 -6.312  9.460   1.00 18.71 ? 46  GLY A CA  1 
ATOM   346  C C   . GLY A 1 46  ? -16.604 -5.199  9.639   1.00 19.35 ? 46  GLY A C   1 
ATOM   347  O O   . GLY A 1 46  ? -16.373 -4.386  8.755   1.00 19.40 ? 46  GLY A O   1 
ATOM   348  N N   . ASP A 1 47  ? -15.930 -5.207  10.770  1.00 18.70 ? 47  ASP A N   1 
ATOM   349  C CA  . ASP A 1 47  ? -14.991 -4.166  11.069  1.00 18.60 ? 47  ASP A CA  1 
ATOM   350  C C   . ASP A 1 47  ? -13.557 -4.505  10.659  1.00 17.25 ? 47  ASP A C   1 
ATOM   351  O O   . ASP A 1 47  ? -12.697 -3.654  10.684  1.00 17.23 ? 47  ASP A O   1 
ATOM   352  C CB  . ASP A 1 47  ? -15.119 -3.809  12.536  1.00 19.94 ? 47  ASP A CB  1 
ATOM   353  C CG  . ASP A 1 47  ? -15.101 -5.007  13.397  1.00 23.14 ? 47  ASP A CG  1 
ATOM   354  O OD1 . ASP A 1 47  ? -14.322 -5.923  13.057  1.00 24.33 ? 47  ASP A OD1 1 
ATOM   355  O OD2 . ASP A 1 47  ? -15.814 -5.154  14.411  1.00 24.44 ? 47  ASP A OD2 1 
ATOM   356  N N   . VAL A 1 48  ? -13.343 -5.738  10.218  1.00 16.25 ? 48  VAL A N   1 
ATOM   357  C CA  . VAL A 1 48  ? -12.063 -6.209  9.742   1.00 14.52 ? 48  VAL A CA  1 
ATOM   358  C C   . VAL A 1 48  ? -11.917 -6.071  8.194   1.00 13.55 ? 48  VAL A C   1 
ATOM   359  O O   . VAL A 1 48  ? -12.619 -6.711  7.422   1.00 12.30 ? 48  VAL A O   1 
ATOM   360  C CB  . VAL A 1 48  ? -11.827 -7.684  10.177  1.00 15.20 ? 48  VAL A CB  1 
ATOM   361  C CG1 . VAL A 1 48  ? -10.416 -8.099  9.856   1.00 15.53 ? 48  VAL A CG1 1 
ATOM   362  C CG2 . VAL A 1 48  ? -12.101 -7.875  11.694  1.00 11.36 ? 48  VAL A CG2 1 
ATOM   363  N N   . ILE A 1 49  ? -11.030 -5.195  7.749   1.00 11.21 ? 49  ILE A N   1 
ATOM   364  C CA  . ILE A 1 49  ? -10.751 -5.108  6.323   1.00 11.03 ? 49  ILE A CA  1 
ATOM   365  C C   . ILE A 1 49  ? -9.453  -5.932  6.055   1.00 10.39 ? 49  ILE A C   1 
ATOM   366  O O   . ILE A 1 49  ? -8.481  -5.791  6.772   1.00 9.51  ? 49  ILE A O   1 
ATOM   367  C CB  . ILE A 1 49  ? -10.532 -3.591  5.928   1.00 10.95 ? 49  ILE A CB  1 
ATOM   368  C CG1 . ILE A 1 49  ? -11.826 -2.764  6.056   1.00 10.70 ? 49  ILE A CG1 1 
ATOM   369  C CG2 . ILE A 1 49  ? -9.808  -3.423  4.555   1.00 9.06  ? 49  ILE A CG2 1 
ATOM   370  C CD1 . ILE A 1 49  ? -11.544 -1.308  6.393   1.00 12.68 ? 49  ILE A CD1 1 
ATOM   371  N N   . THR A 1 50  ? -9.436  -6.763  5.023   1.00 10.36 ? 50  THR A N   1 
ATOM   372  C CA  . THR A 1 50  ? -8.223  -7.489  4.644   1.00 10.07 ? 50  THR A CA  1 
ATOM   373  C C   . THR A 1 50  ? -7.687  -6.984  3.260   1.00 10.97 ? 50  THR A C   1 
ATOM   374  O O   . THR A 1 50  ? -8.426  -6.852  2.303   1.00 10.79 ? 50  THR A O   1 
ATOM   375  C CB  . THR A 1 50  ? -8.540  -8.954  4.501   1.00 9.26  ? 50  THR A CB  1 
ATOM   376  O OG1 . THR A 1 50  ? -9.074  -9.477  5.727   1.00 8.38  ? 50  THR A OG1 1 
ATOM   377  C CG2 . THR A 1 50  ? -7.272  -9.762  4.198   1.00 6.98  ? 50  THR A CG2 1 
ATOM   378  N N   . ILE A 1 51  ? -6.405  -6.730  3.146   1.00 11.59 ? 51  ILE A N   1 
ATOM   379  C CA  . ILE A 1 51  ? -5.850  -6.322  1.852   1.00 12.22 ? 51  ILE A CA  1 
ATOM   380  C C   . ILE A 1 51  ? -4.611  -7.205  1.555   1.00 12.40 ? 51  ILE A C   1 
ATOM   381  O O   . ILE A 1 51  ? -3.658  -7.173  2.318   1.00 12.40 ? 51  ILE A O   1 
ATOM   382  C CB  . ILE A 1 51  ? -5.399  -4.868  1.908   1.00 11.64 ? 51  ILE A CB  1 
ATOM   383  C CG1 . ILE A 1 51  ? -6.578  -3.875  1.955   1.00 11.36 ? 51  ILE A CG1 1 
ATOM   384  C CG2 . ILE A 1 51  ? -4.472  -4.593  0.757   1.00 10.02 ? 51  ILE A CG2 1 
ATOM   385  C CD1 . ILE A 1 51  ? -6.186  -2.445  2.466   1.00 3.67  ? 51  ILE A CD1 1 
ATOM   386  N N   . LYS A 1 52  ? -4.633  -7.929  0.437   1.00 12.44 ? 52  LYS A N   1 
ATOM   387  C CA  . LYS A 1 52  ? -3.564  -8.811  -0.006  1.00 13.89 ? 52  LYS A CA  1 
ATOM   388  C C   . LYS A 1 52  ? -2.948  -8.248  -1.274  1.00 14.55 ? 52  LYS A C   1 
ATOM   389  O O   . LYS A 1 52  ? -3.663  -7.725  -2.125  1.00 13.94 ? 52  LYS A O   1 
ATOM   390  C CB  . LYS A 1 52  ? -4.102  -10.210 -0.369  1.00 15.44 ? 52  LYS A CB  1 
ATOM   391  C CG  . LYS A 1 52  ? -5.165  -10.821 0.530   1.00 15.40 ? 52  LYS A CG  1 
ATOM   392  C CD  . LYS A 1 52  ? -5.506  -12.190 0.022   1.00 13.60 ? 52  LYS A CD  1 
ATOM   393  C CE  . LYS A 1 52  ? -6.582  -12.851 0.902   1.00 14.92 ? 52  LYS A CE  1 
ATOM   394  N NZ  . LYS A 1 52  ? -7.074  -14.193 0.312   1.00 16.53 ? 52  LYS A NZ  1 
ATOM   395  N N   . SER A 1 53  ? -1.627  -8.317  -1.389  1.00 14.44 ? 53  SER A N   1 
ATOM   396  C CA  . SER A 1 53  ? -0.972  -7.958  -2.637  1.00 15.35 ? 53  SER A CA  1 
ATOM   397  C C   . SER A 1 53  ? -0.228  -9.200  -2.990  1.00 14.71 ? 53  SER A C   1 
ATOM   398  O O   . SER A 1 53  ? 0.583   -9.702  -2.209  1.00 14.80 ? 53  SER A O   1 
ATOM   399  C CB  . SER A 1 53  ? -0.017  -6.766  -2.507  1.00 15.58 ? 53  SER A CB  1 
ATOM   400  O OG  . SER A 1 53  ? -0.673  -5.621  -1.998  1.00 21.00 ? 53  SER A OG  1 
ATOM   401  N N   . GLU A 1 54  ? -0.524  -9.718  -4.174  1.00 14.69 ? 54  GLU A N   1 
ATOM   402  C CA  . GLU A 1 54  ? 0.120   -10.922 -4.650  1.00 13.86 ? 54  GLU A CA  1 
ATOM   403  C C   . GLU A 1 54  ? 0.958   -10.584 -5.878  1.00 13.41 ? 54  GLU A C   1 
ATOM   404  O O   . GLU A 1 54  ? 0.507   -9.831  -6.746  1.00 13.31 ? 54  GLU A O   1 
ATOM   405  C CB  . GLU A 1 54  ? -0.942  -11.991 -4.995  1.00 13.83 ? 54  GLU A CB  1 
ATOM   406  C CG  . GLU A 1 54  ? -2.106  -12.133 -3.994  1.00 16.07 ? 54  GLU A CG  1 
ATOM   407  C CD  . GLU A 1 54  ? -3.006  -13.346 -4.312  1.00 20.93 ? 54  GLU A CD  1 
ATOM   408  O OE1 . GLU A 1 54  ? -3.069  -13.744 -5.499  1.00 19.82 ? 54  GLU A OE1 1 
ATOM   409  O OE2 . GLU A 1 54  ? -3.634  -13.894 -3.385  1.00 21.08 ? 54  GLU A OE2 1 
ATOM   410  N N   . SER A 1 55  ? 2.155   -11.160 -5.950  1.00 12.49 ? 55  SER A N   1 
ATOM   411  C CA  . SER A 1 55  ? 3.059   -10.972 -7.075  1.00 13.09 ? 55  SER A CA  1 
ATOM   412  C C   . SER A 1 55  ? 4.105   -12.072 -7.012  1.00 13.93 ? 55  SER A C   1 
ATOM   413  O O   . SER A 1 55  ? 4.250   -12.686 -5.970  1.00 13.55 ? 55  SER A O   1 
ATOM   414  C CB  . SER A 1 55  ? 3.734   -9.569  -7.028  1.00 12.40 ? 55  SER A CB  1 
ATOM   415  O OG  . SER A 1 55  ? 4.728   -9.441  -6.000  1.00 9.92  ? 55  SER A OG  1 
ATOM   416  N N   . THR A 1 56  ? 4.833   -12.314 -8.113  1.00 15.05 ? 56  THR A N   1 
ATOM   417  C CA  . THR A 1 56  ? 5.946   -13.287 -8.103  1.00 15.22 ? 56  THR A CA  1 
ATOM   418  C C   . THR A 1 56  ? 7.075   -12.835 -7.196  1.00 15.62 ? 56  THR A C   1 
ATOM   419  O O   . THR A 1 56  ? 7.857   -13.634 -6.671  1.00 15.28 ? 56  THR A O   1 
ATOM   420  C CB  . THR A 1 56  ? 6.513   -13.552 -9.531  1.00 15.29 ? 56  THR A CB  1 
ATOM   421  O OG1 . THR A 1 56  ? 6.748   -12.316 -10.209 1.00 15.62 ? 56  THR A OG1 1 
ATOM   422  C CG2 . THR A 1 56  ? 5.483   -14.295 -10.416 1.00 13.63 ? 56  THR A CG2 1 
ATOM   423  N N   . PHE A 1 57  ? 7.169   -11.529 -7.050  1.00 17.00 ? 57  PHE A N   1 
ATOM   424  C CA  . PHE A 1 57  ? 8.129   -10.888 -6.135  1.00 17.81 ? 57  PHE A CA  1 
ATOM   425  C C   . PHE A 1 57  ? 7.924   -11.297 -4.655  1.00 17.94 ? 57  PHE A C   1 
ATOM   426  O O   . PHE A 1 57  ? 8.866   -11.654 -3.953  1.00 17.19 ? 57  PHE A O   1 
ATOM   427  C CB  . PHE A 1 57  ? 7.970   -9.375  -6.219  1.00 17.23 ? 57  PHE A CB  1 
ATOM   428  C CG  . PHE A 1 57  ? 8.526   -8.662  -5.037  1.00 17.66 ? 57  PHE A CG  1 
ATOM   429  C CD1 . PHE A 1 57  ? 9.816   -8.878  -4.661  1.00 14.79 ? 57  PHE A CD1 1 
ATOM   430  C CD2 . PHE A 1 57  ? 7.738   -7.783  -4.304  1.00 15.98 ? 57  PHE A CD2 1 
ATOM   431  C CE1 . PHE A 1 57  ? 10.333  -8.246  -3.534  1.00 21.21 ? 57  PHE A CE1 1 
ATOM   432  C CE2 . PHE A 1 57  ? 8.229   -7.133  -3.237  1.00 15.10 ? 57  PHE A CE2 1 
ATOM   433  C CZ  . PHE A 1 57  ? 9.547   -7.356  -2.842  1.00 19.36 ? 57  PHE A CZ  1 
ATOM   434  N N   . LYS A 1 58  ? 6.685   -11.173 -4.181  1.00 19.05 ? 58  LYS A N   1 
ATOM   435  C CA  . LYS A 1 58  ? 6.318   -11.514 -2.806  1.00 18.57 ? 58  LYS A CA  1 
ATOM   436  C C   . LYS A 1 58  ? 4.796   -11.437 -2.704  1.00 17.93 ? 58  LYS A C   1 
ATOM   437  O O   . LYS A 1 58  ? 4.159   -10.655 -3.404  1.00 17.97 ? 58  LYS A O   1 
ATOM   438  C CB  . LYS A 1 58  ? 6.912   -10.491 -1.771  1.00 19.30 ? 58  LYS A CB  1 
ATOM   439  C CG  . LYS A 1 58  ? 7.510   -11.145 -0.477  1.00 20.25 ? 58  LYS A CG  1 
ATOM   440  C CD  . LYS A 1 58  ? 8.073   -10.104 0.544   1.00 22.70 ? 58  LYS A CD  1 
ATOM   441  C CE  . LYS A 1 58  ? 8.117   -10.581 2.018   1.00 23.80 ? 58  LYS A CE  1 
ATOM   442  N NZ  . LYS A 1 58  ? 8.049   -9.456  3.172   1.00 24.56 ? 58  LYS A NZ  1 
ATOM   443  N N   . ASN A 1 59  ? 4.209   -12.241 -1.826  1.00 17.51 ? 59  ASN A N   1 
ATOM   444  C CA  . ASN A 1 59  ? 2.791   -12.101 -1.457  1.00 17.66 ? 59  ASN A CA  1 
ATOM   445  C C   . ASN A 1 59  ? 2.688   -11.466 -0.087  1.00 14.88 ? 59  ASN A C   1 
ATOM   446  O O   . ASN A 1 59  ? 3.375   -11.919 0.779   1.00 14.71 ? 59  ASN A O   1 
ATOM   447  C CB  . ASN A 1 59  ? 2.088   -13.466 -1.411  1.00 18.17 ? 59  ASN A CB  1 
ATOM   448  C CG  . ASN A 1 59  ? 1.868   -14.046 -2.796  1.00 21.51 ? 59  ASN A CG  1 
ATOM   449  O OD1 . ASN A 1 59  ? 2.247   -13.439 -3.795  1.00 22.50 ? 59  ASN A OD1 1 
ATOM   450  N ND2 . ASN A 1 59  ? 1.242   -15.221 -2.861  1.00 23.67 ? 59  ASN A ND2 1 
ATOM   451  N N   . THR A 1 60  ? 1.895   -10.408 0.109   1.00 13.20 ? 60  THR A N   1 
ATOM   452  C CA  . THR A 1 60  ? 1.755   -9.866  1.476   1.00 12.41 ? 60  THR A CA  1 
ATOM   453  C C   . THR A 1 60  ? 0.322   -9.711  1.842   1.00 12.34 ? 60  THR A C   1 
ATOM   454  O O   . THR A 1 60  ? -0.540  -9.588  0.976   1.00 10.36 ? 60  THR A O   1 
ATOM   455  C CB  . THR A 1 60  ? 2.342   -8.460  1.687   1.00 11.58 ? 60  THR A CB  1 
ATOM   456  O OG1 . THR A 1 60  ? 1.627   -7.503  0.887   1.00 10.90 ? 60  THR A OG1 1 
ATOM   457  C CG2 . THR A 1 60  ? 3.836   -8.351  1.282   1.00 12.82 ? 60  THR A CG2 1 
ATOM   458  N N   . GLU A 1 61  ? 0.076   -9.652  3.146   1.00 12.43 ? 61  GLU A N   1 
ATOM   459  C CA  . GLU A 1 61  ? -1.302  -9.507  3.599   1.00 13.33 ? 61  GLU A CA  1 
ATOM   460  C C   . GLU A 1 61  ? -1.486  -8.818  4.940   1.00 13.08 ? 61  GLU A C   1 
ATOM   461  O O   . GLU A 1 61  ? -0.821  -9.155  5.918   1.00 13.15 ? 61  GLU A O   1 
ATOM   462  C CB  . GLU A 1 61  ? -2.051  -10.863 3.615   1.00 12.88 ? 61  GLU A CB  1 
ATOM   463  C CG  . GLU A 1 61  ? -3.373  -10.804 4.377   1.00 14.84 ? 61  GLU A CG  1 
ATOM   464  C CD  . GLU A 1 61  ? -4.187  -12.109 4.393   1.00 14.88 ? 61  GLU A CD  1 
ATOM   465  O OE1 . GLU A 1 61  ? -4.015  -12.963 3.511   1.00 14.60 ? 61  GLU A OE1 1 
ATOM   466  O OE2 . GLU A 1 61  ? -4.960  -12.286 5.350   1.00 14.20 ? 61  GLU A OE2 1 
ATOM   467  N N   . ILE A 1 62  ? -2.405  -7.861  4.980   1.00 12.59 ? 62  ILE A N   1 
ATOM   468  C CA  . ILE A 1 62  ? -2.768  -7.251  6.246   1.00 12.71 ? 62  ILE A CA  1 
ATOM   469  C C   . ILE A 1 62  ? -4.249  -7.280  6.481   1.00 12.75 ? 62  ILE A C   1 
ATOM   470  O O   . ILE A 1 62  ? -5.057  -7.239  5.547   1.00 12.67 ? 62  ILE A O   1 
ATOM   471  C CB  . ILE A 1 62  ? -2.241  -5.797  6.387   1.00 12.92 ? 62  ILE A CB  1 
ATOM   472  C CG1 . ILE A 1 62  ? -2.790  -4.910  5.255   1.00 11.15 ? 62  ILE A CG1 1 
ATOM   473  C CG2 . ILE A 1 62  ? -0.716  -5.804  6.567   1.00 13.18 ? 62  ILE A CG2 1 
ATOM   474  C CD1 . ILE A 1 62  ? -2.539  -3.327  5.475   1.00 9.68  ? 62  ILE A CD1 1 
ATOM   475  N N   . SER A 1 63  ? -4.599  -7.348  7.755   1.00 13.40 ? 63  SER A N   1 
ATOM   476  C CA  . SER A 1 63  ? -5.993  -7.367  8.203   1.00 13.78 ? 63  SER A CA  1 
ATOM   477  C C   . SER A 1 63  ? -6.099  -6.425  9.398   1.00 12.96 ? 63  SER A C   1 
ATOM   478  O O   . SER A 1 63  ? -5.294  -6.521  10.307  1.00 13.73 ? 63  SER A O   1 
ATOM   479  C CB  . SER A 1 63  ? -6.351  -8.781  8.637   1.00 13.72 ? 63  SER A CB  1 
ATOM   480  O OG  . SER A 1 63  ? -7.054  -9.462  7.613   1.00 17.48 ? 63  SER A OG  1 
ATOM   481  N N   . PHE A 1 64  ? -7.100  -5.559  9.447   1.00 11.65 ? 64  PHE A N   1 
ATOM   482  C CA  . PHE A 1 64  ? -7.087  -4.553  10.503  1.00 11.42 ? 64  PHE A CA  1 
ATOM   483  C C   . PHE A 1 64  ? -8.460  -3.935  10.704  1.00 12.05 ? 64  PHE A C   1 
ATOM   484  O O   . PHE A 1 64  ? -9.379  -4.060  9.879   1.00 11.80 ? 64  PHE A O   1 
ATOM   485  C CB  . PHE A 1 64  ? -6.128  -3.429  10.113  1.00 9.69  ? 64  PHE A CB  1 
ATOM   486  C CG  . PHE A 1 64  ? -6.462  -2.835  8.763   1.00 8.49  ? 64  PHE A CG  1 
ATOM   487  C CD1 . PHE A 1 64  ? -6.041  -3.467  7.594   1.00 3.28  ? 64  PHE A CD1 1 
ATOM   488  C CD2 . PHE A 1 64  ? -7.257  -1.703  8.656   1.00 5.99  ? 64  PHE A CD2 1 
ATOM   489  C CE1 . PHE A 1 64  ? -6.371  -2.992  6.355   1.00 4.84  ? 64  PHE A CE1 1 
ATOM   490  C CE2 . PHE A 1 64  ? -7.620  -1.187  7.367   1.00 5.16  ? 64  PHE A CE2 1 
ATOM   491  C CZ  . PHE A 1 64  ? -7.171  -1.834  6.233   1.00 8.92  ? 64  PHE A CZ  1 
ATOM   492  N N   . ILE A 1 65  ? -8.544  -3.190  11.784  1.00 11.93 ? 65  ILE A N   1 
ATOM   493  C CA  . ILE A 1 65  ? -9.707  -2.439  12.143  1.00 12.32 ? 65  ILE A CA  1 
ATOM   494  C C   . ILE A 1 65  ? -9.285  -0.970  12.024  1.00 13.68 ? 65  ILE A C   1 
ATOM   495  O O   . ILE A 1 65  ? -8.164  -0.573  12.475  1.00 13.40 ? 65  ILE A O   1 
ATOM   496  C CB  . ILE A 1 65  ? -10.037 -2.816  13.557  1.00 12.52 ? 65  ILE A CB  1 
ATOM   497  C CG1 . ILE A 1 65  ? -10.542 -4.272  13.539  1.00 13.66 ? 65  ILE A CG1 1 
ATOM   498  C CG2 . ILE A 1 65  ? -11.061 -1.867  14.147  1.00 12.18 ? 65  ILE A CG2 1 
ATOM   499  C CD1 . ILE A 1 65  ? -10.818 -4.852  14.908  1.00 17.03 ? 65  ILE A CD1 1 
ATOM   500  N N   . LEU A 1 66  ? -10.150 -0.197  11.363  1.00 13.95 ? 66  LEU A N   1 
ATOM   501  C CA  . LEU A 1 66  ? -9.965  1.233   11.165  1.00 13.71 ? 66  LEU A CA  1 
ATOM   502  C C   . LEU A 1 66  ? -9.726  1.841   12.509  1.00 14.03 ? 66  LEU A C   1 
ATOM   503  O O   . LEU A 1 66  ? -10.555 1.662   13.436  1.00 12.09 ? 66  LEU A O   1 
ATOM   504  C CB  . LEU A 1 66  ? -11.201 1.914   10.563  1.00 13.10 ? 66  LEU A CB  1 
ATOM   505  C CG  . LEU A 1 66  ? -11.466 1.685   9.078   1.00 13.05 ? 66  LEU A CG  1 
ATOM   506  C CD1 . LEU A 1 66  ? -12.948 2.155   8.667   1.00 9.14  ? 66  LEU A CD1 1 
ATOM   507  C CD2 . LEU A 1 66  ? -10.365 2.293   8.205   1.00 9.56  ? 66  LEU A CD2 1 
ATOM   508  N N   . GLY A 1 67  ? -8.602  2.555   12.601  1.00 13.54 ? 67  GLY A N   1 
ATOM   509  C CA  . GLY A 1 67  ? -8.266  3.249   13.810  1.00 15.45 ? 67  GLY A CA  1 
ATOM   510  C C   . GLY A 1 67  ? -7.480  2.472   14.847  1.00 17.23 ? 67  GLY A C   1 
ATOM   511  O O   . GLY A 1 67  ? -7.113  3.025   15.907  1.00 17.03 ? 67  GLY A O   1 
ATOM   512  N N   . GLN A 1 68  ? -7.219  1.198   14.578  1.00 17.10 ? 68  GLN A N   1 
ATOM   513  C CA  . GLN A 1 68  ? -6.478  0.423   15.552  1.00 17.58 ? 68  GLN A CA  1 
ATOM   514  C C   . GLN A 1 68  ? -5.047  0.103   15.065  1.00 17.55 ? 68  GLN A C   1 
ATOM   515  O O   . GLN A 1 68  ? -4.835  -0.543  14.039  1.00 17.80 ? 68  GLN A O   1 
ATOM   516  C CB  . GLN A 1 68  ? -7.263  -0.835  15.900  1.00 17.49 ? 68  GLN A CB  1 
ATOM   517  C CG  . GLN A 1 68  ? -6.643  -1.682  16.959  1.00 17.72 ? 68  GLN A CG  1 
ATOM   518  C CD  . GLN A 1 68  ? -7.398  -2.994  17.146  1.00 24.34 ? 68  GLN A CD  1 
ATOM   519  O OE1 . GLN A 1 68  ? -8.642  -3.006  17.272  1.00 22.53 ? 68  GLN A OE1 1 
ATOM   520  N NE2 . GLN A 1 68  ? -6.653  -4.099  17.162  1.00 24.97 ? 68  GLN A NE2 1 
ATOM   521  N N   . GLU A 1 69  ? -4.060  0.580   15.795  1.00 17.21 ? 69  GLU A N   1 
ATOM   522  C CA  . GLU A 1 69  ? -2.689  0.348   15.399  1.00 17.19 ? 69  GLU A CA  1 
ATOM   523  C C   . GLU A 1 69  ? -2.388  -1.154  15.402  1.00 16.28 ? 69  GLU A C   1 
ATOM   524  O O   . GLU A 1 69  ? -2.962  -1.902  16.193  1.00 16.05 ? 69  GLU A O   1 
ATOM   525  C CB  . GLU A 1 69  ? -1.729  1.114   16.324  1.00 16.47 ? 69  GLU A CB  1 
ATOM   526  C CG  . GLU A 1 69  ? -0.303  1.107   15.859  1.00 17.21 ? 69  GLU A CG  1 
ATOM   527  C CD  . GLU A 1 69  ? 0.633   2.014   16.685  1.00 20.48 ? 69  GLU A CD  1 
ATOM   528  O OE1 . GLU A 1 69  ? 0.943   1.688   17.844  1.00 24.12 ? 69  GLU A OE1 1 
ATOM   529  O OE2 . GLU A 1 69  ? 1.094   3.057   16.173  1.00 19.57 ? 69  GLU A OE2 1 
ATOM   530  N N   . PHE A 1 70  ? -1.498  -1.597  14.513  1.00 14.42 ? 70  PHE A N   1 
ATOM   531  C CA  . PHE A 1 70  ? -1.170  -3.014  14.423  1.00 14.54 ? 70  PHE A CA  1 
ATOM   532  C C   . PHE A 1 70  ? 0.251   -3.136  13.935  1.00 14.51 ? 70  PHE A C   1 
ATOM   533  O O   . PHE A 1 70  ? 0.764   -2.189  13.325  1.00 14.76 ? 70  PHE A O   1 
ATOM   534  C CB  . PHE A 1 70  ? -2.173  -3.809  13.535  1.00 14.01 ? 70  PHE A CB  1 
ATOM   535  C CG  . PHE A 1 70  ? -2.184  -3.424  12.048  1.00 14.73 ? 70  PHE A CG  1 
ATOM   536  C CD1 . PHE A 1 70  ? -2.811  -2.264  11.603  1.00 12.78 ? 70  PHE A CD1 1 
ATOM   537  C CD2 . PHE A 1 70  ? -1.579  -4.235  11.104  1.00 15.66 ? 70  PHE A CD2 1 
ATOM   538  C CE1 . PHE A 1 70  ? -2.839  -1.941  10.263  1.00 13.75 ? 70  PHE A CE1 1 
ATOM   539  C CE2 . PHE A 1 70  ? -1.625  -3.917  9.752   1.00 15.18 ? 70  PHE A CE2 1 
ATOM   540  C CZ  . PHE A 1 70  ? -2.251  -2.744  9.337   1.00 13.03 ? 70  PHE A CZ  1 
ATOM   541  N N   . ASP A 1 71  ? 0.916   -4.245  14.258  1.00 14.58 ? 71  ASP A N   1 
ATOM   542  C CA  . ASP A 1 71  ? 2.278   -4.477  13.796  1.00 14.99 ? 71  ASP A CA  1 
ATOM   543  C C   . ASP A 1 71  ? 2.201   -4.995  12.400  1.00 15.35 ? 71  ASP A C   1 
ATOM   544  O O   . ASP A 1 71  ? 1.354   -5.845  12.131  1.00 17.08 ? 71  ASP A O   1 
ATOM   545  C CB  . ASP A 1 71  ? 2.948   -5.569  14.632  1.00 15.36 ? 71  ASP A CB  1 
ATOM   546  C CG  . ASP A 1 71  ? 3.071   -5.201  16.068  1.00 14.93 ? 71  ASP A CG  1 
ATOM   547  O OD1 . ASP A 1 71  ? 3.264   -4.027  16.385  1.00 12.88 ? 71  ASP A OD1 1 
ATOM   548  O OD2 . ASP A 1 71  ? 2.995   -6.035  16.969  1.00 16.47 ? 71  ASP A OD2 1 
ATOM   549  N N   . GLU A 1 72  ? 3.099   -4.532  11.518  1.00 15.19 ? 72  GLU A N   1 
ATOM   550  C CA  . GLU A 1 72  ? 3.195   -4.995  10.133  1.00 14.18 ? 72  GLU A CA  1 
ATOM   551  C C   . GLU A 1 72  ? 4.617   -5.394  9.722   1.00 14.50 ? 72  GLU A C   1 
ATOM   552  O O   . GLU A 1 72  ? 5.596   -4.740  10.106  1.00 14.64 ? 72  GLU A O   1 
ATOM   553  C CB  . GLU A 1 72  ? 2.676   -3.929  9.126   1.00 14.67 ? 72  GLU A CB  1 
ATOM   554  C CG  . GLU A 1 72  ? 2.873   -4.274  7.618   1.00 11.67 ? 72  GLU A CG  1 
ATOM   555  C CD  . GLU A 1 72  ? 2.231   -3.270  6.627   1.00 16.27 ? 72  GLU A CD  1 
ATOM   556  O OE1 . GLU A 1 72  ? 1.756   -2.164  7.038   1.00 10.05 ? 72  GLU A OE1 1 
ATOM   557  O OE2 . GLU A 1 72  ? 2.205   -3.582  5.398   1.00 17.01 ? 72  GLU A OE2 1 
ATOM   558  N N   . VAL A 1 73  ? 4.733   -6.481  8.974   1.00 14.04 ? 73  VAL A N   1 
ATOM   559  C CA  . VAL A 1 73  ? 5.988   -6.762  8.297   1.00 14.87 ? 73  VAL A CA  1 
ATOM   560  C C   . VAL A 1 73  ? 5.812   -6.374  6.815   1.00 13.80 ? 73  VAL A C   1 
ATOM   561  O O   . VAL A 1 73  ? 4.897   -6.812  6.163   1.00 11.48 ? 73  VAL A O   1 
ATOM   562  C CB  . VAL A 1 73  ? 6.422   -8.221  8.442   1.00 15.70 ? 73  VAL A CB  1 
ATOM   563  C CG1 . VAL A 1 73  ? 7.651   -8.489  7.632   1.00 15.32 ? 73  VAL A CG1 1 
ATOM   564  C CG2 . VAL A 1 73  ? 6.643   -8.563  9.948   1.00 14.76 ? 73  VAL A CG2 1 
ATOM   565  N N   . THR A 1 74  ? 6.654   -5.502  6.294   1.00 13.78 ? 74  THR A N   1 
ATOM   566  C CA  . THR A 1 74  ? 6.451   -5.091  4.895   1.00 13.68 ? 74  THR A CA  1 
ATOM   567  C C   . THR A 1 74  ? 7.142   -6.029  3.931   1.00 13.21 ? 74  THR A C   1 
ATOM   568  O O   . THR A 1 74  ? 7.994   -6.835  4.335   1.00 13.89 ? 74  THR A O   1 
ATOM   569  C CB  . THR A 1 74  ? 6.989   -3.652  4.640   1.00 13.68 ? 74  THR A CB  1 
ATOM   570  O OG1 . THR A 1 74  ? 8.380   -3.581  4.979   1.00 12.20 ? 74  THR A OG1 1 
ATOM   571  C CG2 . THR A 1 74  ? 6.343   -2.615  5.552   1.00 14.03 ? 74  THR A CG2 1 
ATOM   572  N N   . ALA A 1 75  ? 6.820   -5.880  2.650   1.00 12.41 ? 75  ALA A N   1 
ATOM   573  C CA  . ALA A 1 75  ? 7.431   -6.681  1.602   1.00 14.01 ? 75  ALA A CA  1 
ATOM   574  C C   . ALA A 1 75  ? 8.951   -6.489  1.678   1.00 13.98 ? 75  ALA A C   1 
ATOM   575  O O   . ALA A 1 75  ? 9.721   -7.365  1.409   1.00 13.69 ? 75  ALA A O   1 
ATOM   576  C CB  . ALA A 1 75  ? 6.867   -6.271  0.197   1.00 12.67 ? 75  ALA A CB  1 
ATOM   577  N N   . ASP A 1 76  ? 9.355   -5.314  2.165   1.00 15.59 ? 76  ASP A N   1 
ATOM   578  C CA  . ASP A 1 76  ? 10.778  -4.989  2.321   1.00 16.59 ? 76  ASP A CA  1 
ATOM   579  C C   . ASP A 1 76  ? 11.281  -5.185  3.766   1.00 18.30 ? 76  ASP A C   1 
ATOM   580  O O   . ASP A 1 76  ? 12.321  -4.636  4.198   1.00 19.04 ? 76  ASP A O   1 
ATOM   581  C CB  . ASP A 1 76  ? 11.133  -3.623  1.703   1.00 16.02 ? 76  ASP A CB  1 
ATOM   582  C CG  . ASP A 1 76  ? 10.602  -2.472  2.509   1.00 15.97 ? 76  ASP A CG  1 
ATOM   583  O OD1 . ASP A 1 76  ? 9.363   -2.364  2.619   1.00 14.39 ? 76  ASP A OD1 1 
ATOM   584  O OD2 . ASP A 1 76  ? 11.338  -1.625  3.070   1.00 16.95 ? 76  ASP A OD2 1 
ATOM   585  N N   . ASP A 1 77  ? 10.543  -6.049  4.470   1.00 19.58 ? 77  ASP A N   1 
ATOM   586  C CA  . ASP A 1 77  ? 10.968  -6.544  5.785   1.00 19.72 ? 77  ASP A CA  1 
ATOM   587  C C   . ASP A 1 77  ? 11.129  -5.436  6.859   1.00 19.46 ? 77  ASP A C   1 
ATOM   588  O O   . ASP A 1 77  ? 11.896  -5.539  7.843   1.00 17.99 ? 77  ASP A O   1 
ATOM   589  C CB  . ASP A 1 77  ? 12.216  -7.454  5.633   1.00 20.27 ? 77  ASP A CB  1 
ATOM   590  C CG  . ASP A 1 77  ? 11.957  -8.718  4.732   1.00 25.29 ? 77  ASP A CG  1 
ATOM   591  O OD1 . ASP A 1 77  ? 10.917  -9.405  4.941   1.00 30.99 ? 77  ASP A OD1 1 
ATOM   592  O OD2 . ASP A 1 77  ? 12.733  -9.127  3.806   1.00 24.11 ? 77  ASP A OD2 1 
ATOM   593  N N   . ARG A 1 78  ? 10.417  -4.344  6.692   1.00 18.66 ? 78  ARG A N   1 
ATOM   594  C CA  . ARG A 1 78  ? 10.466  -3.392  7.782   1.00 18.91 ? 78  ARG A CA  1 
ATOM   595  C C   . ARG A 1 78  ? 9.393   -3.794  8.818   1.00 19.56 ? 78  ARG A C   1 
ATOM   596  O O   . ARG A 1 78  ? 8.287   -4.265  8.456   1.00 19.60 ? 78  ARG A O   1 
ATOM   597  C CB  . ARG A 1 78  ? 10.184  -1.976  7.315   1.00 18.65 ? 78  ARG A CB  1 
ATOM   598  C CG  . ARG A 1 78  ? 11.313  -1.233  6.672   1.00 16.94 ? 78  ARG A CG  1 
ATOM   599  C CD  . ARG A 1 78  ? 10.801  0.023   5.938   1.00 17.25 ? 78  ARG A CD  1 
ATOM   600  N NE  . ARG A 1 78  ? 9.932   -0.338  4.813   1.00 14.88 ? 78  ARG A NE  1 
ATOM   601  C CZ  . ARG A 1 78  ? 8.767   0.237   4.518   1.00 11.70 ? 78  ARG A CZ  1 
ATOM   602  N NH1 . ARG A 1 78  ? 8.288   1.216   5.278   1.00 9.58  ? 78  ARG A NH1 1 
ATOM   603  N NH2 . ARG A 1 78  ? 8.068   -0.200  3.471   1.00 9.73  ? 78  ARG A NH2 1 
ATOM   604  N N   . LYS A 1 79  ? 9.737   -3.631  10.089  1.00 17.98 ? 79  LYS A N   1 
ATOM   605  C CA  . LYS A 1 79  ? 8.792   -3.824  11.148  1.00 17.76 ? 79  LYS A CA  1 
ATOM   606  C C   . LYS A 1 79  ? 8.314   -2.447  11.510  1.00 16.06 ? 79  LYS A C   1 
ATOM   607  O O   . LYS A 1 79  ? 9.068   -1.642  12.024  1.00 16.74 ? 79  LYS A O   1 
ATOM   608  C CB  . LYS A 1 79  ? 9.450   -4.498  12.336  1.00 19.00 ? 79  LYS A CB  1 
ATOM   609  C CG  . LYS A 1 79  ? 9.871   -5.922  12.015  1.00 21.46 ? 79  LYS A CG  1 
ATOM   610  C CD  . LYS A 1 79  ? 10.485  -6.571  13.235  1.00 24.72 ? 79  LYS A CD  1 
ATOM   611  C CE  . LYS A 1 79  ? 11.101  -7.914  12.905  1.00 27.27 ? 79  LYS A CE  1 
ATOM   612  N NZ  . LYS A 1 79  ? 12.220  -8.223  13.828  1.00 27.54 ? 79  LYS A NZ  1 
ATOM   613  N N   . VAL A 1 80  ? 7.062   -2.181  11.215  1.00 14.27 ? 80  VAL A N   1 
ATOM   614  C CA  . VAL A 1 80  ? 6.529   -0.873  11.380  1.00 13.17 ? 80  VAL A CA  1 
ATOM   615  C C   . VAL A 1 80  ? 5.243   -0.931  12.163  1.00 12.49 ? 80  VAL A C   1 
ATOM   616  O O   . VAL A 1 80  ? 4.567   -1.959  12.229  1.00 9.61  ? 80  VAL A O   1 
ATOM   617  C CB  . VAL A 1 80  ? 6.136   -0.309  10.014  1.00 13.33 ? 80  VAL A CB  1 
ATOM   618  C CG1 . VAL A 1 80  ? 7.293   -0.371  9.036   1.00 10.42 ? 80  VAL A CG1 1 
ATOM   619  C CG2 . VAL A 1 80  ? 4.918   -1.072  9.449   1.00 13.16 ? 80  VAL A CG2 1 
ATOM   620  N N   . LYS A 1 81  ? 4.924   0.212   12.754  1.00 13.08 ? 81  LYS A N   1 
ATOM   621  C CA  . LYS A 1 81  ? 3.645   0.393   13.377  1.00 12.84 ? 81  LYS A CA  1 
ATOM   622  C C   . LYS A 1 81  ? 2.675   1.026   12.329  1.00 11.71 ? 81  LYS A C   1 
ATOM   623  O O   . LYS A 1 81  ? 2.890   2.127   11.803  1.00 11.08 ? 81  LYS A O   1 
ATOM   624  C CB  . LYS A 1 81  ? 3.812   1.136   14.723  1.00 14.11 ? 81  LYS A CB  1 
ATOM   625  C CG  . LYS A 1 81  ? 4.616   0.344   15.804  1.00 17.96 ? 81  LYS A CG  1 
ATOM   626  C CD  . LYS A 1 81  ? 3.851   -0.808  16.541  1.00 21.21 ? 81  LYS A CD  1 
ATOM   627  C CE  . LYS A 1 81  ? 4.828   -1.502  17.605  1.00 25.08 ? 81  LYS A CE  1 
ATOM   628  N NZ  . LYS A 1 81  ? 4.189   -2.673  18.387  1.00 23.83 ? 81  LYS A NZ  1 
ATOM   629  N N   . SER A 1 82  ? 1.639   0.290   11.976  1.00 10.72 ? 82  SER A N   1 
ATOM   630  C CA  . SER A 1 82  ? 0.658   0.755   10.990  1.00 11.02 ? 82  SER A CA  1 
ATOM   631  C C   . SER A 1 82  ? -0.692  1.265   11.555  1.00 11.20 ? 82  SER A C   1 
ATOM   632  O O   . SER A 1 82  ? -1.317  0.608   12.410  1.00 11.87 ? 82  SER A O   1 
ATOM   633  C CB  . SER A 1 82  ? 0.340   -0.349  9.977   1.00 9.81  ? 82  SER A CB  1 
ATOM   634  O OG  . SER A 1 82  ? 1.435   -0.641  9.139   1.00 10.59 ? 82  SER A OG  1 
ATOM   635  N N   . THR A 1 83  ? -1.134  2.426   11.085  1.00 11.11 ? 83  THR A N   1 
ATOM   636  C CA  . THR A 1 83  ? -2.462  2.897   11.477  1.00 12.67 ? 83  THR A CA  1 
ATOM   637  C C   . THR A 1 83  ? -3.367  3.400   10.328  1.00 13.36 ? 83  THR A C   1 
ATOM   638  O O   . THR A 1 83  ? -3.151  4.509   9.824   1.00 14.54 ? 83  THR A O   1 
ATOM   639  C CB  . THR A 1 83  ? -2.403  3.941   12.568  1.00 11.30 ? 83  THR A CB  1 
ATOM   640  O OG1 . THR A 1 83  ? -1.944  3.327   13.770  1.00 10.88 ? 83  THR A OG1 1 
ATOM   641  C CG2 . THR A 1 83  ? -3.792  4.332   12.920  1.00 12.81 ? 83  THR A CG2 1 
ATOM   642  N N   . ILE A 1 84  ? -4.354  2.600   9.946   1.00 13.10 ? 84  ILE A N   1 
ATOM   643  C CA  . ILE A 1 84  ? -5.212  2.932   8.815   1.00 14.81 ? 84  ILE A CA  1 
ATOM   644  C C   . ILE A 1 84  ? -6.593  3.462   9.233   1.00 15.34 ? 84  ILE A C   1 
ATOM   645  O O   . ILE A 1 84  ? -7.268  2.849   10.059  1.00 17.19 ? 84  ILE A O   1 
ATOM   646  C CB  . ILE A 1 84  ? -5.366  1.687   7.892   1.00 14.42 ? 84  ILE A CB  1 
ATOM   647  C CG1 . ILE A 1 84  ? -4.009  1.129   7.500   1.00 13.50 ? 84  ILE A CG1 1 
ATOM   648  C CG2 . ILE A 1 84  ? -6.203  2.005   6.665   1.00 15.00 ? 84  ILE A CG2 1 
ATOM   649  C CD1 . ILE A 1 84  ? -4.112  -0.128  6.661   1.00 10.86 ? 84  ILE A CD1 1 
ATOM   650  N N   . THR A 1 85  ? -6.962  4.618   8.671   1.00 15.58 ? 85  THR A N   1 
ATOM   651  C CA  . THR A 1 85  ? -8.243  5.293   8.846   1.00 16.58 ? 85  THR A CA  1 
ATOM   652  C C   . THR A 1 85  ? -8.944  5.561   7.504   1.00 17.32 ? 85  THR A C   1 
ATOM   653  O O   . THR A 1 85  ? -8.338  5.463   6.441   1.00 16.63 ? 85  THR A O   1 
ATOM   654  C CB  . THR A 1 85  ? -7.960  6.624   9.403   1.00 16.11 ? 85  THR A CB  1 
ATOM   655  O OG1 . THR A 1 85  ? -6.831  7.174   8.733   1.00 14.53 ? 85  THR A OG1 1 
ATOM   656  C CG2 . THR A 1 85  ? -7.476  6.511   10.848  1.00 18.12 ? 85  THR A CG2 1 
ATOM   657  N N   . LEU A 1 86  ? -10.214 5.931   7.581   1.00 18.24 ? 86  LEU A N   1 
ATOM   658  C CA  . LEU A 1 86  ? -10.993 6.342   6.442   1.00 21.17 ? 86  LEU A CA  1 
ATOM   659  C C   . LEU A 1 86  ? -11.199 7.834   6.624   1.00 22.95 ? 86  LEU A C   1 
ATOM   660  O O   . LEU A 1 86  ? -11.771 8.268   7.621   1.00 24.01 ? 86  LEU A O   1 
ATOM   661  C CB  . LEU A 1 86  ? -12.340 5.641   6.437   1.00 21.05 ? 86  LEU A CB  1 
ATOM   662  C CG  . LEU A 1 86  ? -13.104 5.704   5.116   1.00 21.97 ? 86  LEU A CG  1 
ATOM   663  C CD1 . LEU A 1 86  ? -12.237 5.250   3.952   1.00 23.75 ? 86  LEU A CD1 1 
ATOM   664  C CD2 . LEU A 1 86  ? -14.373 4.869   5.213   1.00 23.95 ? 86  LEU A CD2 1 
ATOM   665  N N   . ASP A 1 87  ? -10.733 8.619   5.668   1.00 23.89 ? 87  ASP A N   1 
ATOM   666  C CA  . ASP A 1 87  ? -10.794 10.079  5.755   1.00 25.41 ? 87  ASP A CA  1 
ATOM   667  C C   . ASP A 1 87  ? -11.358 10.699  4.446   1.00 25.33 ? 87  ASP A C   1 
ATOM   668  O O   . ASP A 1 87  ? -10.643 10.825  3.462   1.00 26.21 ? 87  ASP A O   1 
ATOM   669  C CB  . ASP A 1 87  ? -9.374  10.608  6.043   1.00 25.53 ? 87  ASP A CB  1 
ATOM   670  C CG  . ASP A 1 87  ? -9.360  12.047  6.512   1.00 27.65 ? 87  ASP A CG  1 
ATOM   671  O OD1 . ASP A 1 87  ? -8.331  12.494  7.093   1.00 30.19 ? 87  ASP A OD1 1 
ATOM   672  O OD2 . ASP A 1 87  ? -10.332 12.803  6.361   1.00 28.87 ? 87  ASP A OD2 1 
ATOM   673  N N   . GLY A 1 88  ? -12.634 11.069  4.436   1.00 25.30 ? 88  GLY A N   1 
ATOM   674  C CA  . GLY A 1 88  ? -13.265 11.645  3.253   1.00 24.80 ? 88  GLY A CA  1 
ATOM   675  C C   . GLY A 1 88  ? -13.345 10.660  2.112   1.00 24.29 ? 88  GLY A C   1 
ATOM   676  O O   . GLY A 1 88  ? -13.221 11.006  0.941   1.00 24.87 ? 88  GLY A O   1 
ATOM   677  N N   . GLY A 1 89  ? -13.518 9.397   2.473   1.00 23.58 ? 89  GLY A N   1 
ATOM   678  C CA  . GLY A 1 89  ? -13.576 8.345   1.490   1.00 21.35 ? 89  GLY A CA  1 
ATOM   679  C C   . GLY A 1 89  ? -12.181 7.925   1.068   1.00 19.98 ? 89  GLY A C   1 
ATOM   680  O O   . GLY A 1 89  ? -12.065 7.178   0.125   1.00 20.25 ? 89  GLY A O   1 
ATOM   681  N N   . VAL A 1 90  ? -11.126 8.408   1.730   1.00 18.24 ? 90  VAL A N   1 
ATOM   682  C CA  . VAL A 1 90  ? -9.796  7.962   1.374   1.00 16.10 ? 90  VAL A CA  1 
ATOM   683  C C   . VAL A 1 90  ? -9.220  7.122   2.506   1.00 15.75 ? 90  VAL A C   1 
ATOM   684  O O   . VAL A 1 90  ? -9.311  7.504   3.669   1.00 15.68 ? 90  VAL A O   1 
ATOM   685  C CB  . VAL A 1 90  ? -8.820  9.142   1.094   1.00 15.78 ? 90  VAL A CB  1 
ATOM   686  C CG1 . VAL A 1 90  ? -7.363  8.677   1.123   1.00 14.30 ? 90  VAL A CG1 1 
ATOM   687  C CG2 . VAL A 1 90  ? -9.159  9.808   -0.234  1.00 15.20 ? 90  VAL A CG2 1 
ATOM   688  N N   . LEU A 1 91  ? -8.750  5.930   2.160   1.00 13.55 ? 91  LEU A N   1 
ATOM   689  C CA  . LEU A 1 91  ? -8.055  5.056   3.122   1.00 14.29 ? 91  LEU A CA  1 
ATOM   690  C C   . LEU A 1 91  ? -6.626  5.543   3.309   1.00 12.68 ? 91  LEU A C   1 
ATOM   691  O O   . LEU A 1 91  ? -5.851  5.508   2.371   1.00 11.67 ? 91  LEU A O   1 
ATOM   692  C CB  . LEU A 1 91  ? -7.960  3.627   2.630   1.00 13.13 ? 91  LEU A CB  1 
ATOM   693  C CG  . LEU A 1 91  ? -9.224  2.812   2.683   1.00 17.80 ? 91  LEU A CG  1 
ATOM   694  C CD1 . LEU A 1 91  ? -8.984  1.406   2.198   1.00 17.75 ? 91  LEU A CD1 1 
ATOM   695  C CD2 . LEU A 1 91  ? -9.745  2.804   4.126   1.00 21.11 ? 91  LEU A CD2 1 
ATOM   696  N N   . VAL A 1 92  ? -6.299  5.967   4.528   1.00 12.66 ? 92  VAL A N   1 
ATOM   697  C CA  . VAL A 1 92  ? -5.030  6.546   4.860   1.00 13.62 ? 92  VAL A CA  1 
ATOM   698  C C   . VAL A 1 92  ? -4.307  5.583   5.755   1.00 13.57 ? 92  VAL A C   1 
ATOM   699  O O   . VAL A 1 92  ? -4.720  5.314   6.881   1.00 13.82 ? 92  VAL A O   1 
ATOM   700  C CB  . VAL A 1 92  ? -5.243  7.867   5.566   1.00 14.19 ? 92  VAL A CB  1 
ATOM   701  C CG1 . VAL A 1 92  ? -3.910  8.505   5.972   1.00 14.09 ? 92  VAL A CG1 1 
ATOM   702  C CG2 . VAL A 1 92  ? -6.046  8.773   4.615   1.00 17.10 ? 92  VAL A CG2 1 
ATOM   703  N N   . HIS A 1 93  ? -3.226  5.052   5.219   1.00 13.06 ? 93  HIS A N   1 
ATOM   704  C CA  . HIS A 1 93  ? -2.444  4.052   5.903   1.00 12.68 ? 93  HIS A CA  1 
ATOM   705  C C   . HIS A 1 93  ? -1.132  4.673   6.317   1.00 12.09 ? 93  HIS A C   1 
ATOM   706  O O   . HIS A 1 93  ? -0.381  5.104   5.459   1.00 13.36 ? 93  HIS A O   1 
ATOM   707  C CB  . HIS A 1 93  ? -2.198  2.926   4.914   1.00 12.77 ? 93  HIS A CB  1 
ATOM   708  C CG  . HIS A 1 93  ? -1.318  1.825   5.420   1.00 12.34 ? 93  HIS A CG  1 
ATOM   709  N ND1 . HIS A 1 93  ? -1.080  0.681   4.692   1.00 7.52  ? 93  HIS A ND1 1 
ATOM   710  C CD2 . HIS A 1 93  ? -0.628  1.684   6.576   1.00 10.92 ? 93  HIS A CD2 1 
ATOM   711  C CE1 . HIS A 1 93  ? -0.275  -0.113  5.374   1.00 10.27 ? 93  HIS A CE1 1 
ATOM   712  N NE2 . HIS A 1 93  ? 0.015   0.476   6.518   1.00 10.99 ? 93  HIS A NE2 1 
ATOM   713  N N   . VAL A 1 94  ? -0.836  4.693   7.613   1.00 12.51 ? 94  VAL A N   1 
ATOM   714  C CA  . VAL A 1 94  ? 0.448   5.222   8.069   1.00 11.81 ? 94  VAL A CA  1 
ATOM   715  C C   . VAL A 1 94  ? 1.280   4.179   8.728   1.00 11.27 ? 94  VAL A C   1 
ATOM   716  O O   . VAL A 1 94  ? 0.783   3.391   9.526   1.00 9.68  ? 94  VAL A O   1 
ATOM   717  C CB  . VAL A 1 94  ? 0.308   6.408   9.002   1.00 12.30 ? 94  VAL A CB  1 
ATOM   718  C CG1 . VAL A 1 94  ? 1.653   7.190   9.102   1.00 12.10 ? 94  VAL A CG1 1 
ATOM   719  C CG2 . VAL A 1 94  ? -0.744  7.265   8.459   1.00 16.23 ? 94  VAL A CG2 1 
ATOM   720  N N   . GLN A 1 95  ? 2.545   4.174   8.324   1.00 11.13 ? 95  GLN A N   1 
ATOM   721  C CA  . GLN A 1 95  ? 3.547   3.288   8.862   1.00 11.90 ? 95  GLN A CA  1 
ATOM   722  C C   . GLN A 1 95  ? 4.578   4.120   9.619   1.00 12.11 ? 95  GLN A C   1 
ATOM   723  O O   . GLN A 1 95  ? 5.077   5.123   9.110   1.00 12.10 ? 95  GLN A O   1 
ATOM   724  C CB  . GLN A 1 95  ? 4.206   2.478   7.731   1.00 11.60 ? 95  GLN A CB  1 
ATOM   725  C CG  . GLN A 1 95  ? 3.274   1.453   7.029   1.00 10.83 ? 95  GLN A CG  1 
ATOM   726  C CD  . GLN A 1 95  ? 3.888   0.802   5.818   1.00 7.68  ? 95  GLN A CD  1 
ATOM   727  O OE1 . GLN A 1 95  ? 4.736   1.392   5.127   1.00 4.65  ? 95  GLN A OE1 1 
ATOM   728  N NE2 . GLN A 1 95  ? 3.456   -0.420  5.552   1.00 8.07  ? 95  GLN A NE2 1 
ATOM   729  N N   . LYS A 1 96  ? 4.909   3.682   10.825  1.00 13.87 ? 96  LYS A N   1 
ATOM   730  C CA  . LYS A 1 96  ? 5.914   4.377   11.625  1.00 15.32 ? 96  LYS A CA  1 
ATOM   731  C C   . LYS A 1 96  ? 6.922   3.379   12.126  1.00 15.00 ? 96  LYS A C   1 
ATOM   732  O O   . LYS A 1 96  ? 6.559   2.321   12.631  1.00 15.55 ? 96  LYS A O   1 
ATOM   733  C CB  . LYS A 1 96  ? 5.260   5.090   12.806  1.00 16.09 ? 96  LYS A CB  1 
ATOM   734  C CG  . LYS A 1 96  ? 4.031   5.886   12.422  1.00 18.91 ? 96  LYS A CG  1 
ATOM   735  C CD  . LYS A 1 96  ? 3.679   6.897   13.554  1.00 24.46 ? 96  LYS A CD  1 
ATOM   736  C CE  . LYS A 1 96  ? 2.432   7.727   13.256  1.00 25.94 ? 96  LYS A CE  1 
ATOM   737  N NZ  . LYS A 1 96  ? 2.097   8.672   14.376  1.00 27.14 ? 96  LYS A NZ  1 
ATOM   738  N N   . TRP A 1 97  ? 8.190   3.746   12.015  1.00 15.35 ? 97  TRP A N   1 
ATOM   739  C CA  . TRP A 1 97  ? 9.269   2.896   12.440  1.00 15.94 ? 97  TRP A CA  1 
ATOM   740  C C   . TRP A 1 97  ? 10.530  3.728   12.572  1.00 16.39 ? 97  TRP A C   1 
ATOM   741  O O   . TRP A 1 97  ? 10.791  4.613   11.756  1.00 14.74 ? 97  TRP A O   1 
ATOM   742  C CB  . TRP A 1 97  ? 9.433   1.721   11.475  1.00 15.73 ? 97  TRP A CB  1 
ATOM   743  C CG  . TRP A 1 97  ? 10.183  2.015   10.251  1.00 17.77 ? 97  TRP A CG  1 
ATOM   744  C CD1 . TRP A 1 97  ? 11.416  1.531   9.916   1.00 17.95 ? 97  TRP A CD1 1 
ATOM   745  C CD2 . TRP A 1 97  ? 9.773   2.861   9.161   1.00 20.32 ? 97  TRP A CD2 1 
ATOM   746  N NE1 . TRP A 1 97  ? 11.793  2.018   8.684   1.00 19.36 ? 97  TRP A NE1 1 
ATOM   747  C CE2 . TRP A 1 97  ? 10.810  2.843   8.201   1.00 21.59 ? 97  TRP A CE2 1 
ATOM   748  C CE3 . TRP A 1 97  ? 8.633   3.635   8.901   1.00 19.69 ? 97  TRP A CE3 1 
ATOM   749  C CZ2 . TRP A 1 97  ? 10.736  3.548   6.988   1.00 22.70 ? 97  TRP A CZ2 1 
ATOM   750  C CZ3 . TRP A 1 97  ? 8.573   4.388   7.738   1.00 25.63 ? 97  TRP A CZ3 1 
ATOM   751  C CH2 . TRP A 1 97  ? 9.617   4.314   6.769   1.00 26.99 ? 97  TRP A CH2 1 
ATOM   752  N N   . ASP A 1 98  ? 11.294  3.477   13.626  1.00 16.97 ? 98  ASP A N   1 
ATOM   753  C CA  . ASP A 1 98  ? 12.520  4.237   13.841  1.00 17.88 ? 98  ASP A CA  1 
ATOM   754  C C   . ASP A 1 98  ? 12.363  5.777   13.798  1.00 18.15 ? 98  ASP A C   1 
ATOM   755  O O   . ASP A 1 98  ? 13.255  6.492   13.369  1.00 18.72 ? 98  ASP A O   1 
ATOM   756  C CB  . ASP A 1 98  ? 13.511  3.743   12.808  1.00 17.96 ? 98  ASP A CB  1 
ATOM   757  C CG  . ASP A 1 98  ? 13.922  2.323   13.077  1.00 18.57 ? 98  ASP A CG  1 
ATOM   758  O OD1 . ASP A 1 98  ? 13.823  1.923   14.260  1.00 20.53 ? 98  ASP A OD1 1 
ATOM   759  O OD2 . ASP A 1 98  ? 14.361  1.542   12.219  1.00 18.35 ? 98  ASP A OD2 1 
ATOM   760  N N   . GLY A 1 99  ? 11.241  6.289   14.262  1.00 18.69 ? 99  GLY A N   1 
ATOM   761  C CA  . GLY A 1 99  ? 11.069  7.715   14.201  1.00 19.02 ? 99  GLY A CA  1 
ATOM   762  C C   . GLY A 1 99  ? 10.823  8.243   12.796  1.00 19.05 ? 99  GLY A C   1 
ATOM   763  O O   . GLY A 1 99  ? 10.742  9.444   12.615  1.00 18.46 ? 99  GLY A O   1 
ATOM   764  N N   . LYS A 1 100 ? 10.710  7.356   11.813  1.00 18.65 ? 100 LYS A N   1 
ATOM   765  C CA  . LYS A 1 100 ? 10.367  7.779   10.462  1.00 18.78 ? 100 LYS A CA  1 
ATOM   766  C C   . LYS A 1 100 ? 8.915   7.448   10.233  1.00 19.48 ? 100 LYS A C   1 
ATOM   767  O O   . LYS A 1 100 ? 8.312   6.687   10.989  1.00 21.59 ? 100 LYS A O   1 
ATOM   768  C CB  . LYS A 1 100 ? 11.204  7.059   9.401   1.00 20.03 ? 100 LYS A CB  1 
ATOM   769  C CG  . LYS A 1 100 ? 12.668  6.864   9.746   1.00 19.69 ? 100 LYS A CG  1 
ATOM   770  C CD  . LYS A 1 100 ? 13.447  6.316   8.540   1.00 23.30 ? 100 LYS A CD  1 
ATOM   771  C CE  . LYS A 1 100 ? 14.050  4.928   8.809   1.00 24.42 ? 100 LYS A CE  1 
ATOM   772  N NZ  . LYS A 1 100 ? 15.253  4.631   7.946   1.00 23.45 ? 100 LYS A NZ  1 
ATOM   773  N N   . SER A 1 101 ? 8.349   8.007   9.172   1.00 18.43 ? 101 SER A N   1 
ATOM   774  C CA  . SER A 1 101 ? 6.980   7.761   8.832   1.00 16.46 ? 101 SER A CA  1 
ATOM   775  C C   . SER A 1 101 ? 6.788   7.882   7.342   1.00 15.18 ? 101 SER A C   1 
ATOM   776  O O   . SER A 1 101 ? 7.244   8.825   6.706   1.00 16.14 ? 101 SER A O   1 
ATOM   777  C CB  . SER A 1 101 ? 6.087   8.799   9.488   1.00 16.95 ? 101 SER A CB  1 
ATOM   778  O OG  . SER A 1 101 ? 5.234   9.304   8.500   1.00 20.03 ? 101 SER A OG  1 
ATOM   779  N N   . THR A 1 102 ? 6.022   6.948   6.792   1.00 12.20 ? 102 THR A N   1 
ATOM   780  C CA  . THR A 1 102 ? 5.587   7.067   5.417   1.00 9.58  ? 102 THR A CA  1 
ATOM   781  C C   . THR A 1 102 ? 4.050   6.987   5.296   1.00 10.24 ? 102 THR A C   1 
ATOM   782  O O   . THR A 1 102 ? 3.409   6.244   6.047   1.00 10.17 ? 102 THR A O   1 
ATOM   783  C CB  . THR A 1 102 ? 6.329   6.020   4.540   1.00 9.48  ? 102 THR A CB  1 
ATOM   784  O OG1 . THR A 1 102 ? 6.008   6.227   3.172   1.00 8.39  ? 102 THR A OG1 1 
ATOM   785  C CG2 . THR A 1 102 ? 5.870   4.605   4.835   1.00 4.84  ? 102 THR A CG2 1 
ATOM   786  N N   . THR A 1 103 ? 3.449   7.730   4.354   1.00 9.99  ? 103 THR A N   1 
ATOM   787  C CA  . THR A 1 103 ? 1.994   7.669   4.177   1.00 11.65 ? 103 THR A CA  1 
ATOM   788  C C   . THR A 1 103 ? 1.483   7.067   2.854   1.00 11.55 ? 103 THR A C   1 
ATOM   789  O O   . THR A 1 103 ? 1.855   7.502   1.782   1.00 12.54 ? 103 THR A O   1 
ATOM   790  C CB  . THR A 1 103 ? 1.303   9.037   4.456   1.00 12.12 ? 103 THR A CB  1 
ATOM   791  O OG1 . THR A 1 103 ? 1.587   9.441   5.808   1.00 9.91  ? 103 THR A OG1 1 
ATOM   792  C CG2 . THR A 1 103 ? -0.234  8.905   4.402   1.00 10.73 ? 103 THR A CG2 1 
ATOM   793  N N   . ILE A 1 104 ? 0.605   6.076   2.952   1.00 11.93 ? 104 ILE A N   1 
ATOM   794  C CA  . ILE A 1 104 ? -0.025  5.480   1.788   1.00 11.72 ? 104 ILE A CA  1 
ATOM   795  C C   . ILE A 1 104 ? -1.546  5.740   1.736   1.00 12.52 ? 104 ILE A C   1 
ATOM   796  O O   . ILE A 1 104 ? -2.307  5.258   2.581   1.00 12.67 ? 104 ILE A O   1 
ATOM   797  C CB  . ILE A 1 104 ? 0.304   3.975   1.741   1.00 12.22 ? 104 ILE A CB  1 
ATOM   798  C CG1 . ILE A 1 104 ? 1.816   3.768   1.974   1.00 13.48 ? 104 ILE A CG1 1 
ATOM   799  C CG2 . ILE A 1 104 ? -0.139  3.307   0.401   1.00 10.34 ? 104 ILE A CG2 1 
ATOM   800  C CD1 . ILE A 1 104 ? 2.153   2.414   2.610   1.00 17.63 ? 104 ILE A CD1 1 
ATOM   801  N N   . LYS A 1 105 ? -1.984  6.522   0.743   1.00 12.44 ? 105 LYS A N   1 
ATOM   802  C CA  . LYS A 1 105 ? -3.407  6.795   0.558   1.00 12.18 ? 105 LYS A CA  1 
ATOM   803  C C   . LYS A 1 105 ? -3.963  5.939   -0.567  1.00 12.70 ? 105 LYS A C   1 
ATOM   804  O O   . LYS A 1 105 ? -3.372  5.852   -1.641  1.00 13.08 ? 105 LYS A O   1 
ATOM   805  C CB  . LYS A 1 105 ? -3.671  8.237   0.189   1.00 10.69 ? 105 LYS A CB  1 
ATOM   806  C CG  . LYS A 1 105 ? -3.426  9.252   1.217   1.00 14.36 ? 105 LYS A CG  1 
ATOM   807  C CD  . LYS A 1 105 ? -3.743  10.613  0.632   1.00 21.59 ? 105 LYS A CD  1 
ATOM   808  C CE  . LYS A 1 105 ? -2.889  11.702  1.208   1.00 26.48 ? 105 LYS A CE  1 
ATOM   809  N NZ  . LYS A 1 105 ? -3.349  12.239  2.518   1.00 29.24 ? 105 LYS A NZ  1 
ATOM   810  N N   . ARG A 1 106 ? -5.088  5.283   -0.333  1.00 12.22 ? 106 ARG A N   1 
ATOM   811  C CA  . ARG A 1 106 ? -5.730  4.559   -1.424  1.00 13.74 ? 106 ARG A CA  1 
ATOM   812  C C   . ARG A 1 106 ? -7.043  5.284   -1.694  1.00 13.58 ? 106 ARG A C   1 
ATOM   813  O O   . ARG A 1 106 ? -7.779  5.506   -0.774  1.00 13.46 ? 106 ARG A O   1 
ATOM   814  C CB  . ARG A 1 106 ? -5.965  3.063   -1.045  1.00 13.38 ? 106 ARG A CB  1 
ATOM   815  C CG  . ARG A 1 106 ? -4.655  2.269   -0.617  1.00 12.30 ? 106 ARG A CG  1 
ATOM   816  C CD  . ARG A 1 106 ? -4.915  0.792   -0.180  1.00 17.50 ? 106 ARG A CD  1 
ATOM   817  N NE  . ARG A 1 106 ? -3.717  -0.034  -0.115  1.00 17.28 ? 106 ARG A NE  1 
ATOM   818  C CZ  . ARG A 1 106 ? -2.839  0.109   0.845   1.00 21.28 ? 106 ARG A CZ  1 
ATOM   819  N NH1 . ARG A 1 106 ? -3.063  1.019   1.792   1.00 15.80 ? 106 ARG A NH1 1 
ATOM   820  N NH2 . ARG A 1 106 ? -1.758  -0.639  0.876   1.00 22.93 ? 106 ARG A NH2 1 
ATOM   821  N N   . LYS A 1 107 ? -7.271  5.765   -2.913  1.00 15.17 ? 107 LYS A N   1 
ATOM   822  C CA  . LYS A 1 107 ? -8.593  6.284   -3.242  1.00 17.31 ? 107 LYS A CA  1 
ATOM   823  C C   . LYS A 1 107 ? -9.179  5.673   -4.499  1.00 17.38 ? 107 LYS A C   1 
ATOM   824  O O   . LYS A 1 107 ? -8.463  5.067   -5.313  1.00 18.18 ? 107 LYS A O   1 
ATOM   825  C CB  . LYS A 1 107 ? -8.617  7.806   -3.345  1.00 17.32 ? 107 LYS A CB  1 
ATOM   826  C CG  . LYS A 1 107 ? -7.490  8.385   -4.077  1.00 20.65 ? 107 LYS A CG  1 
ATOM   827  C CD  . LYS A 1 107 ? -7.168  9.762   -3.551  1.00 24.57 ? 107 LYS A CD  1 
ATOM   828  C CE  . LYS A 1 107 ? -5.635  9.939   -3.433  1.00 29.77 ? 107 LYS A CE  1 
ATOM   829  N NZ  . LYS A 1 107 ? -5.182  11.333  -3.004  1.00 29.86 ? 107 LYS A NZ  1 
ATOM   830  N N   . ARG A 1 108 ? -10.478 5.855   -4.630  1.00 17.20 ? 108 ARG A N   1 
ATOM   831  C CA  . ARG A 1 108 ? -11.272 5.375   -5.752  1.00 18.76 ? 108 ARG A CA  1 
ATOM   832  C C   . ARG A 1 108 ? -11.533 6.555   -6.635  1.00 18.76 ? 108 ARG A C   1 
ATOM   833  O O   . ARG A 1 108 ? -12.008 7.557   -6.144  1.00 19.42 ? 108 ARG A O   1 
ATOM   834  C CB  . ARG A 1 108 ? -12.595 4.841   -5.238  1.00 18.07 ? 108 ARG A CB  1 
ATOM   835  C CG  . ARG A 1 108 ? -12.451 3.498   -4.593  1.00 22.28 ? 108 ARG A CG  1 
ATOM   836  C CD  . ARG A 1 108 ? -11.874 2.458   -5.516  1.00 25.48 ? 108 ARG A CD  1 
ATOM   837  N NE  . ARG A 1 108 ? -12.055 2.901   -6.890  1.00 30.11 ? 108 ARG A NE  1 
ATOM   838  C CZ  . ARG A 1 108 ? -13.149 2.730   -7.612  1.00 27.95 ? 108 ARG A CZ  1 
ATOM   839  N NH1 . ARG A 1 108 ? -14.190 2.090   -7.127  1.00 29.07 ? 108 ARG A NH1 1 
ATOM   840  N NH2 . ARG A 1 108 ? -13.183 3.197   -8.835  1.00 27.49 ? 108 ARG A NH2 1 
ATOM   841  N N   . GLU A 1 109 ? -11.231 6.446   -7.924  1.00 19.76 ? 109 GLU A N   1 
ATOM   842  C CA  . GLU A 1 109 ? -11.330 7.585   -8.855  1.00 21.76 ? 109 GLU A CA  1 
ATOM   843  C C   . GLU A 1 109 ? -11.889 7.030   -10.133 1.00 21.20 ? 109 GLU A C   1 
ATOM   844  O O   . GLU A 1 109 ? -11.262 6.223   -10.770 1.00 20.70 ? 109 GLU A O   1 
ATOM   845  C CB  . GLU A 1 109 ? -9.952  8.209   -9.139  1.00 22.40 ? 109 GLU A CB  1 
ATOM   846  C CG  . GLU A 1 109 ? -9.902  9.654   -9.678  1.00 26.82 ? 109 GLU A CG  1 
ATOM   847  C CD  . GLU A 1 109 ? -8.462  10.127  -10.031 1.00 31.80 ? 109 GLU A CD  1 
ATOM   848  O OE1 . GLU A 1 109 ? -7.741  10.676  -9.151  1.00 33.25 ? 109 GLU A OE1 1 
ATOM   849  O OE2 . GLU A 1 109 ? -8.034  9.937   -11.191 1.00 32.62 ? 109 GLU A OE2 1 
ATOM   850  N N   . ASP A 1 110 ? -13.072 7.475   -10.517 1.00 21.43 ? 110 ASP A N   1 
ATOM   851  C CA  . ASP A 1 110 ? -13.720 6.834   -11.642 1.00 21.31 ? 110 ASP A CA  1 
ATOM   852  C C   . ASP A 1 110 ? -13.731 5.334   -11.370 1.00 21.01 ? 110 ASP A C   1 
ATOM   853  O O   . ASP A 1 110 ? -14.373 4.876   -10.434 1.00 20.96 ? 110 ASP A O   1 
ATOM   854  C CB  . ASP A 1 110 ? -12.965 7.176   -12.916 1.00 21.60 ? 110 ASP A CB  1 
ATOM   855  C CG  . ASP A 1 110 ? -13.043 8.646   -13.226 1.00 20.93 ? 110 ASP A CG  1 
ATOM   856  O OD1 . ASP A 1 110 ? -14.061 9.271   -12.879 1.00 23.79 ? 110 ASP A OD1 1 
ATOM   857  O OD2 . ASP A 1 110 ? -12.142 9.271   -13.770 1.00 23.63 ? 110 ASP A OD2 1 
ATOM   858  N N   . ASP A 1 111 ? -12.990 4.569   -12.157 1.00 21.35 ? 111 ASP A N   1 
ATOM   859  C CA  . ASP A 1 111 ? -12.957 3.127   -11.986 1.00 20.45 ? 111 ASP A CA  1 
ATOM   860  C C   . ASP A 1 111 ? -11.541 2.692   -11.641 1.00 19.64 ? 111 ASP A C   1 
ATOM   861  O O   . ASP A 1 111 ? -11.159 1.525   -11.797 1.00 19.24 ? 111 ASP A O   1 
ATOM   862  C CB  . ASP A 1 111 ? -13.519 2.414   -13.225 1.00 20.85 ? 111 ASP A CB  1 
ATOM   863  C CG  . ASP A 1 111 ? -12.784 2.782   -14.497 1.00 23.68 ? 111 ASP A CG  1 
ATOM   864  O OD1 . ASP A 1 111 ? -11.926 3.692   -14.458 1.00 28.90 ? 111 ASP A OD1 1 
ATOM   865  O OD2 . ASP A 1 111 ? -12.981 2.200   -15.581 1.00 23.76 ? 111 ASP A OD2 1 
ATOM   866  N N   . LYS A 1 112 ? -10.749 3.645   -11.162 1.00 17.45 ? 112 LYS A N   1 
ATOM   867  C CA  . LYS A 1 112 ? -9.390  3.304   -10.773 1.00 15.48 ? 112 LYS A CA  1 
ATOM   868  C C   . LYS A 1 112 ? -9.244  3.222   -9.274  1.00 13.66 ? 112 LYS A C   1 
ATOM   869  O O   . LYS A 1 112 ? -10.011 3.830   -8.516  1.00 12.16 ? 112 LYS A O   1 
ATOM   870  C CB  . LYS A 1 112 ? -8.399  4.341   -11.244 1.00 15.42 ? 112 LYS A CB  1 
ATOM   871  C CG  . LYS A 1 112 ? -8.679  4.983   -12.545 1.00 19.08 ? 112 LYS A CG  1 
ATOM   872  C CD  . LYS A 1 112 ? -7.469  5.909   -12.898 1.00 21.70 ? 112 LYS A CD  1 
ATOM   873  C CE  . LYS A 1 112 ? -7.561  6.502   -14.322 1.00 25.57 ? 112 LYS A CE  1 
ATOM   874  N NZ  . LYS A 1 112 ? -6.360  7.393   -14.609 1.00 28.69 ? 112 LYS A NZ  1 
ATOM   875  N N   . LEU A 1 113 ? -8.289  2.419   -8.832  1.00 11.83 ? 113 LEU A N   1 
ATOM   876  C CA  . LEU A 1 113 ? -7.902  2.505   -7.435  1.00 11.04 ? 113 LEU A CA  1 
ATOM   877  C C   . LEU A 1 113 ? -6.566  3.265   -7.531  1.00 10.66 ? 113 LEU A C   1 
ATOM   878  O O   . LEU A 1 113 ? -5.658  2.860   -8.260  1.00 9.35  ? 113 LEU A O   1 
ATOM   879  C CB  . LEU A 1 113 ? -7.825  1.136   -6.796  1.00 10.05 ? 113 LEU A CB  1 
ATOM   880  C CG  . LEU A 1 113 ? -7.450  0.998   -5.317  1.00 13.66 ? 113 LEU A CG  1 
ATOM   881  C CD1 . LEU A 1 113 ? -8.174  1.990   -4.373  1.00 15.02 ? 113 LEU A CD1 1 
ATOM   882  C CD2 . LEU A 1 113 ? -7.699  -0.423  -4.871  1.00 17.09 ? 113 LEU A CD2 1 
ATOM   883  N N   . VAL A 1 114 ? -6.470  4.413   -6.864  1.00 10.99 ? 114 VAL A N   1 
ATOM   884  C CA  . VAL A 1 114 ? -5.264  5.224   -6.997  1.00 10.04 ? 114 VAL A CA  1 
ATOM   885  C C   . VAL A 1 114 ? -4.509  5.205   -5.720  1.00 10.82 ? 114 VAL A C   1 
ATOM   886  O O   . VAL A 1 114 ? -5.074  5.470   -4.666  1.00 12.69 ? 114 VAL A O   1 
ATOM   887  C CB  . VAL A 1 114 ? -5.548  6.662   -7.453  1.00 8.85  ? 114 VAL A CB  1 
ATOM   888  C CG1 . VAL A 1 114 ? -4.255  7.521   -7.521  1.00 11.09 ? 114 VAL A CG1 1 
ATOM   889  C CG2 . VAL A 1 114 ? -6.187  6.660   -8.808  1.00 10.84 ? 114 VAL A CG2 1 
ATOM   890  N N   . VAL A 1 115 ? -3.208  4.949   -5.830  1.00 11.68 ? 115 VAL A N   1 
ATOM   891  C CA  . VAL A 1 115 ? -2.348  4.835   -4.679  1.00 11.49 ? 115 VAL A CA  1 
ATOM   892  C C   . VAL A 1 115 ? -1.231  5.884   -4.642  1.00 12.36 ? 115 VAL A C   1 
ATOM   893  O O   . VAL A 1 115 ? -0.381  5.969   -5.542  1.00 12.81 ? 115 VAL A O   1 
ATOM   894  C CB  . VAL A 1 115 ? -1.749  3.433   -4.646  1.00 12.15 ? 115 VAL A CB  1 
ATOM   895  C CG1 . VAL A 1 115 ? -1.030  3.204   -3.323  1.00 8.02  ? 115 VAL A CG1 1 
ATOM   896  C CG2 . VAL A 1 115 ? -2.863  2.386   -4.814  1.00 11.45 ? 115 VAL A CG2 1 
ATOM   897  N N   . GLU A 1 116 ? -1.258  6.715   -3.615  1.00 12.67 ? 116 GLU A N   1 
ATOM   898  C CA  . GLU A 1 116 ? -0.245  7.733   -3.456  1.00 13.48 ? 116 GLU A CA  1 
ATOM   899  C C   . GLU A 1 116 ? 0.665   7.385   -2.314  1.00 13.38 ? 116 GLU A C   1 
ATOM   900  O O   . GLU A 1 116 ? 0.235   7.307   -1.177  1.00 13.23 ? 116 GLU A O   1 
ATOM   901  C CB  . GLU A 1 116 ? -0.887  9.095   -3.233  1.00 14.58 ? 116 GLU A CB  1 
ATOM   902  C CG  . GLU A 1 116 ? 0.110   10.238  -3.106  1.00 15.56 ? 116 GLU A CG  1 
ATOM   903  C CD  . GLU A 1 116 ? -0.563  11.516  -2.678  1.00 20.26 ? 116 GLU A CD  1 
ATOM   904  O OE1 . GLU A 1 116 ? -0.723  11.693  -1.455  1.00 14.47 ? 116 GLU A OE1 1 
ATOM   905  O OE2 . GLU A 1 116 ? -0.968  12.331  -3.573  1.00 23.96 ? 116 GLU A OE2 1 
ATOM   906  N N   . CYS A 1 117 ? 1.942   7.160   -2.619  1.00 14.58 ? 117 CYS A N   1 
ATOM   907  C CA  . CYS A 1 117 ? 2.923   6.846   -1.584  1.00 14.59 ? 117 CYS A CA  1 
ATOM   908  C C   . CYS A 1 117 ? 3.826   8.047   -1.288  1.00 13.89 ? 117 CYS A C   1 
ATOM   909  O O   . CYS A 1 117 ? 4.455   8.598   -2.164  1.00 13.86 ? 117 CYS A O   1 
ATOM   910  C CB  . CYS A 1 117 ? 3.728   5.630   -1.995  1.00 14.39 ? 117 CYS A CB  1 
ATOM   911  S SG  . CYS A 1 117 ? 2.683   4.373   -2.768  1.00 20.65 ? 117 CYS A SG  1 
ATOM   912  N N   . VAL A 1 118 ? 3.928   8.429   -0.030  1.00 13.94 ? 118 VAL A N   1 
ATOM   913  C CA  . VAL A 1 118 ? 4.726   9.577   0.260   1.00 13.19 ? 118 VAL A CA  1 
ATOM   914  C C   . VAL A 1 118 ? 5.832   9.281   1.281   1.00 13.21 ? 118 VAL A C   1 
ATOM   915  O O   . VAL A 1 118 ? 5.587   8.705   2.358   1.00 11.59 ? 118 VAL A O   1 
ATOM   916  C CB  . VAL A 1 118 ? 3.814   10.720  0.767   1.00 13.26 ? 118 VAL A CB  1 
ATOM   917  C CG1 . VAL A 1 118 ? 4.652   11.926  1.267   1.00 10.97 ? 118 VAL A CG1 1 
ATOM   918  C CG2 . VAL A 1 118 ? 2.772   11.112  -0.337  1.00 14.16 ? 118 VAL A CG2 1 
ATOM   919  N N   . MET A 1 119 ? 7.050   9.707   0.961   1.00 12.26 ? 119 MET A N   1 
ATOM   920  C CA  . MET A 1 119 ? 8.122   9.620   1.960   1.00 12.89 ? 119 MET A CA  1 
ATOM   921  C C   . MET A 1 119 ? 9.020   10.823  1.834   1.00 12.67 ? 119 MET A C   1 
ATOM   922  O O   . MET A 1 119 ? 9.730   10.952  0.827   1.00 13.08 ? 119 MET A O   1 
ATOM   923  C CB  . MET A 1 119 ? 8.954   8.333   1.753   1.00 13.93 ? 119 MET A CB  1 
ATOM   924  C CG  . MET A 1 119 ? 10.163  8.206   2.631   1.00 13.59 ? 119 MET A CG  1 
ATOM   925  S SD  . MET A 1 119 ? 9.587   7.827   4.216   1.00 17.19 ? 119 MET A SD  1 
ATOM   926  C CE  . MET A 1 119 ? 11.121  7.699   5.107   1.00 18.20 ? 119 MET A CE  1 
ATOM   927  N N   . LYS A 1 120 ? 9.051   11.647  2.875   1.00 13.53 ? 120 LYS A N   1 
ATOM   928  C CA  . LYS A 1 120 ? 9.822   12.880  2.863   1.00 14.65 ? 120 LYS A CA  1 
ATOM   929  C C   . LYS A 1 120 ? 9.318   13.691  1.663   1.00 14.21 ? 120 LYS A C   1 
ATOM   930  O O   . LYS A 1 120 ? 8.103   13.970  1.554   1.00 15.63 ? 120 LYS A O   1 
ATOM   931  C CB  . LYS A 1 120 ? 11.345  12.598  2.846   1.00 15.50 ? 120 LYS A CB  1 
ATOM   932  C CG  . LYS A 1 120 ? 11.850  11.885  4.145   1.00 19.76 ? 120 LYS A CG  1 
ATOM   933  C CD  . LYS A 1 120 ? 13.384  11.620  4.245   1.00 26.78 ? 120 LYS A CD  1 
ATOM   934  C CE  . LYS A 1 120 ? 14.241  12.893  4.040   1.00 32.85 ? 120 LYS A CE  1 
ATOM   935  N NZ  . LYS A 1 120 ? 15.735  12.753  4.339   1.00 33.91 ? 120 LYS A NZ  1 
ATOM   936  N N   . GLY A 1 121 ? 10.213  14.011  0.737   1.00 12.83 ? 121 GLY A N   1 
ATOM   937  C CA  . GLY A 1 121 ? 9.883   14.799  -0.435  1.00 11.51 ? 121 GLY A CA  1 
ATOM   938  C C   . GLY A 1 121 ? 9.506   13.953  -1.635  1.00 13.14 ? 121 GLY A C   1 
ATOM   939  O O   . GLY A 1 121 ? 9.236   14.469  -2.747  1.00 13.15 ? 121 GLY A O   1 
ATOM   940  N N   . VAL A 1 122 ? 9.435   12.638  -1.451  1.00 11.63 ? 122 VAL A N   1 
ATOM   941  C CA  . VAL A 1 122 ? 9.099   11.845  -2.616  1.00 10.80 ? 122 VAL A CA  1 
ATOM   942  C C   . VAL A 1 122 ? 7.647   11.394  -2.634  1.00 11.83 ? 122 VAL A C   1 
ATOM   943  O O   . VAL A 1 122 ? 7.125   10.912  -1.624  1.00 12.59 ? 122 VAL A O   1 
ATOM   944  C CB  . VAL A 1 122 ? 9.974   10.623  -2.742  1.00 9.59  ? 122 VAL A CB  1 
ATOM   945  C CG1 . VAL A 1 122 ? 9.583   9.937   -3.971  1.00 7.21  ? 122 VAL A CG1 1 
ATOM   946  C CG2 . VAL A 1 122 ? 11.546  11.005  -2.686  1.00 7.68  ? 122 VAL A CG2 1 
ATOM   947  N N   . THR A 1 123 ? 7.001   11.547  -3.781  1.00 11.99 ? 123 THR A N   1 
ATOM   948  C CA  . THR A 1 123 ? 5.624   11.110  -3.930  1.00 13.08 ? 123 THR A CA  1 
ATOM   949  C C   . THR A 1 123 ? 5.538   10.216  -5.140  1.00 12.97 ? 123 THR A C   1 
ATOM   950  O O   . THR A 1 123 ? 5.905   10.600  -6.229  1.00 12.54 ? 123 THR A O   1 
ATOM   951  C CB  . THR A 1 123 ? 4.707   12.306  -4.163  1.00 14.23 ? 123 THR A CB  1 
ATOM   952  O OG1 . THR A 1 123 ? 4.775   13.203  -3.038  1.00 14.87 ? 123 THR A OG1 1 
ATOM   953  C CG2 . THR A 1 123 ? 3.255   11.836  -4.232  1.00 14.26 ? 123 THR A CG2 1 
ATOM   954  N N   . SER A 1 124 ? 5.040   9.020   -4.922  1.00 11.43 ? 124 SER A N   1 
ATOM   955  C CA  . SER A 1 124 ? 4.897   8.042   -5.969  1.00 11.44 ? 124 SER A CA  1 
ATOM   956  C C   . SER A 1 124 ? 3.423   7.823   -6.093  1.00 11.29 ? 124 SER A C   1 
ATOM   957  O O   . SER A 1 124 ? 2.697   7.770   -5.059  1.00 12.09 ? 124 SER A O   1 
ATOM   958  C CB  . SER A 1 124 ? 5.563   6.736   -5.548  1.00 9.45  ? 124 SER A CB  1 
ATOM   959  O OG  . SER A 1 124 ? 5.490   5.737   -6.538  1.00 13.14 ? 124 SER A OG  1 
ATOM   960  N N   . THR A 1 125 ? 2.975   7.741   -7.337  1.00 10.73 ? 125 THR A N   1 
ATOM   961  C CA  . THR A 1 125 ? 1.573   7.460   -7.627  1.00 12.13 ? 125 THR A CA  1 
ATOM   962  C C   . THR A 1 125 ? 1.377   6.163   -8.423  1.00 12.68 ? 125 THR A C   1 
ATOM   963  O O   . THR A 1 125 ? 1.979   5.983   -9.479  1.00 10.70 ? 125 THR A O   1 
ATOM   964  C CB  . THR A 1 125 ? 0.887   8.683   -8.321  1.00 13.15 ? 125 THR A CB  1 
ATOM   965  O OG1 . THR A 1 125 ? 0.922   9.832   -7.436  1.00 12.97 ? 125 THR A OG1 1 
ATOM   966  C CG2 . THR A 1 125 ? -0.613  8.422   -8.552  1.00 9.76  ? 125 THR A CG2 1 
ATOM   967  N N   . ARG A 1 126 ? 0.494   5.278   -7.921  1.00 13.27 ? 126 ARG A N   1 
ATOM   968  C CA  . ARG A 1 126 ? 0.246   3.994   -8.591  1.00 13.89 ? 126 ARG A CA  1 
ATOM   969  C C   . ARG A 1 126 ? -1.235  3.758   -8.910  1.00 14.09 ? 126 ARG A C   1 
ATOM   970  O O   . ARG A 1 126 ? -2.106  3.973   -8.061  1.00 14.85 ? 126 ARG A O   1 
ATOM   971  C CB  . ARG A 1 126 ? 0.818   2.849   -7.759  1.00 13.54 ? 126 ARG A CB  1 
ATOM   972  C CG  . ARG A 1 126 ? 2.367   2.843   -7.683  1.00 14.65 ? 126 ARG A CG  1 
ATOM   973  C CD  . ARG A 1 126 ? 2.990   2.199   -6.430  1.00 12.90 ? 126 ARG A CD  1 
ATOM   974  N NE  . ARG A 1 126 ? 2.877   0.732   -6.474  1.00 15.39 ? 126 ARG A NE  1 
ATOM   975  C CZ  . ARG A 1 126 ? 3.603   -0.108  -7.235  1.00 13.95 ? 126 ARG A CZ  1 
ATOM   976  N NH1 . ARG A 1 126 ? 4.552   0.324   -8.073  1.00 12.43 ? 126 ARG A NH1 1 
ATOM   977  N NH2 . ARG A 1 126 ? 3.359   -1.416  -7.164  1.00 15.77 ? 126 ARG A NH2 1 
ATOM   978  N N   . VAL A 1 127 ? -1.531  3.368   -10.148 1.00 13.71 ? 127 VAL A N   1 
ATOM   979  C CA  . VAL A 1 127 ? -2.920  3.056   -10.517 1.00 13.34 ? 127 VAL A CA  1 
ATOM   980  C C   . VAL A 1 127 ? -3.212  1.587   -10.747 1.00 12.91 ? 127 VAL A C   1 
ATOM   981  O O   . VAL A 1 127 ? -2.468  0.877   -11.454 1.00 11.11 ? 127 VAL A O   1 
ATOM   982  C CB  . VAL A 1 127 ? -3.388  3.785   -11.834 1.00 14.37 ? 127 VAL A CB  1 
ATOM   983  C CG1 . VAL A 1 127 ? -4.811  3.560   -12.081 1.00 14.20 ? 127 VAL A CG1 1 
ATOM   984  C CG2 . VAL A 1 127 ? -3.079  5.265   -11.775 1.00 12.08 ? 127 VAL A CG2 1 
ATOM   985  N N   . TYR A 1 128 ? -4.390  1.179   -10.261 1.00 12.84 ? 128 TYR A N   1 
ATOM   986  C CA  . TYR A 1 128 ? -4.771  -0.199  -10.297 1.00 14.34 ? 128 TYR A CA  1 
ATOM   987  C C   . TYR A 1 128 ? -6.210  -0.214  -10.924 1.00 15.77 ? 128 TYR A C   1 
ATOM   988  O O   . TYR A 1 128 ? -7.086  0.581   -10.542 1.00 16.49 ? 128 TYR A O   1 
ATOM   989  C CB  . TYR A 1 128 ? -4.858  -0.781  -8.867  1.00 14.19 ? 128 TYR A CB  1 
ATOM   990  C CG  . TYR A 1 128 ? -3.564  -1.211  -8.213  1.00 12.76 ? 128 TYR A CG  1 
ATOM   991  C CD1 . TYR A 1 128 ? -2.769  -0.297  -7.561  1.00 9.82  ? 128 TYR A CD1 1 
ATOM   992  C CD2 . TYR A 1 128 ? -3.157  -2.546  -8.210  1.00 10.07 ? 128 TYR A CD2 1 
ATOM   993  C CE1 . TYR A 1 128 ? -1.605  -0.685  -6.956  1.00 10.01 ? 128 TYR A CE1 1 
ATOM   994  C CE2 . TYR A 1 128 ? -1.968  -2.947  -7.602  1.00 9.68  ? 128 TYR A CE2 1 
ATOM   995  C CZ  . TYR A 1 128 ? -1.190  -2.017  -6.976  1.00 10.06 ? 128 TYR A CZ  1 
ATOM   996  O OH  . TYR A 1 128 ? 0.019   -2.405  -6.374  1.00 11.71 ? 128 TYR A OH  1 
ATOM   997  N N   . GLU A 1 129 ? -6.452  -1.061  -11.911 1.00 15.60 ? 129 GLU A N   1 
ATOM   998  C CA  . GLU A 1 129 ? -7.836  -1.196  -12.399 1.00 17.34 ? 129 GLU A CA  1 
ATOM   999  C C   . GLU A 1 129 ? -8.385  -2.590  -12.138 1.00 17.07 ? 129 GLU A C   1 
ATOM   1000 O O   . GLU A 1 129 ? -7.577  -3.525  -11.978 1.00 15.44 ? 129 GLU A O   1 
ATOM   1001 C CB  . GLU A 1 129 ? -7.941  -0.823  -13.882 1.00 17.64 ? 129 GLU A CB  1 
ATOM   1002 C CG  . GLU A 1 129 ? -7.508  0.623   -14.089 1.00 21.62 ? 129 GLU A CG  1 
ATOM   1003 C CD  . GLU A 1 129 ? -7.602  1.107   -15.514 1.00 24.96 ? 129 GLU A CD  1 
ATOM   1004 O OE1 . GLU A 1 129 ? -8.118  0.357   -16.376 1.00 30.73 ? 129 GLU A OE1 1 
ATOM   1005 O OE2 . GLU A 1 129 ? -7.142  2.231   -15.769 1.00 24.78 ? 129 GLU A OE2 1 
ATOM   1006 N N   . ARG A 1 130 ? -9.729  -2.760  -12.160 1.00 17.61 ? 130 ARG A N   1 
ATOM   1007 C CA  . ARG A 1 130 ? -10.305 -4.079  -11.877 1.00 18.86 ? 130 ARG A CA  1 
ATOM   1008 C C   . ARG A 1 130 ? -9.770  -5.131  -12.836 1.00 19.64 ? 130 ARG A C   1 
ATOM   1009 O O   . ARG A 1 130 ? -9.505  -4.842  -13.998 1.00 20.12 ? 130 ARG A O   1 
ATOM   1010 C CB  . ARG A 1 130 ? -11.826 -4.069  -11.908 1.00 19.54 ? 130 ARG A CB  1 
ATOM   1011 C CG  . ARG A 1 130 ? -12.448 -3.542  -10.689 1.00 19.65 ? 130 ARG A CG  1 
ATOM   1012 C CD  . ARG A 1 130 ? -13.909 -3.758  -10.591 1.00 20.95 ? 130 ARG A CD  1 
ATOM   1013 N NE  . ARG A 1 130 ? -14.416 -2.753  -9.678  1.00 22.29 ? 130 ARG A NE  1 
ATOM   1014 C CZ  . ARG A 1 130 ? -14.637 -2.972  -8.400  1.00 25.23 ? 130 ARG A CZ  1 
ATOM   1015 N NH1 . ARG A 1 130 ? -14.502 -4.186  -7.891  1.00 27.07 ? 130 ARG A NH1 1 
ATOM   1016 N NH2 . ARG A 1 130 ? -15.070 -1.988  -7.647  1.00 24.14 ? 130 ARG A NH2 1 
ATOM   1017 N N   . ALA A 1 131 ? -9.637  -6.367  -12.370 1.00 21.10 ? 131 ALA A N   1 
ATOM   1018 C CA  . ALA A 1 131 ? -9.001  -7.421  -13.179 1.00 21.81 ? 131 ALA A CA  1 
ATOM   1019 C C   . ALA A 1 131 ? -9.804  -7.975  -14.370 1.00 22.62 ? 131 ALA A C   1 
ATOM   1020 O O   . ALA A 1 131 ? -11.045 -7.917  -14.382 1.00 24.03 ? 131 ALA A O   1 
ATOM   1021 C CB  . ALA A 1 131 ? -8.498  -8.541  -12.288 1.00 22.03 ? 131 ALA A CB  1 
HETATM 1022 O O1  . 8CA B 2 .   ? 1.468   -2.542  -3.817  1.00 31.70 ? 501 8CA A O1  1 
HETATM 1023 C C7  . 8CA B 2 .   ? 1.858   -1.398  -3.989  1.00 28.43 ? 501 8CA A C7  1 
HETATM 1024 O O2  . 8CA B 2 .   ? 1.429   -0.770  -5.083  1.00 29.19 ? 501 8CA A O2  1 
HETATM 1025 C C1  . 8CA B 2 .   ? 2.650   -0.713  -2.919  1.00 24.58 ? 501 8CA A C1  1 
HETATM 1026 C C2  . 8CA B 2 .   ? 2.063   0.395   -2.331  1.00 25.05 ? 501 8CA A C2  1 
HETATM 1027 C C3  . 8CA B 2 .   ? 2.679   1.117   -1.314  1.00 25.42 ? 501 8CA A C3  1 
HETATM 1028 C C4  . 8CA B 2 .   ? 3.929   0.798   -0.789  1.00 23.95 ? 501 8CA A C4  1 
HETATM 1029 C C5  . 8CA B 2 .   ? 4.595   -0.302  -1.299  1.00 22.91 ? 501 8CA A C5  1 
HETATM 1030 C C8  . 8CA B 2 .   ? 5.894   -0.935  -1.034  1.00 22.72 ? 501 8CA A C8  1 
HETATM 1031 C C13 . 8CA B 2 .   ? 6.939   -0.573  -0.015  1.00 19.21 ? 501 8CA A C13 1 
HETATM 1032 C C12 . 8CA B 2 .   ? 8.195   -1.403  -0.243  1.00 21.04 ? 501 8CA A C12 1 
HETATM 1033 C C11 . 8CA B 2 .   ? 7.993   -2.832  -0.752  1.00 22.39 ? 501 8CA A C11 1 
HETATM 1034 C C10 . 8CA B 2 .   ? 7.146   -2.979  -2.028  1.00 22.30 ? 501 8CA A C10 1 
HETATM 1035 C C9  . 8CA B 2 .   ? 5.942   -2.068  -1.991  1.00 24.51 ? 501 8CA A C9  1 
HETATM 1036 N N1  . 8CA B 2 .   ? 4.796   -2.125  -2.743  1.00 24.62 ? 501 8CA A N1  1 
HETATM 1037 C C6  . 8CA B 2 .   ? 3.986   -1.111  -2.385  1.00 24.20 ? 501 8CA A C6  1 
HETATM 1038 C C20 . 8CA B 2 .   ? 4.553   -3.079  -3.825  1.00 25.16 ? 501 8CA A C20 1 
HETATM 1039 C C19 . 8CA B 2 .   ? 4.272   -4.517  -3.503  1.00 25.93 ? 501 8CA A C19 1 
HETATM 1040 C C18 . 8CA B 2 .   ? 4.069   -4.931  -2.200  1.00 26.16 ? 501 8CA A C18 1 
HETATM 1041 C C17 . 8CA B 2 .   ? 3.819   -6.281  -1.947  1.00 27.95 ? 501 8CA A C17 1 
HETATM 1042 C C16 . 8CA B 2 .   ? 3.749   -7.190  -3.002  1.00 25.21 ? 501 8CA A C16 1 
HETATM 1043 C C15 . 8CA B 2 .   ? 3.956   -6.762  -4.311  1.00 27.69 ? 501 8CA A C15 1 
HETATM 1044 C C14 . 8CA B 2 .   ? 4.215   -5.417  -4.565  1.00 26.05 ? 501 8CA A C14 1 
HETATM 1045 O O   . HOH C 3 .   ? 6.237   -7.455  13.949  1.00 25.26 ? 132 HOH A O   1 
HETATM 1046 O O   . HOH C 3 .   ? 10.830  -12.300 -1.300  1.00 37.29 ? 133 HOH A O   1 
HETATM 1047 O O   . HOH C 3 .   ? 5.654   -3.668  15.957  1.00 50.60 ? 134 HOH A O   1 
HETATM 1048 O O   . HOH C 3 .   ? 6.314   -4.955  13.325  1.00 18.46 ? 135 HOH A O   1 
HETATM 1049 O O   . HOH C 3 .   ? 12.651  -0.252  -8.524  1.00 8.36  ? 136 HOH A O   1 
HETATM 1050 O O   . HOH C 3 .   ? 13.338  -2.874  -11.461 1.00 18.03 ? 137 HOH A O   1 
HETATM 1051 O O   . HOH C 3 .   ? 11.757  6.400   -9.138  1.00 22.89 ? 138 HOH A O   1 
HETATM 1052 O O   . HOH C 3 .   ? -17.793 -3.140  -11.534 1.00 30.33 ? 139 HOH A O   1 
HETATM 1053 O O   . HOH C 3 .   ? 8.400   -8.585  12.771  1.00 44.64 ? 140 HOH A O   1 
HETATM 1054 O O   . HOH C 3 .   ? 15.391  -8.427  -11.071 1.00 36.28 ? 141 HOH A O   1 
HETATM 1055 O O   . HOH C 3 .   ? 12.184  -12.048 3.977   1.00 24.74 ? 142 HOH A O   1 
HETATM 1056 O O   . HOH C 3 .   ? 12.784  -9.913  0.422   1.00 32.46 ? 143 HOH A O   1 
HETATM 1057 O O   . HOH C 3 .   ? 7.852   0.420   15.375  1.00 20.25 ? 144 HOH A O   1 
HETATM 1058 O O   . HOH C 3 .   ? 7.896   7.511   13.655  1.00 27.18 ? 145 HOH A O   1 
HETATM 1059 O O   . HOH C 3 .   ? 12.741  12.823  -5.940  1.00 21.45 ? 146 HOH A O   1 
HETATM 1060 O O   . HOH C 3 .   ? 9.727   10.234  7.769   1.00 18.81 ? 147 HOH A O   1 
HETATM 1061 O O   . HOH C 3 .   ? 8.865   5.086   15.142  1.00 27.11 ? 148 HOH A O   1 
HETATM 1062 O O   . HOH C 3 .   ? 14.507  -6.060  1.342   1.00 29.34 ? 149 HOH A O   1 
HETATM 1063 O O   . HOH C 3 .   ? 17.052  -8.350  -7.134  1.00 37.28 ? 150 HOH A O   1 
HETATM 1064 O O   . HOH C 3 .   ? -17.306 -5.528  -10.286 1.00 22.70 ? 151 HOH A O   1 
HETATM 1065 O O   . HOH C 3 .   ? 13.059  13.790  0.359   1.00 35.08 ? 152 HOH A O   1 
HETATM 1066 O O   . HOH C 3 .   ? 15.842  6.665   -7.721  1.00 25.85 ? 153 HOH A O   1 
HETATM 1067 O O   . HOH C 3 .   ? 13.323  17.120  -2.160  1.00 22.68 ? 154 HOH A O   1 
HETATM 1068 O O   . HOH C 3 .   ? 11.281  -1.588  13.584  1.00 17.71 ? 155 HOH A O   1 
HETATM 1069 O O   . HOH C 3 .   ? 10.857  1.071   14.997  1.00 20.87 ? 156 HOH A O   1 
HETATM 1070 O O   . HOH C 3 .   ? 15.453  -7.682  2.456   1.00 37.82 ? 157 HOH A O   1 
HETATM 1071 O O   . HOH C 3 .   ? 14.284  -2.189  3.682   1.00 13.09 ? 158 HOH A O   1 
HETATM 1072 O O   . HOH C 3 .   ? 11.385  14.290  7.351   1.00 29.93 ? 159 HOH A O   1 
HETATM 1073 O O   . HOH C 3 .   ? 13.727  -7.451  9.014   1.00 23.89 ? 160 HOH A O   1 
HETATM 1074 O O   . HOH C 3 .   ? 14.302  -3.666  5.642   1.00 11.11 ? 161 HOH A O   1 
HETATM 1075 O O   . HOH C 3 .   ? 15.417  -3.591  1.981   1.00 26.67 ? 162 HOH A O   1 
HETATM 1076 O O   . HOH C 3 .   ? 14.152  15.235  1.084   1.00 16.93 ? 163 HOH A O   1 
HETATM 1077 O O   . HOH C 3 .   ? 18.208  6.671   -8.120  1.00 22.75 ? 164 HOH A O   1 
HETATM 1078 O O   . HOH C 3 .   ? 16.843  10.847  -6.385  1.00 30.30 ? 165 HOH A O   1 
HETATM 1079 O O   . HOH C 3 .   ? 15.572  -2.308  13.226  1.00 31.25 ? 166 HOH A O   1 
HETATM 1080 O O   . HOH C 3 .   ? 19.516  8.657   -6.452  1.00 28.16 ? 167 HOH A O   1 
HETATM 1081 O O   . HOH C 3 .   ? -17.355 -5.305  -7.827  1.00 7.64  ? 168 HOH A O   1 
HETATM 1082 O O   . HOH C 3 .   ? 21.218  -4.475  -2.337  1.00 24.85 ? 169 HOH A O   1 
HETATM 1083 O O   . HOH C 3 .   ? -17.785 -2.823  -6.766  1.00 9.97  ? 170 HOH A O   1 
HETATM 1084 O O   . HOH C 3 .   ? 16.267  -6.233  8.308   1.00 19.91 ? 171 HOH A O   1 
HETATM 1085 O O   . HOH C 3 .   ? -15.087 -9.753  -11.814 1.00 28.31 ? 172 HOH A O   1 
HETATM 1086 O O   . HOH C 3 .   ? -16.303 5.327   -8.836  1.00 35.87 ? 173 HOH A O   1 
HETATM 1087 O O   . HOH C 3 .   ? -18.109 5.686   -2.919  1.00 37.29 ? 174 HOH A O   1 
HETATM 1088 O O   . HOH C 3 .   ? -19.576 1.236   6.338   1.00 19.01 ? 175 HOH A O   1 
HETATM 1089 O O   . HOH C 3 .   ? -16.094 -2.166  -5.169  1.00 16.52 ? 176 HOH A O   1 
HETATM 1090 O O   . HOH C 3 .   ? -19.214 4.447   6.724   1.00 30.18 ? 177 HOH A O   1 
HETATM 1091 O O   . HOH C 3 .   ? -15.802 6.166   -3.097  1.00 35.19 ? 178 HOH A O   1 
HETATM 1092 O O   . HOH C 3 .   ? -13.067 -6.725  -8.458  1.00 21.10 ? 179 HOH A O   1 
HETATM 1093 O O   . HOH C 3 .   ? -11.760 -6.776  -13.030 1.00 26.04 ? 180 HOH A O   1 
HETATM 1094 O O   . HOH C 3 .   ? -9.882  -5.291  -17.823 1.00 14.89 ? 181 HOH A O   1 
HETATM 1095 O O   . HOH C 3 .   ? -13.269 11.893  -11.614 1.00 33.02 ? 182 HOH A O   1 
HETATM 1096 O O   . HOH C 3 .   ? -16.108 4.931   1.902   1.00 41.33 ? 183 HOH A O   1 
HETATM 1097 O O   . HOH C 3 .   ? -11.274 -0.779  -13.537 1.00 13.79 ? 184 HOH A O   1 
HETATM 1098 O O   . HOH C 3 .   ? -12.021 -9.383  -5.497  1.00 17.15 ? 185 HOH A O   1 
HETATM 1099 O O   . HOH C 3 .   ? -11.523 -11.849 -1.838  1.00 10.22 ? 186 HOH A O   1 
HETATM 1100 O O   . HOH C 3 .   ? -16.407 1.713   8.545   1.00 43.51 ? 187 HOH A O   1 
HETATM 1101 O O   . HOH C 3 .   ? -15.447 0.254   6.386   1.00 29.04 ? 188 HOH A O   1 
HETATM 1102 O O   . HOH C 3 .   ? -12.406 -8.634  -2.575  1.00 17.90 ? 189 HOH A O   1 
HETATM 1103 O O   . HOH C 3 .   ? -13.817 8.164   -4.071  1.00 13.00 ? 190 HOH A O   1 
HETATM 1104 O O   . HOH C 3 .   ? -9.989  0.378   -16.163 1.00 23.71 ? 191 HOH A O   1 
HETATM 1105 O O   . HOH C 3 .   ? -15.615 -9.732  11.238  1.00 26.95 ? 192 HOH A O   1 
HETATM 1106 O O   . HOH C 3 .   ? -14.988 -1.393  8.305   1.00 21.01 ? 193 HOH A O   1 
HETATM 1107 O O   . HOH C 3 .   ? -12.520 13.382  -7.473  1.00 33.47 ? 194 HOH A O   1 
HETATM 1108 O O   . HOH C 3 .   ? 14.525  12.829  -7.553  1.00 23.93 ? 195 HOH A O   1 
HETATM 1109 O O   . HOH C 3 .   ? -10.146 -13.049 -4.035  1.00 48.58 ? 196 HOH A O   1 
HETATM 1110 O O   . HOH C 3 .   ? -9.371  -12.366 -6.741  1.00 38.15 ? 197 HOH A O   1 
HETATM 1111 O O   . HOH C 3 .   ? -14.940 12.463  8.485   1.00 26.59 ? 198 HOH A O   1 
HETATM 1112 O O   . HOH C 3 .   ? -11.523 -8.812  6.527   1.00 14.92 ? 199 HOH A O   1 
HETATM 1113 O O   . HOH C 3 .   ? -9.937  -13.957 1.672   1.00 14.89 ? 200 HOH A O   1 
HETATM 1114 O O   . HOH C 3 .   ? -9.590  -11.949 0.021   1.00 17.99 ? 201 HOH A O   1 
HETATM 1115 O O   . HOH C 3 .   ? -7.199  -16.395 -5.737  1.00 16.91 ? 202 HOH A O   1 
HETATM 1116 O O   . HOH C 3 .   ? -12.928 -0.841  10.574  1.00 20.00 ? 203 HOH A O   1 
HETATM 1117 O O   . HOH C 3 .   ? -7.964  -13.811 -2.168  1.00 21.77 ? 204 HOH A O   1 
HETATM 1118 O O   . HOH C 3 .   ? -10.318 10.252  -3.354  1.00 39.89 ? 205 HOH A O   1 
HETATM 1119 O O   . HOH C 3 .   ? -5.338  3.632   -16.627 1.00 26.07 ? 206 HOH A O   1 
HETATM 1120 O O   . HOH C 3 .   ? -13.188 1.299   13.934  1.00 12.99 ? 207 HOH A O   1 
HETATM 1121 O O   . HOH C 3 .   ? -13.383 3.304   13.675  1.00 13.86 ? 208 HOH A O   1 
HETATM 1122 O O   . HOH C 3 .   ? -8.809  -9.519  0.717   1.00 10.45 ? 209 HOH A O   1 
HETATM 1123 O O   . HOH C 3 .   ? -3.597  -10.295 -19.031 1.00 30.52 ? 210 HOH A O   1 
HETATM 1124 O O   . HOH C 3 .   ? -9.062  -12.182 6.159   1.00 13.69 ? 211 HOH A O   1 
HETATM 1125 O O   . HOH C 3 .   ? -5.601  -15.255 -6.267  1.00 31.18 ? 212 HOH A O   1 
HETATM 1126 O O   . HOH C 3 .   ? -11.453 5.995   10.262  1.00 17.83 ? 213 HOH A O   1 
HETATM 1127 O O   . HOH C 3 .   ? -11.511 9.729   8.809   1.00 21.34 ? 214 HOH A O   1 
HETATM 1128 O O   . HOH C 3 .   ? -6.900  -14.106 5.406   1.00 8.10  ? 215 HOH A O   1 
HETATM 1129 O O   . HOH C 3 .   ? -7.772  13.267  -0.094  1.00 42.60 ? 216 HOH A O   1 
HETATM 1130 O O   . HOH C 3 .   ? -6.750  12.112  -5.612  1.00 45.29 ? 217 HOH A O   1 
HETATM 1131 O O   . HOH C 3 .   ? -6.867  14.869  -4.145  1.00 48.55 ? 218 HOH A O   1 
HETATM 1132 O O   . HOH C 3 .   ? -4.928  10.530  -12.201 1.00 37.06 ? 219 HOH A O   1 
HETATM 1133 O O   . HOH C 3 .   ? 11.171  -1.231  -12.366 1.00 21.57 ? 220 HOH A O   1 
HETATM 1134 O O   . HOH C 3 .   ? -11.070 -1.997  17.566  1.00 23.85 ? 221 HOH A O   1 
HETATM 1135 O O   . HOH C 3 .   ? -10.629 1.148   16.194  1.00 15.96 ? 222 HOH A O   1 
HETATM 1136 O O   . HOH C 3 .   ? -3.451  -12.562 -6.975  1.00 26.57 ? 223 HOH A O   1 
HETATM 1137 O O   . HOH C 3 .   ? -2.684  4.854   -15.153 1.00 25.25 ? 224 HOH A O   1 
HETATM 1138 O O   . HOH C 3 .   ? -2.395  -16.191 -5.570  1.00 35.20 ? 225 HOH A O   1 
HETATM 1139 O O   . HOH C 3 .   ? -2.622  8.941   -14.292 1.00 43.37 ? 226 HOH A O   1 
HETATM 1140 O O   . HOH C 3 .   ? 0.710   -8.312  -16.488 1.00 25.28 ? 227 HOH A O   1 
HETATM 1141 O O   . HOH C 3 .   ? -0.338  -3.661  -15.912 1.00 26.72 ? 228 HOH A O   1 
HETATM 1142 O O   . HOH C 3 .   ? -0.243  -1.326  -17.523 1.00 16.87 ? 229 HOH A O   1 
HETATM 1143 O O   . HOH C 3 .   ? -4.260  11.589  -7.103  1.00 44.78 ? 230 HOH A O   1 
HETATM 1144 O O   . HOH C 3 .   ? -5.181  -11.327 7.480   1.00 14.14 ? 231 HOH A O   1 
HETATM 1145 O O   . HOH C 3 .   ? -4.110  3.442   2.226   1.00 11.64 ? 232 HOH A O   1 
HETATM 1146 O O   . HOH C 3 .   ? 0.823   -10.692 -10.072 1.00 24.21 ? 233 HOH A O   1 
HETATM 1147 O O   . HOH C 3 .   ? -0.109  8.583   -14.435 1.00 22.71 ? 234 HOH A O   1 
HETATM 1148 O O   . HOH C 3 .   ? -6.094  -3.033  13.423  1.00 10.17 ? 235 HOH A O   1 
HETATM 1149 O O   . HOH C 3 .   ? -5.573  0.553   11.544  1.00 8.56  ? 236 HOH A O   1 
HETATM 1150 O O   . HOH C 3 .   ? 1.370   -13.782 -8.375  1.00 26.21 ? 237 HOH A O   1 
HETATM 1151 O O   . HOH C 3 .   ? -5.822  11.154  7.701   1.00 31.73 ? 238 HOH A O   1 
HETATM 1152 O O   . HOH C 3 .   ? -4.615  -5.972  12.662  1.00 29.94 ? 239 HOH A O   1 
HETATM 1153 O O   . HOH C 3 .   ? 1.387   -14.682 -6.179  1.00 28.30 ? 240 HOH A O   1 
HETATM 1154 O O   . HOH C 3 .   ? -3.723  -8.500  11.634  1.00 29.12 ? 241 HOH A O   1 
HETATM 1155 O O   . HOH C 3 .   ? -5.963  6.155   14.987  1.00 19.18 ? 242 HOH A O   1 
HETATM 1156 O O   . HOH C 3 .   ? -1.466  -3.374  2.330   1.00 35.08 ? 243 HOH A O   1 
HETATM 1157 O O   . HOH C 3 .   ? -0.106  -4.308  -4.136  1.00 15.40 ? 244 HOH A O   1 
HETATM 1158 O O   . HOH C 3 .   ? -2.093  14.239  -2.886  1.00 26.70 ? 245 HOH A O   1 
HETATM 1159 O O   . HOH C 3 .   ? 1.138   5.817   -12.353 1.00 23.15 ? 246 HOH A O   1 
HETATM 1160 O O   . HOH C 3 .   ? 2.554   5.903   -16.238 1.00 22.41 ? 247 HOH A O   1 
HETATM 1161 O O   . HOH C 3 .   ? -2.262  -8.450  9.436   1.00 14.09 ? 248 HOH A O   1 
HETATM 1162 O O   . HOH C 3 .   ? 3.305   -11.278 -10.459 1.00 21.86 ? 249 HOH A O   1 
HETATM 1163 O O   . HOH C 3 .   ? 3.102   -0.120  -14.356 1.00 21.60 ? 250 HOH A O   1 
HETATM 1164 O O   . HOH C 3 .   ? 3.559   3.552   -15.537 1.00 19.14 ? 251 HOH A O   1 
HETATM 1165 O O   . HOH C 3 .   ? 3.562   -16.549 -0.828  1.00 13.88 ? 252 HOH A O   1 
HETATM 1166 O O   . HOH C 3 .   ? -0.251  -0.959  1.975   1.00 27.42 ? 253 HOH A O   1 
HETATM 1167 O O   . HOH C 3 .   ? 4.166   -9.788  -13.012 1.00 26.49 ? 254 HOH A O   1 
HETATM 1168 O O   . HOH C 3 .   ? 1.304   -3.131  -0.616  1.00 20.69 ? 255 HOH A O   1 
HETATM 1169 O O   . HOH C 3 .   ? 5.952   -7.575  -15.603 1.00 50.61 ? 256 HOH A O   1 
HETATM 1170 O O   . HOH C 3 .   ? -0.974  13.568  0.606   1.00 20.11 ? 257 HOH A O   1 
HETATM 1171 O O   . HOH C 3 .   ? -3.375  -4.545  17.274  1.00 20.51 ? 258 HOH A O   1 
HETATM 1172 O O   . HOH C 3 .   ? 0.702   -3.529  3.301   1.00 18.92 ? 259 HOH A O   1 
HETATM 1173 O O   . HOH C 3 .   ? 4.857   -0.474  -13.090 1.00 19.54 ? 260 HOH A O   1 
HETATM 1174 O O   . HOH C 3 .   ? 3.315   11.008  -8.490  1.00 20.00 ? 261 HOH A O   1 
HETATM 1175 O O   . HOH C 3 .   ? 0.549   -8.131  10.232  1.00 19.07 ? 262 HOH A O   1 
HETATM 1176 O O   . HOH C 3 .   ? 2.723   -5.331  0.512   1.00 18.56 ? 263 HOH A O   1 
HETATM 1177 O O   . HOH C 3 .   ? 2.626   -0.771  1.167   1.00 21.54 ? 264 HOH A O   1 
HETATM 1178 O O   . HOH C 3 .   ? 1.926   -7.791  6.202   1.00 19.88 ? 265 HOH A O   1 
HETATM 1179 O O   . HOH C 3 .   ? 7.029   -10.118 -9.788  1.00 16.62 ? 266 HOH A O   1 
HETATM 1180 O O   . HOH C 3 .   ? 5.613   -2.600  -8.644  1.00 23.28 ? 267 HOH A O   1 
HETATM 1181 O O   . HOH C 3 .   ? 7.951   -8.872  -14.467 1.00 33.05 ? 268 HOH A O   1 
HETATM 1182 O O   . HOH C 3 .   ? 2.649   -5.456  4.412   1.00 21.62 ? 269 HOH A O   1 
HETATM 1183 O O   . HOH C 3 .   ? 6.070   -0.383  -10.427 1.00 20.30 ? 270 HOH A O   1 
HETATM 1184 O O   . HOH C 3 .   ? 2.593   -8.353  8.824   1.00 11.51 ? 271 HOH A O   1 
HETATM 1185 O O   . HOH C 3 .   ? 1.629   -8.364  16.701  1.00 19.80 ? 272 HOH A O   1 
HETATM 1186 O O   . HOH C 3 .   ? 4.188   -1.281  2.560   1.00 18.49 ? 273 HOH A O   1 
HETATM 1187 O O   . HOH C 3 .   ? 7.236   3.733   -10.744 1.00 15.13 ? 274 HOH A O   1 
HETATM 1188 O O   . HOH C 3 .   ? 0.470   -0.169  18.858  1.00 19.73 ? 275 HOH A O   1 
HETATM 1189 O O   . HOH C 3 .   ? 4.857   -9.263  5.772   1.00 21.59 ? 276 HOH A O   1 
HETATM 1190 O O   . HOH C 3 .   ? 5.004   -3.855  2.203   1.00 32.18 ? 277 HOH A O   1 
HETATM 1191 O O   . HOH C 3 .   ? 9.193   -8.659  -10.086 1.00 16.09 ? 278 HOH A O   1 
HETATM 1192 O O   . HOH C 3 .   ? 9.592   -1.672  -13.942 1.00 40.80 ? 279 HOH A O   1 
HETATM 1193 O O   . HOH C 3 .   ? 5.423   1.793   2.360   1.00 7.29  ? 280 HOH A O   1 
HETATM 1194 O O   . HOH C 3 .   ? 9.017   1.409   -10.843 1.00 20.92 ? 281 HOH A O   1 
HETATM 1195 O O   . HOH C 3 .   ? 7.033   13.913  -7.369  1.00 46.15 ? 282 HOH A O   1 
HETATM 1196 O O   . HOH C 3 .   ? 4.696   10.827  4.399   1.00 46.70 ? 283 HOH A O   1 
HETATM 1197 O O   . HOH C 3 .   ? 11.427  1.071   -10.823 1.00 13.78 ? 284 HOH A O   1 
HETATM 1198 O O   . HOH C 3 .   ? 5.474   -7.388  16.543  1.00 31.99 ? 285 HOH A O   1 
# 
